data_1N7G
#
_entry.id   1N7G
#
_cell.length_a   113.180
_cell.length_b   119.010
_cell.length_c   118.890
_cell.angle_alpha   90.00
_cell.angle_beta   90.00
_cell.angle_gamma   90.00
#
_symmetry.space_group_name_H-M   'P 21 21 21'
#
loop_
_entity.id
_entity.type
_entity.pdbx_description
1 polymer GDP-D-mannose-4,6-dehydratase
2 non-polymer 'NADPH DIHYDRO-NICOTINAMIDE-ADENINE-DINUCLEOTIDE PHOSPHATE'
3 non-polymer "GUANOSINE-5'-DIPHOSPHATE-RHAMNOSE"
4 water water
#
_entity_poly.entity_id   1
_entity_poly.type   'polypeptide(L)'
_entity_poly.pdbx_seq_one_letter_code
;MASENNGSRSDSESITAPKADSTVVEPRKIALITGITGQDGSYLTEFLLGKGYEVHGLIRRSSNFNTQRINHIYIDPHNV
NKALMKLHYADLTDASSLRRWIDVIKPDEVYNLAAQSHVAVSFEIPDYTADVVATGALRLLEAVRSHTIDSGRTVKYYQA
GSSEMFGSTPPPQSETTPFHPRSPYAASKCAAHWYTVNYREAYGLFACNGILFNHESPRRGENFVTRKITRALGRIKVGL
QTKLFLGNLQASRDWGFAGDYVEAMWLMLQQEKPDDYVVATEEGHTVEEFLDVSFGYLGLNWKDYVEIDQRYFRPAEVDN
LQGDASKAKEVLGWKPQVGFEKLVKMMVDEDLELAKREKVLVDAGYMDAKQQPLEHHHHHH
;
_entity_poly.pdbx_strand_id   A,B,C,D
#
# COMPACT_ATOMS: atom_id res chain seq x y z
N ARG A 28 7.78 12.84 -33.58
CA ARG A 28 6.48 12.23 -33.17
C ARG A 28 6.25 12.40 -31.66
N LYS A 29 5.21 13.14 -31.30
CA LYS A 29 4.90 13.36 -29.88
C LYS A 29 4.43 12.07 -29.23
N ILE A 30 4.82 11.88 -27.97
CA ILE A 30 4.44 10.69 -27.23
C ILE A 30 3.61 11.02 -26.00
N ALA A 31 2.46 10.36 -25.90
CA ALA A 31 1.58 10.57 -24.75
C ALA A 31 1.40 9.29 -23.95
N LEU A 32 1.42 9.42 -22.63
CA LEU A 32 1.21 8.29 -21.74
C LEU A 32 -0.10 8.60 -21.03
N ILE A 33 -1.08 7.72 -21.17
CA ILE A 33 -2.37 7.93 -20.54
C ILE A 33 -2.69 6.84 -19.52
N THR A 34 -2.96 7.24 -18.27
CA THR A 34 -3.36 6.27 -17.25
C THR A 34 -4.88 6.31 -17.36
N GLY A 35 -5.55 5.18 -17.16
CA GLY A 35 -6.99 5.17 -17.26
C GLY A 35 -7.46 5.26 -18.69
N ILE A 36 -6.68 4.69 -19.60
CA ILE A 36 -7.00 4.72 -21.01
C ILE A 36 -8.24 3.90 -21.37
N THR A 37 -8.55 2.88 -20.56
CA THR A 37 -9.73 2.05 -20.83
C THR A 37 -11.05 2.70 -20.41
N GLY A 38 -10.97 3.82 -19.71
CA GLY A 38 -12.17 4.50 -19.27
C GLY A 38 -12.79 5.36 -20.36
N GLN A 39 -13.91 6.02 -20.05
CA GLN A 39 -14.56 6.88 -21.02
C GLN A 39 -13.64 7.95 -21.59
N ASP A 40 -13.11 8.80 -20.73
CA ASP A 40 -12.24 9.87 -21.16
C ASP A 40 -10.99 9.36 -21.89
N GLY A 41 -10.40 8.30 -21.35
CA GLY A 41 -9.22 7.73 -21.97
C GLY A 41 -9.42 7.33 -23.41
N SER A 42 -10.59 6.76 -23.71
CA SER A 42 -10.90 6.31 -25.06
C SER A 42 -11.06 7.47 -26.04
N TYR A 43 -11.61 8.59 -25.56
CA TYR A 43 -11.77 9.77 -26.40
C TYR A 43 -10.44 10.51 -26.57
N LEU A 44 -9.69 10.61 -25.49
CA LEU A 44 -8.39 11.30 -25.53
C LEU A 44 -7.45 10.55 -26.45
N THR A 45 -7.54 9.23 -26.45
CA THR A 45 -6.70 8.40 -27.30
C THR A 45 -6.99 8.73 -28.77
N GLU A 46 -8.27 8.70 -29.13
CA GLU A 46 -8.65 9.03 -30.50
C GLU A 46 -8.21 10.43 -30.87
N PHE A 47 -8.44 11.39 -29.97
CA PHE A 47 -8.06 12.78 -30.21
C PHE A 47 -6.56 12.96 -30.49
N LEU A 48 -5.73 12.31 -29.69
CA LEU A 48 -4.29 12.41 -29.83
C LEU A 48 -3.77 11.63 -31.04
N LEU A 49 -4.36 10.47 -31.31
CA LEU A 49 -3.95 9.70 -32.47
C LEU A 49 -4.23 10.55 -33.70
N GLY A 50 -5.37 11.23 -33.69
CA GLY A 50 -5.74 12.08 -34.81
C GLY A 50 -4.78 13.25 -34.95
N LYS A 51 -4.03 13.52 -33.88
CA LYS A 51 -3.06 14.60 -33.86
C LYS A 51 -1.66 14.11 -34.23
N GLY A 52 -1.57 12.86 -34.65
CA GLY A 52 -0.28 12.30 -35.03
C GLY A 52 0.57 11.85 -33.85
N TYR A 53 -0.05 11.60 -32.71
CA TYR A 53 0.68 11.14 -31.53
C TYR A 53 0.90 9.64 -31.52
N GLU A 54 1.88 9.22 -30.72
CA GLU A 54 2.17 7.82 -30.50
C GLU A 54 1.56 7.74 -29.10
N VAL A 55 0.52 6.94 -28.94
CA VAL A 55 -0.14 6.84 -27.64
C VAL A 55 0.10 5.54 -26.91
N HIS A 56 0.47 5.68 -25.65
CA HIS A 56 0.70 4.56 -24.76
C HIS A 56 -0.31 4.68 -23.63
N GLY A 57 -0.88 3.55 -23.23
CA GLY A 57 -1.85 3.57 -22.16
C GLY A 57 -1.56 2.48 -21.14
N LEU A 58 -1.79 2.79 -19.86
CA LEU A 58 -1.56 1.81 -18.81
C LEU A 58 -2.91 1.16 -18.52
N ILE A 59 -2.94 -0.17 -18.49
CA ILE A 59 -4.17 -0.89 -18.21
C ILE A 59 -3.98 -1.89 -17.07
N ARG A 60 -5.07 -2.21 -16.40
CA ARG A 60 -5.04 -3.18 -15.32
C ARG A 60 -5.28 -4.58 -15.86
N ARG A 61 -4.60 -5.56 -15.28
CA ARG A 61 -4.82 -6.94 -15.69
C ARG A 61 -6.19 -7.30 -15.10
N SER A 62 -7.00 -8.03 -15.86
CA SER A 62 -8.30 -8.42 -15.34
C SER A 62 -8.63 -9.82 -15.83
N SER A 63 -9.57 -10.47 -15.16
CA SER A 63 -9.96 -11.82 -15.52
C SER A 63 -10.85 -11.83 -16.75
N ASN A 64 -11.32 -10.65 -17.16
CA ASN A 64 -12.18 -10.52 -18.32
C ASN A 64 -11.69 -9.43 -19.26
N PHE A 65 -12.29 -9.39 -20.44
CA PHE A 65 -12.00 -8.40 -21.46
C PHE A 65 -12.26 -7.03 -20.81
N ASN A 66 -11.27 -6.14 -20.82
CA ASN A 66 -11.47 -4.83 -20.20
C ASN A 66 -11.15 -3.66 -21.13
N THR A 67 -10.96 -3.95 -22.40
CA THR A 67 -10.64 -2.90 -23.37
C THR A 67 -11.78 -2.66 -24.36
N GLN A 68 -13.01 -2.88 -23.92
CA GLN A 68 -14.18 -2.69 -24.78
C GLN A 68 -14.26 -1.32 -25.43
N ARG A 69 -13.80 -0.27 -24.74
CA ARG A 69 -13.87 1.08 -25.28
C ARG A 69 -12.79 1.47 -26.29
N ILE A 70 -11.67 0.75 -26.29
CA ILE A 70 -10.58 1.09 -27.19
C ILE A 70 -10.18 -0.02 -28.15
N ASN A 71 -10.93 -1.12 -28.17
CA ASN A 71 -10.63 -2.24 -29.04
C ASN A 71 -10.61 -1.84 -30.52
N HIS A 72 -11.57 -1.01 -30.92
CA HIS A 72 -11.67 -0.56 -32.30
C HIS A 72 -10.51 0.33 -32.73
N ILE A 73 -9.58 0.60 -31.82
CA ILE A 73 -8.43 1.43 -32.12
C ILE A 73 -7.16 0.58 -32.15
N TYR A 74 -6.99 -0.22 -31.10
CA TYR A 74 -5.83 -1.10 -30.94
C TYR A 74 -5.61 -1.99 -32.15
N LYS A 82 -2.14 2.00 -37.22
CA LYS A 82 -2.38 0.65 -36.72
C LYS A 82 -1.16 0.10 -36.00
N ALA A 83 -0.51 0.95 -35.21
CA ALA A 83 0.69 0.57 -34.44
C ALA A 83 1.18 1.77 -33.63
N LEU A 84 0.30 2.76 -33.47
CA LEU A 84 0.61 3.97 -32.74
C LEU A 84 0.00 3.97 -31.35
N MET A 85 -0.74 2.91 -31.03
CA MET A 85 -1.37 2.78 -29.72
C MET A 85 -0.83 1.53 -29.02
N LYS A 86 -0.13 1.74 -27.91
CA LYS A 86 0.45 0.63 -27.15
C LYS A 86 -0.13 0.57 -25.73
N LEU A 87 -0.49 -0.63 -25.30
CA LEU A 87 -1.05 -0.84 -23.97
C LEU A 87 -0.06 -1.61 -23.10
N HIS A 88 0.15 -1.15 -21.87
CA HIS A 88 1.07 -1.78 -20.94
C HIS A 88 0.38 -2.02 -19.60
N TYR A 89 0.75 -3.10 -18.94
CA TYR A 89 0.18 -3.45 -17.64
C TYR A 89 0.83 -2.64 -16.54
N ALA A 90 -0.01 -2.05 -15.68
CA ALA A 90 0.46 -1.26 -14.55
C ALA A 90 -0.72 -1.00 -13.62
N ASP A 91 -0.45 -0.34 -12.49
CA ASP A 91 -1.51 -0.02 -11.54
C ASP A 91 -1.08 1.18 -10.71
N LEU A 92 -2.00 2.11 -10.47
CA LEU A 92 -1.70 3.31 -9.71
C LEU A 92 -1.31 3.04 -8.27
N THR A 93 -1.54 1.82 -7.80
CA THR A 93 -1.17 1.47 -6.43
C THR A 93 0.22 0.82 -6.43
N ASP A 94 0.83 0.75 -7.62
CA ASP A 94 2.16 0.15 -7.78
C ASP A 94 3.09 1.18 -8.42
N ALA A 95 3.81 1.90 -7.56
CA ALA A 95 4.74 2.92 -8.01
C ALA A 95 5.75 2.39 -9.01
N SER A 96 6.28 1.19 -8.75
CA SER A 96 7.26 0.57 -9.65
C SER A 96 6.71 0.49 -11.06
N SER A 97 5.51 -0.07 -11.19
CA SER A 97 4.88 -0.23 -12.49
C SER A 97 4.81 1.08 -13.24
N LEU A 98 4.55 2.17 -12.53
CA LEU A 98 4.45 3.47 -13.15
C LEU A 98 5.78 3.94 -13.74
N ARG A 99 6.76 4.10 -12.86
CA ARG A 99 8.08 4.55 -13.25
C ARG A 99 8.66 3.67 -14.36
N ARG A 100 8.41 2.38 -14.27
CA ARG A 100 8.91 1.42 -15.25
C ARG A 100 8.53 1.85 -16.66
N TRP A 101 7.24 2.02 -16.91
CA TRP A 101 6.79 2.41 -18.23
C TRP A 101 7.17 3.83 -18.62
N ILE A 102 7.34 4.71 -17.64
CA ILE A 102 7.72 6.07 -17.96
C ILE A 102 9.14 6.10 -18.50
N ASP A 103 10.01 5.25 -17.96
CA ASP A 103 11.39 5.17 -18.42
C ASP A 103 11.45 4.61 -19.84
N VAL A 104 10.81 3.46 -20.04
CA VAL A 104 10.78 2.81 -21.34
C VAL A 104 10.16 3.67 -22.44
N ILE A 105 9.05 4.31 -22.11
CA ILE A 105 8.32 5.13 -23.07
C ILE A 105 8.88 6.54 -23.26
N LYS A 106 9.37 7.15 -22.19
CA LYS A 106 9.91 8.50 -22.26
C LYS A 106 8.88 9.38 -22.94
N PRO A 107 7.68 9.49 -22.35
CA PRO A 107 6.60 10.30 -22.92
C PRO A 107 6.86 11.80 -22.77
N ASP A 108 6.25 12.59 -23.65
CA ASP A 108 6.38 14.05 -23.60
C ASP A 108 5.22 14.59 -22.78
N GLU A 109 4.09 13.91 -22.84
CA GLU A 109 2.90 14.31 -22.11
C GLU A 109 2.27 13.16 -21.32
N VAL A 110 1.94 13.41 -20.06
CA VAL A 110 1.32 12.40 -19.21
C VAL A 110 -0.07 12.84 -18.76
N TYR A 111 -1.06 12.02 -19.06
CA TYR A 111 -2.45 12.30 -18.68
C TYR A 111 -2.92 11.31 -17.62
N ASN A 112 -3.14 11.79 -16.40
CA ASN A 112 -3.59 10.93 -15.32
C ASN A 112 -5.11 10.91 -15.21
N LEU A 113 -5.74 9.97 -15.91
CA LEU A 113 -7.19 9.86 -15.86
C LEU A 113 -7.59 8.68 -14.99
N ALA A 114 -6.62 7.86 -14.60
CA ALA A 114 -6.87 6.67 -13.79
C ALA A 114 -7.50 6.98 -12.44
N ALA A 115 -8.56 6.25 -12.11
CA ALA A 115 -9.24 6.45 -10.85
C ALA A 115 -10.42 5.53 -10.62
N GLN A 116 -10.74 5.34 -9.34
CA GLN A 116 -11.92 4.59 -8.93
C GLN A 116 -12.81 5.84 -8.92
N SER A 117 -13.47 6.09 -10.04
CA SER A 117 -14.26 7.30 -10.20
C SER A 117 -15.70 7.33 -9.72
N HIS A 118 -16.22 6.25 -9.17
CA HIS A 118 -17.60 6.30 -8.71
C HIS A 118 -17.68 6.81 -7.27
N VAL A 119 -18.46 7.87 -7.10
CA VAL A 119 -18.65 8.51 -5.81
C VAL A 119 -19.35 7.62 -4.76
N ALA A 120 -20.42 6.95 -5.15
CA ALA A 120 -21.14 6.08 -4.21
C ALA A 120 -20.24 4.93 -3.79
N VAL A 121 -19.57 4.33 -4.77
CA VAL A 121 -18.67 3.22 -4.48
C VAL A 121 -17.56 3.67 -3.54
N SER A 122 -17.17 4.94 -3.60
CA SER A 122 -16.09 5.43 -2.74
C SER A 122 -16.44 5.38 -1.26
N PHE A 123 -17.73 5.42 -0.93
CA PHE A 123 -18.13 5.34 0.48
C PHE A 123 -17.96 3.90 0.99
N GLU A 124 -18.04 2.93 0.07
CA GLU A 124 -17.91 1.52 0.44
C GLU A 124 -16.46 1.07 0.48
N ILE A 125 -15.63 1.63 -0.39
CA ILE A 125 -14.21 1.28 -0.41
C ILE A 125 -13.38 2.55 -0.36
N PRO A 126 -13.47 3.29 0.75
CA PRO A 126 -12.73 4.55 0.93
C PRO A 126 -11.22 4.41 0.85
N ASP A 127 -10.66 3.41 1.54
CA ASP A 127 -9.22 3.22 1.54
C ASP A 127 -8.64 3.01 0.15
N TYR A 128 -9.18 2.05 -0.58
CA TYR A 128 -8.71 1.77 -1.93
C TYR A 128 -8.85 3.02 -2.81
N THR A 129 -10.02 3.65 -2.75
CA THR A 129 -10.28 4.83 -3.53
C THR A 129 -9.23 5.91 -3.26
N ALA A 130 -8.90 6.10 -2.00
CA ALA A 130 -7.91 7.10 -1.61
C ALA A 130 -6.53 6.74 -2.16
N ASP A 131 -6.14 5.48 -1.97
CA ASP A 131 -4.84 5.01 -2.43
C ASP A 131 -4.64 5.18 -3.94
N VAL A 132 -5.74 5.10 -4.68
CA VAL A 132 -5.69 5.24 -6.13
C VAL A 132 -5.83 6.69 -6.60
N VAL A 133 -6.88 7.34 -6.13
CA VAL A 133 -7.20 8.71 -6.52
C VAL A 133 -6.30 9.80 -5.95
N ALA A 134 -5.89 9.65 -4.70
CA ALA A 134 -5.02 10.64 -4.07
C ALA A 134 -3.55 10.24 -4.11
N THR A 135 -3.19 9.16 -3.41
CA THR A 135 -1.80 8.74 -3.37
C THR A 135 -1.33 8.25 -4.74
N GLY A 136 -2.24 7.65 -5.50
CA GLY A 136 -1.89 7.15 -6.82
C GLY A 136 -1.42 8.30 -7.70
N ALA A 137 -2.11 9.43 -7.59
CA ALA A 137 -1.77 10.63 -8.37
C ALA A 137 -0.40 11.12 -7.92
N LEU A 138 -0.14 11.05 -6.62
CA LEU A 138 1.15 11.48 -6.10
C LEU A 138 2.28 10.56 -6.59
N ARG A 139 2.00 9.26 -6.68
CA ARG A 139 3.02 8.31 -7.16
C ARG A 139 3.42 8.64 -8.58
N LEU A 140 2.45 8.94 -9.43
CA LEU A 140 2.72 9.26 -10.83
C LEU A 140 3.55 10.54 -10.92
N LEU A 141 3.16 11.56 -10.16
CA LEU A 141 3.87 12.83 -10.13
C LEU A 141 5.31 12.62 -9.68
N GLU A 142 5.50 11.78 -8.67
CA GLU A 142 6.83 11.51 -8.14
C GLU A 142 7.64 10.66 -9.12
N ALA A 143 6.96 9.81 -9.88
CA ALA A 143 7.64 8.96 -10.85
C ALA A 143 8.08 9.82 -12.03
N VAL A 144 7.25 10.79 -12.41
CA VAL A 144 7.58 11.69 -13.51
C VAL A 144 8.70 12.63 -13.10
N ARG A 145 8.66 13.12 -11.86
CA ARG A 145 9.69 14.02 -11.36
C ARG A 145 11.03 13.28 -11.29
N SER A 146 11.01 12.06 -10.78
CA SER A 146 12.22 11.26 -10.65
C SER A 146 12.77 10.94 -12.04
N HIS A 147 11.86 10.79 -12.99
CA HIS A 147 12.25 10.49 -14.36
C HIS A 147 12.96 11.68 -14.98
N THR A 148 12.32 12.85 -14.96
CA THR A 148 12.89 14.05 -15.55
C THR A 148 14.23 14.47 -14.93
N ILE A 149 14.43 14.13 -13.66
CA ILE A 149 15.66 14.49 -12.97
C ILE A 149 16.79 13.52 -13.30
N ASP A 150 16.43 12.25 -13.44
CA ASP A 150 17.40 11.19 -13.73
C ASP A 150 17.76 11.12 -15.21
N SER A 151 16.87 11.63 -16.07
CA SER A 151 17.09 11.59 -17.51
C SER A 151 17.31 12.96 -18.11
N GLY A 152 16.96 14.00 -17.38
CA GLY A 152 17.12 15.35 -17.88
C GLY A 152 16.03 15.75 -18.87
N ARG A 153 15.13 14.81 -19.17
CA ARG A 153 14.03 15.07 -20.08
C ARG A 153 12.96 15.96 -19.47
N THR A 154 12.06 16.45 -20.30
CA THR A 154 10.97 17.30 -19.85
C THR A 154 9.63 16.62 -20.13
N VAL A 155 8.68 16.75 -19.20
CA VAL A 155 7.37 16.12 -19.35
C VAL A 155 6.25 17.07 -18.92
N LYS A 156 5.17 17.12 -19.71
CA LYS A 156 4.03 17.95 -19.36
C LYS A 156 3.01 17.01 -18.70
N TYR A 157 2.43 17.46 -17.58
CA TYR A 157 1.53 16.62 -16.81
C TYR A 157 0.12 17.16 -16.66
N TYR A 158 -0.86 16.29 -16.85
CA TYR A 158 -2.26 16.65 -16.70
C TYR A 158 -2.92 15.82 -15.59
N GLN A 159 -3.57 16.50 -14.65
CA GLN A 159 -4.27 15.85 -13.55
C GLN A 159 -5.76 16.00 -13.77
N ALA A 160 -6.48 14.89 -13.74
CA ALA A 160 -7.93 14.90 -13.94
C ALA A 160 -8.70 15.29 -12.68
N GLY A 161 -8.78 16.59 -12.44
CA GLY A 161 -9.50 17.11 -11.29
C GLY A 161 -10.99 17.04 -11.59
N SER A 162 -11.80 17.24 -10.55
CA SER A 162 -13.24 17.16 -10.72
C SER A 162 -14.01 18.22 -9.96
N SER A 163 -15.19 18.57 -10.47
CA SER A 163 -16.05 19.56 -9.83
C SER A 163 -16.51 19.01 -8.49
N GLU A 164 -16.47 17.69 -8.36
CA GLU A 164 -16.86 17.04 -7.14
C GLU A 164 -16.04 17.60 -5.97
N MET A 165 -14.85 18.12 -6.27
CA MET A 165 -13.99 18.68 -5.23
C MET A 165 -14.66 19.85 -4.51
N PHE A 166 -15.47 20.60 -5.24
CA PHE A 166 -16.18 21.75 -4.68
C PHE A 166 -17.23 21.27 -3.69
N GLY A 167 -17.72 20.06 -3.90
CA GLY A 167 -18.71 19.50 -2.99
C GLY A 167 -19.93 20.38 -2.75
N SER A 168 -20.18 20.71 -1.50
CA SER A 168 -21.33 21.53 -1.12
C SER A 168 -21.15 23.04 -1.28
N THR A 169 -19.94 23.49 -1.63
CA THR A 169 -19.72 24.92 -1.82
C THR A 169 -20.68 25.32 -2.94
N PRO A 170 -21.57 26.29 -2.69
CA PRO A 170 -22.54 26.74 -3.70
C PRO A 170 -21.95 27.39 -4.95
N PRO A 171 -22.65 27.26 -6.09
CA PRO A 171 -22.22 27.81 -7.38
C PRO A 171 -22.41 29.33 -7.47
N PRO A 172 -21.85 29.97 -8.52
CA PRO A 172 -21.07 29.31 -9.58
C PRO A 172 -19.69 28.94 -9.05
N GLN A 173 -19.13 27.85 -9.54
CA GLN A 173 -17.82 27.41 -9.08
C GLN A 173 -16.75 27.63 -10.14
N SER A 174 -15.69 28.33 -9.77
CA SER A 174 -14.58 28.60 -10.67
C SER A 174 -13.29 28.01 -10.08
N GLU A 175 -12.17 28.17 -10.79
CA GLU A 175 -10.89 27.64 -10.33
C GLU A 175 -10.57 27.84 -8.85
N THR A 176 -10.85 29.04 -8.34
CA THR A 176 -10.54 29.36 -6.95
C THR A 176 -11.60 29.06 -5.90
N THR A 177 -12.79 28.66 -6.31
CA THR A 177 -13.85 28.36 -5.35
C THR A 177 -13.35 27.34 -4.32
N PRO A 178 -13.63 27.60 -3.03
CA PRO A 178 -13.20 26.69 -1.96
C PRO A 178 -13.77 25.27 -2.05
N PHE A 179 -12.94 24.28 -1.72
CA PHE A 179 -13.35 22.88 -1.75
C PHE A 179 -14.02 22.46 -0.45
N HIS A 180 -15.11 21.73 -0.56
CA HIS A 180 -15.81 21.18 0.59
C HIS A 180 -16.31 19.80 0.16
N PRO A 181 -15.38 18.87 -0.08
CA PRO A 181 -15.69 17.50 -0.52
C PRO A 181 -16.78 16.84 0.32
N ARG A 182 -17.63 16.07 -0.34
CA ARG A 182 -18.74 15.39 0.32
C ARG A 182 -18.66 13.87 0.23
N SER A 183 -17.50 13.36 -0.16
CA SER A 183 -17.28 11.92 -0.29
C SER A 183 -15.79 11.64 -0.26
N PRO A 184 -15.42 10.38 0.02
CA PRO A 184 -14.00 10.01 0.07
C PRO A 184 -13.36 10.29 -1.30
N TYR A 185 -14.08 9.97 -2.36
CA TYR A 185 -13.60 10.20 -3.72
C TYR A 185 -13.21 11.68 -3.92
N ALA A 186 -14.15 12.57 -3.60
CA ALA A 186 -13.94 14.01 -3.75
C ALA A 186 -12.79 14.52 -2.91
N ALA A 187 -12.69 14.05 -1.67
CA ALA A 187 -11.62 14.48 -0.81
C ALA A 187 -10.28 13.98 -1.38
N SER A 188 -10.30 12.79 -1.98
CA SER A 188 -9.09 12.23 -2.57
C SER A 188 -8.69 13.04 -3.81
N LYS A 189 -9.68 13.53 -4.55
CA LYS A 189 -9.40 14.35 -5.72
C LYS A 189 -8.83 15.69 -5.25
N CYS A 190 -9.36 16.19 -4.12
CA CYS A 190 -8.87 17.44 -3.56
C CYS A 190 -7.40 17.28 -3.21
N ALA A 191 -7.07 16.10 -2.67
CA ALA A 191 -5.69 15.79 -2.30
C ALA A 191 -4.81 15.74 -3.54
N ALA A 192 -5.26 15.00 -4.55
CA ALA A 192 -4.50 14.89 -5.80
C ALA A 192 -4.30 16.27 -6.39
N HIS A 193 -5.32 17.12 -6.28
CA HIS A 193 -5.26 18.47 -6.79
C HIS A 193 -4.08 19.23 -6.19
N TRP A 194 -3.99 19.21 -4.87
CA TRP A 194 -2.91 19.91 -4.18
C TRP A 194 -1.53 19.30 -4.35
N TYR A 195 -1.45 17.98 -4.49
CA TYR A 195 -0.16 17.35 -4.70
C TYR A 195 0.36 17.88 -6.05
N THR A 196 -0.55 17.98 -7.01
CA THR A 196 -0.24 18.45 -8.35
C THR A 196 0.17 19.92 -8.35
N VAL A 197 -0.58 20.76 -7.67
CA VAL A 197 -0.25 22.18 -7.59
C VAL A 197 1.10 22.35 -6.89
N ASN A 198 1.33 21.55 -5.86
CA ASN A 198 2.57 21.60 -5.08
C ASN A 198 3.81 21.24 -5.91
N TYR A 199 3.69 20.23 -6.76
CA TYR A 199 4.84 19.83 -7.57
C TYR A 199 5.16 20.91 -8.59
N ARG A 200 4.15 21.68 -8.97
CA ARG A 200 4.32 22.77 -9.92
C ARG A 200 5.07 23.91 -9.21
N GLU A 201 4.54 24.33 -8.07
CA GLU A 201 5.15 25.41 -7.30
C GLU A 201 6.50 25.06 -6.68
N ALA A 202 6.67 23.82 -6.24
CA ALA A 202 7.93 23.44 -5.63
C ALA A 202 9.02 23.08 -6.62
N TYR A 203 8.68 22.35 -7.67
CA TYR A 203 9.68 21.92 -8.64
C TYR A 203 9.56 22.53 -10.03
N GLY A 204 8.58 23.40 -10.22
CA GLY A 204 8.41 24.03 -11.52
C GLY A 204 7.96 23.05 -12.59
N LEU A 205 7.45 21.89 -12.17
CA LEU A 205 6.97 20.89 -13.13
C LEU A 205 5.77 21.46 -13.86
N PHE A 206 5.68 21.19 -15.16
CA PHE A 206 4.57 21.68 -15.94
C PHE A 206 3.37 20.78 -15.67
N ALA A 207 2.67 21.07 -14.58
CA ALA A 207 1.51 20.27 -14.19
C ALA A 207 0.26 21.12 -14.14
N CYS A 208 -0.78 20.69 -14.84
CA CYS A 208 -2.03 21.42 -14.86
C CYS A 208 -3.13 20.59 -14.22
N ASN A 209 -4.08 21.27 -13.60
CA ASN A 209 -5.22 20.59 -13.00
C ASN A 209 -6.45 20.93 -13.84
N GLY A 210 -7.01 19.92 -14.50
CA GLY A 210 -8.21 20.13 -15.27
C GLY A 210 -9.36 19.90 -14.31
N ILE A 211 -10.06 20.96 -13.95
CA ILE A 211 -11.18 20.85 -13.03
C ILE A 211 -12.41 20.68 -13.88
N LEU A 212 -12.65 19.45 -14.29
CA LEU A 212 -13.80 19.14 -15.15
C LEU A 212 -15.07 18.79 -14.41
N PHE A 213 -16.16 19.35 -14.91
CA PHE A 213 -17.47 19.08 -14.35
C PHE A 213 -17.97 17.83 -15.07
N ASN A 214 -19.09 17.29 -14.61
CA ASN A 214 -19.64 16.08 -15.19
C ASN A 214 -19.68 16.09 -16.72
N HIS A 215 -19.18 15.01 -17.32
CA HIS A 215 -19.24 14.86 -18.77
C HIS A 215 -19.55 13.41 -19.11
N GLU A 216 -20.51 13.25 -20.01
CA GLU A 216 -20.99 11.95 -20.42
C GLU A 216 -20.79 11.66 -21.91
N SER A 217 -21.24 10.49 -22.33
CA SER A 217 -21.13 10.06 -23.72
C SER A 217 -21.74 8.65 -23.81
N PRO A 218 -21.85 8.12 -25.03
CA PRO A 218 -22.42 6.78 -25.18
C PRO A 218 -21.50 5.72 -24.56
N ARG A 219 -20.29 6.13 -24.18
CA ARG A 219 -19.30 5.23 -23.58
C ARG A 219 -19.25 5.38 -22.06
N ARG A 220 -20.13 6.22 -21.52
CA ARG A 220 -20.18 6.46 -20.09
C ARG A 220 -20.46 5.17 -19.31
N GLY A 221 -19.90 5.08 -18.11
CA GLY A 221 -20.13 3.89 -17.29
C GLY A 221 -21.60 3.77 -16.99
N GLU A 222 -22.13 2.55 -17.09
CA GLU A 222 -23.55 2.31 -16.86
C GLU A 222 -24.03 2.52 -15.43
N ASN A 223 -23.09 2.66 -14.49
CA ASN A 223 -23.43 2.87 -13.09
C ASN A 223 -23.59 4.36 -12.78
N PHE A 224 -23.32 5.21 -13.76
CA PHE A 224 -23.48 6.63 -13.56
C PHE A 224 -24.90 6.97 -14.00
N VAL A 225 -25.49 7.94 -13.32
CA VAL A 225 -26.89 8.31 -13.56
C VAL A 225 -27.33 8.57 -14.99
N THR A 226 -26.58 9.35 -15.76
CA THR A 226 -26.99 9.63 -17.14
C THR A 226 -27.05 8.37 -17.99
N ARG A 227 -25.97 7.60 -18.01
CA ARG A 227 -25.92 6.37 -18.81
C ARG A 227 -26.91 5.34 -18.26
N LYS A 228 -27.06 5.32 -16.94
CA LYS A 228 -27.99 4.38 -16.31
C LYS A 228 -29.38 4.64 -16.88
N ILE A 229 -29.75 5.92 -16.93
CA ILE A 229 -31.06 6.34 -17.43
C ILE A 229 -31.26 6.04 -18.92
N THR A 230 -30.30 6.42 -19.76
CA THR A 230 -30.46 6.18 -21.19
C THR A 230 -30.39 4.69 -21.54
N ARG A 231 -29.60 3.94 -20.79
CA ARG A 231 -29.48 2.51 -21.05
C ARG A 231 -30.80 1.84 -20.71
N ALA A 232 -31.39 2.24 -19.58
CA ALA A 232 -32.66 1.69 -19.13
C ALA A 232 -33.77 2.09 -20.10
N LEU A 233 -33.81 3.39 -20.43
CA LEU A 233 -34.81 3.92 -21.35
C LEU A 233 -34.88 3.11 -22.63
N GLY A 234 -33.71 2.82 -23.20
CA GLY A 234 -33.67 2.04 -24.42
C GLY A 234 -34.29 0.67 -24.26
N ARG A 235 -33.96 -0.01 -23.16
CA ARG A 235 -34.50 -1.35 -22.90
C ARG A 235 -35.99 -1.30 -22.62
N ILE A 236 -36.45 -0.21 -22.02
CA ILE A 236 -37.86 -0.06 -21.73
C ILE A 236 -38.62 0.11 -23.04
N LYS A 237 -38.05 0.92 -23.93
CA LYS A 237 -38.67 1.19 -25.22
C LYS A 237 -38.87 -0.09 -26.05
N VAL A 238 -37.88 -0.98 -26.04
CA VAL A 238 -37.98 -2.21 -26.81
C VAL A 238 -38.64 -3.36 -26.04
N GLY A 239 -39.00 -3.11 -24.79
CA GLY A 239 -39.66 -4.12 -23.99
C GLY A 239 -38.76 -5.09 -23.23
N LEU A 240 -37.48 -4.77 -23.09
CA LEU A 240 -36.57 -5.64 -22.36
C LEU A 240 -36.55 -5.32 -20.86
N GLN A 241 -37.06 -4.14 -20.50
CA GLN A 241 -37.09 -3.72 -19.11
C GLN A 241 -38.39 -2.98 -18.83
N THR A 242 -38.83 -3.00 -17.57
CA THR A 242 -40.08 -2.33 -17.22
C THR A 242 -39.93 -1.26 -16.14
N LYS A 243 -38.95 -1.43 -15.25
CA LYS A 243 -38.75 -0.45 -14.18
C LYS A 243 -37.32 0.11 -14.12
N LEU A 244 -37.21 1.35 -13.66
CA LEU A 244 -35.93 2.02 -13.53
C LEU A 244 -35.80 2.62 -12.12
N PHE A 245 -34.90 2.07 -11.31
CA PHE A 245 -34.70 2.55 -9.95
C PHE A 245 -33.60 3.59 -9.82
N LEU A 246 -33.94 4.73 -9.21
CA LEU A 246 -33.01 5.83 -9.02
C LEU A 246 -33.02 6.34 -7.57
N GLY A 247 -32.18 7.33 -7.29
CA GLY A 247 -32.12 7.89 -5.95
C GLY A 247 -32.62 9.33 -5.94
N ASN A 248 -31.74 10.25 -5.58
CA ASN A 248 -32.08 11.67 -5.52
C ASN A 248 -32.18 12.27 -6.92
N LEU A 249 -33.40 12.70 -7.28
CA LEU A 249 -33.65 13.29 -8.59
C LEU A 249 -33.47 14.80 -8.62
N GLN A 250 -33.30 15.41 -7.45
CA GLN A 250 -33.16 16.85 -7.40
C GLN A 250 -31.72 17.36 -7.45
N ALA A 251 -30.76 16.45 -7.41
CA ALA A 251 -29.37 16.86 -7.49
C ALA A 251 -29.21 17.58 -8.83
N SER A 252 -28.51 18.71 -8.82
CA SER A 252 -28.30 19.46 -10.05
C SER A 252 -26.87 19.35 -10.52
N ARG A 253 -26.71 19.11 -11.82
CA ARG A 253 -25.37 18.96 -12.40
C ARG A 253 -25.18 19.72 -13.71
N ASP A 254 -23.91 19.97 -14.00
CA ASP A 254 -23.46 20.65 -15.21
C ASP A 254 -22.91 19.51 -16.08
N TRP A 255 -23.68 19.11 -17.08
CA TRP A 255 -23.30 17.99 -17.96
C TRP A 255 -22.79 18.35 -19.35
N GLY A 256 -21.58 17.90 -19.67
CA GLY A 256 -21.00 18.15 -20.98
C GLY A 256 -20.66 16.83 -21.67
N PHE A 257 -20.17 16.90 -22.91
CA PHE A 257 -19.79 15.70 -23.67
C PHE A 257 -18.29 15.44 -23.56
N ALA A 258 -17.94 14.22 -23.14
CA ALA A 258 -16.54 13.82 -22.96
C ALA A 258 -15.68 14.10 -24.19
N GLY A 259 -16.27 13.90 -25.37
CA GLY A 259 -15.54 14.14 -26.60
C GLY A 259 -15.02 15.57 -26.65
N ASP A 260 -15.84 16.52 -26.19
CA ASP A 260 -15.45 17.91 -26.18
C ASP A 260 -14.38 18.20 -25.13
N TYR A 261 -14.57 17.63 -23.94
CA TYR A 261 -13.66 17.86 -22.82
C TYR A 261 -12.23 17.38 -22.95
N VAL A 262 -12.00 16.21 -23.53
CA VAL A 262 -10.63 15.72 -23.66
C VAL A 262 -9.78 16.71 -24.45
N GLU A 263 -10.41 17.49 -25.31
CA GLU A 263 -9.69 18.48 -26.11
C GLU A 263 -9.13 19.59 -25.21
N ALA A 264 -9.87 19.94 -24.16
CA ALA A 264 -9.43 20.97 -23.23
C ALA A 264 -8.19 20.48 -22.49
N MET A 265 -8.14 19.18 -22.23
CA MET A 265 -7.00 18.57 -21.54
C MET A 265 -5.74 18.82 -22.33
N TRP A 266 -5.81 18.52 -23.62
CA TRP A 266 -4.68 18.70 -24.52
C TRP A 266 -4.26 20.17 -24.59
N LEU A 267 -5.24 21.05 -24.74
CA LEU A 267 -4.99 22.49 -24.81
C LEU A 267 -4.19 23.04 -23.63
N MET A 268 -4.57 22.63 -22.42
CA MET A 268 -3.89 23.08 -21.22
C MET A 268 -2.39 22.86 -21.30
N LEU A 269 -1.99 21.72 -21.85
CA LEU A 269 -0.58 21.37 -21.99
C LEU A 269 0.09 22.02 -23.18
N GLN A 270 -0.67 22.75 -23.99
CA GLN A 270 -0.10 23.41 -25.16
C GLN A 270 0.23 24.87 -24.86
N GLN A 271 -0.13 25.32 -23.66
CA GLN A 271 0.14 26.70 -23.25
C GLN A 271 1.61 26.80 -22.88
N GLU A 272 2.12 28.03 -22.81
CA GLU A 272 3.51 28.27 -22.45
C GLU A 272 3.72 27.99 -20.97
N LYS A 273 2.69 28.25 -20.18
CA LYS A 273 2.76 28.04 -18.74
C LYS A 273 1.66 27.12 -18.23
N PRO A 274 1.93 26.36 -17.17
CA PRO A 274 0.97 25.43 -16.58
C PRO A 274 0.00 26.18 -15.67
N ASP A 275 -1.23 25.69 -15.56
CA ASP A 275 -2.21 26.34 -14.73
C ASP A 275 -3.39 25.39 -14.48
N ASP A 276 -4.42 25.89 -13.80
CA ASP A 276 -5.61 25.10 -13.52
C ASP A 276 -6.81 25.75 -14.18
N TYR A 277 -7.62 24.94 -14.86
CA TYR A 277 -8.79 25.47 -15.55
C TYR A 277 -10.04 24.64 -15.32
N VAL A 278 -11.16 25.33 -15.18
CA VAL A 278 -12.45 24.68 -15.04
C VAL A 278 -12.94 24.44 -16.46
N VAL A 279 -13.46 23.25 -16.71
CA VAL A 279 -13.99 22.90 -18.01
C VAL A 279 -15.43 22.49 -17.71
N ALA A 280 -16.38 23.26 -18.25
CA ALA A 280 -17.80 23.01 -17.99
C ALA A 280 -18.64 23.68 -19.06
N THR A 281 -19.96 23.49 -18.98
CA THR A 281 -20.89 24.10 -19.94
C THR A 281 -21.51 25.36 -19.34
N GLU A 282 -21.42 25.46 -18.02
CA GLU A 282 -21.95 26.59 -17.25
C GLU A 282 -23.47 26.56 -17.18
N GLU A 283 -24.05 25.43 -17.55
CA GLU A 283 -25.50 25.27 -17.51
C GLU A 283 -25.86 24.11 -16.60
N GLY A 284 -26.65 24.37 -15.57
CA GLY A 284 -27.02 23.31 -14.64
C GLY A 284 -28.40 22.73 -14.88
N HIS A 285 -28.54 21.43 -14.62
CA HIS A 285 -29.82 20.75 -14.78
C HIS A 285 -29.95 19.66 -13.71
N THR A 286 -31.18 19.33 -13.35
CA THR A 286 -31.42 18.31 -12.33
C THR A 286 -31.58 16.93 -12.97
N VAL A 287 -31.46 15.88 -12.17
CA VAL A 287 -31.61 14.54 -12.68
C VAL A 287 -33.02 14.38 -13.24
N GLU A 288 -33.97 15.11 -12.65
CA GLU A 288 -35.37 15.05 -13.11
C GLU A 288 -35.46 15.63 -14.51
N GLU A 289 -34.82 16.77 -14.74
CA GLU A 289 -34.84 17.39 -16.06
C GLU A 289 -34.23 16.42 -17.07
N PHE A 290 -33.22 15.67 -16.63
CA PHE A 290 -32.59 14.71 -17.53
C PHE A 290 -33.62 13.65 -17.91
N LEU A 291 -34.45 13.27 -16.95
CA LEU A 291 -35.48 12.27 -17.17
C LEU A 291 -36.57 12.77 -18.12
N ASP A 292 -36.99 14.02 -17.95
CA ASP A 292 -38.01 14.58 -18.82
C ASP A 292 -37.55 14.60 -20.27
N VAL A 293 -36.34 15.12 -20.47
CA VAL A 293 -35.75 15.22 -21.79
C VAL A 293 -35.54 13.88 -22.49
N SER A 294 -34.87 12.95 -21.81
CA SER A 294 -34.61 11.64 -22.40
C SER A 294 -35.86 10.82 -22.69
N PHE A 295 -36.73 10.66 -21.68
CA PHE A 295 -37.96 9.90 -21.88
C PHE A 295 -38.92 10.62 -22.82
N GLY A 296 -39.05 11.94 -22.65
CA GLY A 296 -39.93 12.70 -23.51
C GLY A 296 -39.48 12.58 -24.96
N TYR A 297 -38.18 12.43 -25.16
CA TYR A 297 -37.62 12.30 -26.49
C TYR A 297 -38.14 11.05 -27.18
N LEU A 298 -38.48 10.02 -26.41
CA LEU A 298 -39.01 8.79 -26.98
C LEU A 298 -40.52 8.68 -26.80
N GLY A 299 -41.14 9.77 -26.35
CA GLY A 299 -42.57 9.80 -26.15
C GLY A 299 -43.05 8.99 -24.95
N LEU A 300 -42.22 8.94 -23.92
CA LEU A 300 -42.57 8.20 -22.72
C LEU A 300 -42.59 9.08 -21.49
N ASN A 301 -43.36 8.68 -20.49
CA ASN A 301 -43.43 9.42 -19.23
C ASN A 301 -42.57 8.62 -18.26
N TRP A 302 -41.49 9.21 -17.77
CA TRP A 302 -40.62 8.49 -16.85
C TRP A 302 -41.29 8.16 -15.52
N LYS A 303 -42.31 8.94 -15.17
CA LYS A 303 -43.03 8.72 -13.92
C LYS A 303 -43.75 7.38 -13.95
N ASP A 304 -43.83 6.78 -15.13
CA ASP A 304 -44.48 5.49 -15.29
C ASP A 304 -43.51 4.32 -15.21
N TYR A 305 -42.23 4.60 -15.00
CA TYR A 305 -41.23 3.53 -14.93
C TYR A 305 -40.20 3.70 -13.83
N VAL A 306 -40.08 4.91 -13.33
CA VAL A 306 -39.11 5.22 -12.29
C VAL A 306 -39.63 5.08 -10.87
N GLU A 307 -38.86 4.41 -10.03
CA GLU A 307 -39.19 4.23 -8.62
C GLU A 307 -37.95 4.58 -7.81
N ILE A 308 -38.15 5.31 -6.72
CA ILE A 308 -37.04 5.71 -5.87
C ILE A 308 -36.59 4.60 -4.93
N ASP A 309 -35.28 4.37 -4.89
CA ASP A 309 -34.69 3.35 -4.03
C ASP A 309 -33.68 3.98 -3.09
N GLN A 310 -34.02 3.99 -1.80
CA GLN A 310 -33.19 4.58 -0.76
C GLN A 310 -31.71 4.21 -0.82
N ARG A 311 -31.41 3.06 -1.42
CA ARG A 311 -30.04 2.60 -1.51
C ARG A 311 -29.16 3.41 -2.47
N TYR A 312 -29.78 4.14 -3.39
CA TYR A 312 -29.02 4.93 -4.35
C TYR A 312 -28.73 6.36 -3.88
N PHE A 313 -29.07 6.63 -2.63
CA PHE A 313 -28.82 7.93 -2.04
C PHE A 313 -27.45 7.87 -1.38
N ARG A 314 -26.64 8.93 -1.53
CA ARG A 314 -25.31 8.95 -0.93
C ARG A 314 -25.37 9.49 0.51
N PRO A 315 -24.51 8.97 1.39
CA PRO A 315 -24.47 9.40 2.80
C PRO A 315 -24.37 10.93 2.90
N ALA A 316 -23.64 11.53 1.99
CA ALA A 316 -23.48 12.98 1.95
C ALA A 316 -23.64 13.35 0.47
N GLU A 317 -24.60 14.22 0.17
CA GLU A 317 -24.88 14.60 -1.20
C GLU A 317 -24.25 15.92 -1.67
N VAL A 318 -24.09 16.03 -2.98
CA VAL A 318 -23.57 17.22 -3.63
C VAL A 318 -24.79 17.76 -4.35
N ASP A 319 -25.34 18.84 -3.81
CA ASP A 319 -26.57 19.43 -4.32
C ASP A 319 -26.56 20.15 -5.65
N ASN A 320 -25.65 21.10 -5.82
CA ASN A 320 -25.66 21.88 -7.05
C ASN A 320 -24.30 22.26 -7.60
N LEU A 321 -24.05 21.86 -8.83
CA LEU A 321 -22.79 22.16 -9.50
C LEU A 321 -23.00 22.84 -10.83
N GLN A 322 -22.41 24.01 -10.97
CA GLN A 322 -22.47 24.79 -12.21
C GLN A 322 -21.15 25.52 -12.26
N GLY A 323 -20.36 25.22 -13.29
CA GLY A 323 -19.06 25.85 -13.38
C GLY A 323 -18.99 27.17 -14.13
N ASP A 324 -17.86 27.84 -13.92
CA ASP A 324 -17.56 29.09 -14.58
C ASP A 324 -16.32 28.75 -15.37
N ALA A 325 -16.49 28.54 -16.67
CA ALA A 325 -15.37 28.18 -17.54
C ALA A 325 -14.86 29.37 -18.34
N SER A 326 -14.87 30.55 -17.73
CA SER A 326 -14.39 31.77 -18.40
C SER A 326 -12.92 31.63 -18.76
N LYS A 327 -12.12 31.32 -17.75
CA LYS A 327 -10.68 31.18 -17.92
C LYS A 327 -10.30 30.22 -19.06
N ALA A 328 -11.00 29.11 -19.17
CA ALA A 328 -10.70 28.15 -20.24
C ALA A 328 -11.00 28.77 -21.60
N LYS A 329 -12.13 29.45 -21.72
CA LYS A 329 -12.51 30.09 -22.97
C LYS A 329 -11.53 31.20 -23.33
N GLU A 330 -11.17 32.00 -22.33
CA GLU A 330 -10.25 33.12 -22.53
C GLU A 330 -8.81 32.73 -22.81
N VAL A 331 -8.28 31.77 -22.06
CA VAL A 331 -6.90 31.34 -22.24
C VAL A 331 -6.70 30.16 -23.19
N LEU A 332 -7.60 29.19 -23.18
CA LEU A 332 -7.48 28.04 -24.06
C LEU A 332 -8.30 28.17 -25.34
N GLY A 333 -9.21 29.14 -25.37
CA GLY A 333 -10.04 29.32 -26.54
C GLY A 333 -10.96 28.11 -26.67
N TRP A 334 -11.16 27.43 -25.55
CA TRP A 334 -12.00 26.24 -25.49
C TRP A 334 -13.45 26.57 -25.17
N LYS A 335 -14.36 25.85 -25.80
CA LYS A 335 -15.78 26.02 -25.58
C LYS A 335 -16.49 24.72 -25.94
N PRO A 336 -17.53 24.36 -25.17
CA PRO A 336 -18.26 23.11 -25.44
C PRO A 336 -19.04 23.22 -26.75
N GLN A 337 -19.06 22.14 -27.53
CA GLN A 337 -19.76 22.14 -28.80
C GLN A 337 -21.13 21.50 -28.61
N VAL A 338 -21.19 20.46 -27.80
CA VAL A 338 -22.43 19.74 -27.56
C VAL A 338 -23.17 20.26 -26.33
N GLY A 339 -24.41 20.68 -26.52
CA GLY A 339 -25.21 21.19 -25.43
C GLY A 339 -25.98 20.10 -24.69
N PHE A 340 -26.65 20.48 -23.62
CA PHE A 340 -27.41 19.54 -22.80
C PHE A 340 -28.33 18.60 -23.58
N GLU A 341 -29.40 19.12 -24.16
CA GLU A 341 -30.35 18.28 -24.90
C GLU A 341 -29.67 17.46 -26.00
N LYS A 342 -28.76 18.08 -26.73
CA LYS A 342 -28.06 17.36 -27.78
C LYS A 342 -27.34 16.15 -27.17
N LEU A 343 -26.71 16.37 -26.02
CA LEU A 343 -25.99 15.30 -25.33
C LEU A 343 -26.95 14.19 -24.94
N VAL A 344 -28.09 14.56 -24.36
CA VAL A 344 -29.08 13.58 -23.94
C VAL A 344 -29.60 12.75 -25.12
N LYS A 345 -29.98 13.43 -26.20
CA LYS A 345 -30.50 12.73 -27.37
C LYS A 345 -29.44 11.83 -27.99
N MET A 346 -28.20 12.27 -27.91
CA MET A 346 -27.08 11.48 -28.45
C MET A 346 -27.02 10.15 -27.71
N MET A 347 -27.01 10.22 -26.39
CA MET A 347 -26.94 9.03 -25.54
C MET A 347 -28.15 8.14 -25.72
N VAL A 348 -29.34 8.74 -25.77
CA VAL A 348 -30.57 7.97 -25.96
C VAL A 348 -30.55 7.22 -27.30
N ASP A 349 -30.12 7.90 -28.36
CA ASP A 349 -30.06 7.29 -29.69
C ASP A 349 -29.20 6.02 -29.70
N GLU A 350 -27.98 6.13 -29.18
CA GLU A 350 -27.08 4.99 -29.15
C GLU A 350 -27.60 3.84 -28.30
N ASP A 351 -28.10 4.17 -27.11
CA ASP A 351 -28.62 3.13 -26.23
C ASP A 351 -29.92 2.50 -26.72
N LEU A 352 -30.66 3.23 -27.54
CA LEU A 352 -31.90 2.69 -28.10
C LEU A 352 -31.53 1.66 -29.16
N GLU A 353 -30.57 2.02 -30.00
CA GLU A 353 -30.11 1.14 -31.06
C GLU A 353 -29.45 -0.09 -30.43
N LEU A 354 -28.76 0.11 -29.32
CA LEU A 354 -28.11 -0.99 -28.61
C LEU A 354 -29.19 -1.90 -28.05
N ALA A 355 -30.21 -1.31 -27.45
CA ALA A 355 -31.31 -2.08 -26.87
C ALA A 355 -32.02 -2.89 -27.95
N LYS A 356 -32.31 -2.27 -29.09
CA LYS A 356 -32.97 -2.96 -30.18
C LYS A 356 -32.14 -4.14 -30.63
N ARG A 357 -30.85 -3.94 -30.77
CA ARG A 357 -29.95 -5.01 -31.19
C ARG A 357 -29.91 -6.14 -30.16
N GLU A 358 -30.12 -5.81 -28.89
CA GLU A 358 -30.12 -6.83 -27.84
C GLU A 358 -31.38 -7.68 -27.96
N LYS A 359 -32.52 -7.00 -28.11
CA LYS A 359 -33.81 -7.66 -28.26
C LYS A 359 -33.72 -8.72 -29.36
N VAL A 360 -33.08 -8.35 -30.46
CA VAL A 360 -32.92 -9.27 -31.58
C VAL A 360 -32.08 -10.46 -31.18
N LEU A 361 -30.99 -10.21 -30.45
CA LEU A 361 -30.11 -11.29 -30.02
C LEU A 361 -30.76 -12.15 -28.94
N VAL A 362 -31.75 -11.59 -28.26
CA VAL A 362 -32.45 -12.34 -27.22
C VAL A 362 -33.43 -13.30 -27.86
N ASP A 363 -34.22 -12.77 -28.78
CA ASP A 363 -35.22 -13.58 -29.49
C ASP A 363 -34.56 -14.52 -30.49
N ALA A 364 -33.23 -14.63 -30.42
CA ALA A 364 -32.50 -15.51 -31.32
C ALA A 364 -31.72 -16.56 -30.55
N GLY A 365 -31.63 -16.38 -29.23
CA GLY A 365 -30.92 -17.33 -28.40
C GLY A 365 -29.45 -17.02 -28.20
N TYR A 366 -28.99 -15.90 -28.76
CA TYR A 366 -27.59 -15.50 -28.64
C TYR A 366 -27.24 -15.03 -27.23
N MET A 367 -28.23 -14.54 -26.48
CA MET A 367 -28.01 -14.07 -25.12
C MET A 367 -29.28 -14.20 -24.27
N ARG B 28 -15.07 3.73 33.42
CA ARG B 28 -14.06 4.83 33.31
C ARG B 28 -13.74 5.13 31.85
N LYS B 29 -13.52 6.41 31.52
CA LYS B 29 -13.22 6.81 30.16
C LYS B 29 -11.94 6.20 29.59
N ILE B 30 -12.06 5.60 28.42
CA ILE B 30 -10.96 4.95 27.73
C ILE B 30 -10.55 5.76 26.50
N ALA B 31 -9.27 6.15 26.45
CA ALA B 31 -8.76 6.93 25.34
C ALA B 31 -7.72 6.16 24.52
N LEU B 32 -7.85 6.22 23.20
CA LEU B 32 -6.90 5.57 22.30
C LEU B 32 -6.10 6.67 21.61
N ILE B 33 -4.79 6.60 21.72
CA ILE B 33 -3.94 7.61 21.10
C ILE B 33 -2.99 7.00 20.08
N THR B 34 -3.00 7.54 18.85
CA THR B 34 -2.07 7.07 17.82
C THR B 34 -0.97 8.12 17.88
N GLY B 35 0.28 7.71 17.74
CA GLY B 35 1.37 8.66 17.80
C GLY B 35 1.62 9.08 19.24
N ILE B 36 1.39 8.16 20.15
CA ILE B 36 1.55 8.41 21.57
C ILE B 36 3.00 8.71 21.94
N THR B 37 3.94 8.13 21.19
CA THR B 37 5.36 8.33 21.46
C THR B 37 5.87 9.71 21.08
N GLY B 38 5.04 10.47 20.36
CA GLY B 38 5.44 11.80 19.94
C GLY B 38 5.27 12.87 21.00
N GLN B 39 5.72 14.08 20.70
CA GLN B 39 5.63 15.21 21.63
C GLN B 39 4.23 15.38 22.23
N ASP B 40 3.24 15.61 21.37
CA ASP B 40 1.87 15.81 21.80
C ASP B 40 1.31 14.60 22.50
N GLY B 41 1.63 13.42 21.99
CA GLY B 41 1.13 12.20 22.59
C GLY B 41 1.59 12.02 24.04
N SER B 42 2.81 12.43 24.32
CA SER B 42 3.34 12.31 25.68
C SER B 42 2.61 13.25 26.62
N TYR B 43 2.36 14.48 26.17
CA TYR B 43 1.64 15.46 26.99
C TYR B 43 0.17 15.12 27.14
N LEU B 44 -0.50 14.74 26.05
CA LEU B 44 -1.91 14.38 26.11
C LEU B 44 -2.09 13.21 27.06
N THR B 45 -1.14 12.28 27.05
CA THR B 45 -1.22 11.11 27.91
C THR B 45 -1.23 11.54 29.37
N GLU B 46 -0.30 12.41 29.75
CA GLU B 46 -0.23 12.90 31.12
C GLU B 46 -1.51 13.65 31.47
N PHE B 47 -2.03 14.43 30.53
CA PHE B 47 -3.23 15.21 30.74
C PHE B 47 -4.47 14.35 30.95
N LEU B 48 -4.61 13.29 30.13
CA LEU B 48 -5.76 12.41 30.25
C LEU B 48 -5.69 11.56 31.51
N LEU B 49 -4.51 11.05 31.82
CA LEU B 49 -4.34 10.25 33.02
C LEU B 49 -4.73 11.13 34.20
N GLY B 50 -4.40 12.41 34.12
CA GLY B 50 -4.73 13.35 35.18
C GLY B 50 -6.25 13.52 35.32
N LYS B 51 -6.98 13.19 34.26
CA LYS B 51 -8.43 13.29 34.28
C LYS B 51 -9.05 11.94 34.67
N GLY B 52 -8.19 10.99 35.03
CA GLY B 52 -8.69 9.69 35.43
C GLY B 52 -8.91 8.71 34.29
N TYR B 53 -8.56 9.11 33.07
CA TYR B 53 -8.71 8.25 31.90
C TYR B 53 -7.84 6.99 31.93
N GLU B 54 -8.27 6.00 31.16
CA GLU B 54 -7.48 4.78 30.98
C GLU B 54 -6.95 5.06 29.57
N VAL B 55 -5.63 5.20 29.44
CA VAL B 55 -5.03 5.53 28.16
C VAL B 55 -4.36 4.38 27.42
N HIS B 56 -4.72 4.22 26.15
CA HIS B 56 -4.15 3.20 25.29
C HIS B 56 -3.45 3.89 24.12
N GLY B 57 -2.22 3.48 23.84
CA GLY B 57 -1.47 4.07 22.74
C GLY B 57 -0.94 3.07 21.74
N LEU B 58 -0.90 3.46 20.47
CA LEU B 58 -0.40 2.59 19.41
C LEU B 58 1.03 3.03 19.08
N ILE B 59 1.94 2.06 19.00
CA ILE B 59 3.33 2.37 18.69
C ILE B 59 3.87 1.50 17.56
N ARG B 60 4.94 1.98 16.95
CA ARG B 60 5.60 1.27 15.87
C ARG B 60 6.76 0.48 16.43
N ARG B 61 7.00 -0.69 15.85
CA ARG B 61 8.12 -1.50 16.27
C ARG B 61 9.33 -0.77 15.69
N SER B 62 10.39 -0.65 16.49
CA SER B 62 11.60 0.02 16.04
C SER B 62 12.80 -0.80 16.49
N SER B 63 13.89 -0.75 15.73
CA SER B 63 15.08 -1.52 16.09
C SER B 63 15.75 -0.88 17.30
N ASN B 64 15.33 0.35 17.62
CA ASN B 64 15.86 1.10 18.75
C ASN B 64 14.77 1.55 19.71
N PHE B 65 15.20 2.00 20.88
CA PHE B 65 14.33 2.52 21.92
C PHE B 65 13.53 3.65 21.27
N ASN B 66 12.21 3.67 21.48
CA ASN B 66 11.39 4.71 20.88
C ASN B 66 10.31 5.30 21.80
N THR B 67 10.39 5.00 23.09
CA THR B 67 9.41 5.50 24.04
C THR B 67 10.03 6.45 25.06
N GLN B 68 11.08 7.15 24.63
CA GLN B 68 11.79 8.09 25.49
C GLN B 68 10.90 9.14 26.16
N ARG B 69 9.87 9.59 25.45
CA ARG B 69 8.98 10.63 25.97
C ARG B 69 7.93 10.16 26.96
N ILE B 70 7.59 8.88 26.91
CA ILE B 70 6.55 8.35 27.79
C ILE B 70 7.02 7.26 28.74
N ASN B 71 8.32 7.01 28.78
CA ASN B 71 8.88 5.96 29.64
C ASN B 71 8.54 6.19 31.11
N HIS B 72 8.75 7.41 31.60
CA HIS B 72 8.48 7.74 32.99
C HIS B 72 7.02 7.52 33.40
N ILE B 73 6.12 7.53 32.41
CA ILE B 73 4.71 7.35 32.69
C ILE B 73 4.39 5.85 32.72
N TYR B 74 4.97 5.13 31.76
CA TYR B 74 4.74 3.69 31.65
C TYR B 74 5.32 2.93 32.84
N ILE B 75 6.48 3.38 33.32
CA ILE B 75 7.15 2.73 34.45
C ILE B 75 6.57 3.09 35.81
N ASP B 76 5.77 4.15 35.87
CA ASP B 76 5.15 4.57 37.12
C ASP B 76 4.17 3.53 37.65
N LYS B 82 -0.58 -2.28 30.83
CA LYS B 82 -0.09 -2.87 32.07
C LYS B 82 -0.92 -2.41 33.28
N ALA B 83 -1.75 -1.39 33.07
CA ALA B 83 -2.60 -0.84 34.13
C ALA B 83 -3.50 0.26 33.56
N LEU B 84 -3.08 1.52 33.73
CA LEU B 84 -3.84 2.65 33.22
C LEU B 84 -3.26 3.16 31.90
N MET B 85 -2.07 2.70 31.54
CA MET B 85 -1.45 3.09 30.29
C MET B 85 -0.87 1.87 29.59
N LYS B 86 -1.52 1.44 28.51
CA LYS B 86 -1.07 0.29 27.75
C LYS B 86 -0.59 0.71 26.36
N LEU B 87 0.39 -0.01 25.83
CA LEU B 87 0.96 0.28 24.52
C LEU B 87 0.79 -0.93 23.62
N HIS B 88 0.36 -0.69 22.38
CA HIS B 88 0.14 -1.77 21.42
C HIS B 88 0.81 -1.48 20.09
N TYR B 89 1.35 -2.52 19.47
CA TYR B 89 2.01 -2.39 18.18
C TYR B 89 1.01 -2.25 17.04
N ALA B 90 1.23 -1.25 16.21
CA ALA B 90 0.36 -0.98 15.07
C ALA B 90 1.07 -0.01 14.14
N ASP B 91 0.44 0.29 13.00
CA ASP B 91 0.99 1.23 12.04
C ASP B 91 -0.17 1.79 11.26
N LEU B 92 -0.15 3.11 11.02
CA LEU B 92 -1.23 3.73 10.27
C LEU B 92 -1.31 3.27 8.82
N THR B 93 -0.33 2.49 8.36
CA THR B 93 -0.36 2.01 6.98
C THR B 93 -0.92 0.59 6.97
N ASP B 94 -1.25 0.09 8.16
CA ASP B 94 -1.78 -1.27 8.31
C ASP B 94 -3.19 -1.17 8.94
N ALA B 95 -4.20 -1.18 8.08
CA ALA B 95 -5.60 -1.07 8.51
C ALA B 95 -6.06 -2.16 9.48
N SER B 96 -5.52 -3.36 9.35
CA SER B 96 -5.90 -4.46 10.23
C SER B 96 -5.44 -4.20 11.65
N SER B 97 -4.20 -3.74 11.79
CA SER B 97 -3.64 -3.46 13.10
C SER B 97 -4.47 -2.40 13.81
N LEU B 98 -5.04 -1.47 13.05
CA LEU B 98 -5.84 -0.41 13.66
C LEU B 98 -7.17 -0.95 14.16
N ARG B 99 -7.91 -1.63 13.28
CA ARG B 99 -9.22 -2.17 13.65
C ARG B 99 -9.09 -3.16 14.80
N ARG B 100 -8.05 -3.99 14.76
CA ARG B 100 -7.81 -4.99 15.80
C ARG B 100 -7.77 -4.38 17.20
N TRP B 101 -6.98 -3.33 17.38
CA TRP B 101 -6.88 -2.69 18.68
C TRP B 101 -8.10 -1.86 19.05
N ILE B 102 -8.84 -1.43 18.05
CA ILE B 102 -10.05 -0.66 18.34
C ILE B 102 -11.07 -1.64 18.91
N ASP B 103 -11.11 -2.84 18.35
CA ASP B 103 -12.04 -3.87 18.81
C ASP B 103 -11.68 -4.34 20.21
N VAL B 104 -10.39 -4.52 20.46
CA VAL B 104 -9.91 -4.98 21.75
C VAL B 104 -10.07 -3.94 22.84
N ILE B 105 -9.75 -2.69 22.52
CA ILE B 105 -9.81 -1.59 23.48
C ILE B 105 -11.18 -0.98 23.73
N LYS B 106 -12.02 -0.89 22.70
CA LYS B 106 -13.35 -0.29 22.85
C LYS B 106 -13.19 1.09 23.45
N PRO B 107 -12.39 1.96 22.81
CA PRO B 107 -12.17 3.31 23.31
C PRO B 107 -13.38 4.22 23.22
N ASP B 108 -13.40 5.23 24.09
CA ASP B 108 -14.46 6.20 24.12
C ASP B 108 -14.03 7.40 23.27
N GLU B 109 -12.74 7.69 23.32
CA GLU B 109 -12.18 8.80 22.56
C GLU B 109 -10.95 8.33 21.79
N VAL B 110 -10.83 8.80 20.55
CA VAL B 110 -9.70 8.44 19.71
C VAL B 110 -9.00 9.72 19.25
N TYR B 111 -7.70 9.77 19.50
CA TYR B 111 -6.89 10.92 19.14
C TYR B 111 -5.86 10.48 18.10
N ASN B 112 -6.04 10.92 16.86
CA ASN B 112 -5.10 10.53 15.81
C ASN B 112 -4.00 11.56 15.69
N LEU B 113 -2.88 11.32 16.37
CA LEU B 113 -1.75 12.23 16.34
C LEU B 113 -0.60 11.65 15.52
N ALA B 114 -0.73 10.39 15.13
CA ALA B 114 0.32 9.73 14.35
C ALA B 114 0.55 10.39 13.01
N ALA B 115 1.82 10.62 12.69
CA ALA B 115 2.15 11.23 11.41
C ALA B 115 3.65 11.38 11.16
N GLN B 116 4.01 11.40 9.88
CA GLN B 116 5.38 11.67 9.47
C GLN B 116 5.18 13.19 9.51
N SER B 117 5.55 13.81 10.62
CA SER B 117 5.31 15.23 10.82
C SER B 117 6.33 16.26 10.37
N HIS B 118 7.47 15.84 9.82
CA HIS B 118 8.45 16.82 9.38
C HIS B 118 8.21 17.26 7.94
N VAL B 119 7.98 18.56 7.77
CA VAL B 119 7.70 19.12 6.45
C VAL B 119 8.81 18.92 5.44
N ALA B 120 10.05 19.18 5.83
CA ALA B 120 11.17 19.03 4.91
C ALA B 120 11.29 17.58 4.46
N VAL B 121 11.13 16.66 5.41
CA VAL B 121 11.23 15.24 5.10
C VAL B 121 10.15 14.79 4.13
N SER B 122 8.97 15.41 4.19
CA SER B 122 7.89 15.03 3.30
C SER B 122 8.24 15.24 1.82
N PHE B 123 9.13 16.17 1.53
CA PHE B 123 9.52 16.40 0.13
C PHE B 123 10.37 15.23 -0.36
N GLU B 124 11.07 14.58 0.57
CA GLU B 124 11.93 13.45 0.22
C GLU B 124 11.17 12.13 0.16
N ILE B 125 10.16 11.98 1.02
CA ILE B 125 9.35 10.77 1.05
C ILE B 125 7.87 11.15 1.01
N PRO B 126 7.42 11.73 -0.11
CA PRO B 126 6.01 12.14 -0.27
C PRO B 126 5.02 11.00 -0.22
N ASP B 127 5.33 9.91 -0.93
CA ASP B 127 4.44 8.76 -0.96
C ASP B 127 4.19 8.16 0.42
N TYR B 128 5.26 7.87 1.16
CA TYR B 128 5.10 7.32 2.50
C TYR B 128 4.33 8.30 3.38
N THR B 129 4.71 9.58 3.30
CA THR B 129 4.05 10.61 4.09
C THR B 129 2.56 10.65 3.83
N ALA B 130 2.18 10.62 2.56
CA ALA B 130 0.77 10.67 2.18
C ALA B 130 0.02 9.44 2.69
N ASP B 131 0.64 8.27 2.57
CA ASP B 131 0.02 7.03 3.02
C ASP B 131 -0.26 7.06 4.52
N VAL B 132 0.58 7.74 5.28
CA VAL B 132 0.41 7.82 6.73
C VAL B 132 -0.45 8.99 7.19
N VAL B 133 -0.15 10.17 6.67
CA VAL B 133 -0.87 11.39 7.06
C VAL B 133 -2.25 11.55 6.45
N ALA B 134 -2.41 11.12 5.20
CA ALA B 134 -3.69 11.25 4.53
C ALA B 134 -4.50 9.95 4.61
N THR B 135 -4.10 8.95 3.84
CA THR B 135 -4.80 7.68 3.84
C THR B 135 -4.82 7.02 5.22
N GLY B 136 -3.73 7.21 5.98
CA GLY B 136 -3.65 6.63 7.32
C GLY B 136 -4.77 7.15 8.19
N ALA B 137 -5.05 8.44 8.08
CA ALA B 137 -6.11 9.06 8.85
C ALA B 137 -7.46 8.49 8.40
N LEU B 138 -7.57 8.19 7.11
CA LEU B 138 -8.79 7.63 6.57
C LEU B 138 -8.96 6.19 7.08
N ARG B 139 -7.86 5.44 7.14
CA ARG B 139 -7.93 4.07 7.63
C ARG B 139 -8.48 4.04 9.06
N LEU B 140 -8.01 4.97 9.89
CA LEU B 140 -8.46 5.03 11.28
C LEU B 140 -9.94 5.40 11.34
N LEU B 141 -10.30 6.47 10.64
CA LEU B 141 -11.69 6.91 10.58
C LEU B 141 -12.60 5.74 10.20
N GLU B 142 -12.22 5.05 9.12
CA GLU B 142 -13.00 3.92 8.63
C GLU B 142 -13.01 2.74 9.60
N ALA B 143 -11.94 2.58 10.35
CA ALA B 143 -11.85 1.50 11.32
C ALA B 143 -12.80 1.83 12.48
N VAL B 144 -12.85 3.10 12.86
CA VAL B 144 -13.71 3.54 13.95
C VAL B 144 -15.17 3.47 13.53
N ARG B 145 -15.48 3.82 12.28
CA ARG B 145 -16.85 3.77 11.81
C ARG B 145 -17.34 2.33 11.78
N SER B 146 -16.55 1.45 11.20
CA SER B 146 -16.90 0.03 11.11
C SER B 146 -17.11 -0.57 12.49
N HIS B 147 -16.29 -0.15 13.44
CA HIS B 147 -16.38 -0.65 14.81
C HIS B 147 -17.69 -0.24 15.47
N THR B 148 -17.99 1.06 15.44
CA THR B 148 -19.21 1.57 16.06
C THR B 148 -20.47 0.95 15.47
N ILE B 149 -20.45 0.65 14.18
CA ILE B 149 -21.61 0.06 13.53
C ILE B 149 -21.75 -1.43 13.83
N ASP B 150 -20.63 -2.15 13.78
CA ASP B 150 -20.63 -3.58 14.04
C ASP B 150 -20.90 -3.91 15.51
N SER B 151 -20.52 -3.03 16.42
CA SER B 151 -20.70 -3.25 17.85
C SER B 151 -21.73 -2.34 18.51
N GLY B 152 -22.19 -1.32 17.78
CA GLY B 152 -23.16 -0.40 18.33
C GLY B 152 -22.60 0.58 19.35
N ARG B 153 -21.28 0.64 19.49
CA ARG B 153 -20.68 1.55 20.45
C ARG B 153 -20.56 2.96 19.90
N THR B 154 -20.19 3.91 20.75
CA THR B 154 -20.03 5.30 20.35
C THR B 154 -18.59 5.77 20.60
N VAL B 155 -18.04 6.51 19.65
CA VAL B 155 -16.68 7.00 19.76
C VAL B 155 -16.53 8.46 19.34
N LYS B 156 -15.75 9.22 20.09
CA LYS B 156 -15.49 10.61 19.74
C LYS B 156 -14.10 10.63 19.12
N TYR B 157 -13.98 11.31 17.98
CA TYR B 157 -12.72 11.33 17.24
C TYR B 157 -12.05 12.69 17.09
N TYR B 158 -10.74 12.71 17.28
CA TYR B 158 -9.95 13.93 17.12
C TYR B 158 -8.89 13.73 16.05
N GLN B 159 -8.79 14.68 15.12
CA GLN B 159 -7.80 14.63 14.05
C GLN B 159 -6.79 15.76 14.25
N ALA B 160 -5.51 15.41 14.30
CA ALA B 160 -4.46 16.40 14.51
C ALA B 160 -4.21 17.26 13.26
N GLY B 161 -5.00 18.31 13.12
CA GLY B 161 -4.85 19.21 11.99
C GLY B 161 -3.66 20.14 12.20
N SER B 162 -3.25 20.84 11.14
CA SER B 162 -2.10 21.73 11.23
C SER B 162 -2.25 23.05 10.49
N SER B 163 -1.65 24.09 11.04
CA SER B 163 -1.67 25.40 10.44
C SER B 163 -0.96 25.33 9.09
N GLU B 164 -0.16 24.28 8.93
CA GLU B 164 0.58 24.05 7.70
C GLU B 164 -0.36 23.92 6.51
N MET B 165 -1.62 23.58 6.79
CA MET B 165 -2.61 23.42 5.73
C MET B 165 -2.90 24.76 5.04
N PHE B 166 -2.82 25.85 5.79
CA PHE B 166 -3.07 27.18 5.23
C PHE B 166 -2.01 27.53 4.20
N GLY B 167 -0.82 26.98 4.39
CA GLY B 167 0.27 27.23 3.46
C GLY B 167 0.62 28.68 3.24
N SER B 168 0.52 29.12 1.98
CA SER B 168 0.84 30.49 1.63
C SER B 168 -0.30 31.48 1.84
N THR B 169 -1.48 30.98 2.21
CA THR B 169 -2.59 31.89 2.44
C THR B 169 -2.15 32.87 3.52
N PRO B 170 -2.34 34.18 3.27
CA PRO B 170 -1.95 35.23 4.21
C PRO B 170 -2.63 35.20 5.58
N PRO B 171 -1.89 35.56 6.64
CA PRO B 171 -2.41 35.59 8.01
C PRO B 171 -3.22 36.85 8.26
N PRO B 172 -4.00 36.88 9.36
CA PRO B 172 -4.11 35.79 10.32
C PRO B 172 -5.05 34.73 9.77
N GLN B 173 -4.78 33.47 10.09
CA GLN B 173 -5.61 32.37 9.59
C GLN B 173 -6.57 31.80 10.64
N SER B 174 -7.83 31.67 10.26
CA SER B 174 -8.87 31.13 11.13
C SER B 174 -9.49 29.89 10.49
N GLU B 175 -10.52 29.34 11.12
CA GLU B 175 -11.21 28.14 10.62
C GLU B 175 -11.77 28.29 9.21
N THR B 176 -12.01 29.53 8.80
CA THR B 176 -12.59 29.79 7.47
C THR B 176 -11.56 30.21 6.45
N THR B 177 -10.29 30.23 6.83
CA THR B 177 -9.23 30.63 5.92
C THR B 177 -8.96 29.49 4.94
N PRO B 178 -8.94 29.79 3.64
CA PRO B 178 -8.69 28.78 2.61
C PRO B 178 -7.31 28.12 2.71
N PHE B 179 -7.21 26.87 2.27
CA PHE B 179 -5.94 26.16 2.30
C PHE B 179 -5.19 26.38 1.00
N HIS B 180 -3.86 26.34 1.08
CA HIS B 180 -2.98 26.42 -0.08
C HIS B 180 -1.70 25.77 0.39
N PRO B 181 -1.73 24.45 0.62
CA PRO B 181 -0.58 23.69 1.09
C PRO B 181 0.67 23.88 0.23
N ARG B 182 1.80 23.96 0.91
CA ARG B 182 3.08 24.19 0.24
C ARG B 182 4.06 23.01 0.31
N SER B 183 3.57 21.84 0.73
CA SER B 183 4.41 20.64 0.81
C SER B 183 3.52 19.40 0.76
N PRO B 184 4.12 18.22 0.53
CA PRO B 184 3.32 16.99 0.46
C PRO B 184 2.64 16.73 1.81
N TYR B 185 3.35 17.04 2.89
CA TYR B 185 2.81 16.88 4.24
C TYR B 185 1.55 17.73 4.41
N ALA B 186 1.66 19.00 4.09
CA ALA B 186 0.52 19.91 4.23
C ALA B 186 -0.66 19.46 3.37
N ALA B 187 -0.38 19.08 2.12
CA ALA B 187 -1.45 18.62 1.24
C ALA B 187 -2.08 17.35 1.82
N SER B 188 -1.28 16.53 2.49
CA SER B 188 -1.80 15.31 3.09
C SER B 188 -2.63 15.63 4.34
N LYS B 189 -2.27 16.70 5.05
CA LYS B 189 -3.03 17.08 6.23
C LYS B 189 -4.39 17.60 5.80
N CYS B 190 -4.41 18.35 4.69
CA CYS B 190 -5.68 18.88 4.17
C CYS B 190 -6.60 17.71 3.81
N ALA B 191 -6.02 16.67 3.22
CA ALA B 191 -6.79 15.49 2.85
C ALA B 191 -7.35 14.84 4.10
N ALA B 192 -6.51 14.70 5.12
CA ALA B 192 -6.94 14.11 6.37
C ALA B 192 -8.05 14.99 6.97
N HIS B 193 -7.90 16.29 6.81
CA HIS B 193 -8.89 17.24 7.32
C HIS B 193 -10.22 17.00 6.64
N TRP B 194 -10.19 16.83 5.32
CA TRP B 194 -11.42 16.61 4.57
C TRP B 194 -12.04 15.22 4.78
N TYR B 195 -11.22 14.21 5.02
CA TYR B 195 -11.75 12.87 5.26
C TYR B 195 -12.53 12.91 6.58
N THR B 196 -11.94 13.59 7.57
CA THR B 196 -12.54 13.73 8.88
C THR B 196 -13.85 14.50 8.81
N VAL B 197 -13.83 15.67 8.19
CA VAL B 197 -15.04 16.46 8.05
C VAL B 197 -16.12 15.63 7.36
N ASN B 198 -15.73 14.85 6.36
CA ASN B 198 -16.66 14.02 5.61
C ASN B 198 -17.32 12.94 6.45
N TYR B 199 -16.53 12.27 7.31
CA TYR B 199 -17.10 11.21 8.14
C TYR B 199 -18.06 11.80 9.18
N ARG B 200 -17.85 13.06 9.52
CA ARG B 200 -18.71 13.76 10.48
C ARG B 200 -20.03 14.10 9.80
N GLU B 201 -19.94 14.70 8.62
CA GLU B 201 -21.10 15.12 7.85
C GLU B 201 -21.88 13.96 7.24
N ALA B 202 -21.16 12.93 6.79
CA ALA B 202 -21.81 11.79 6.15
C ALA B 202 -22.36 10.72 7.08
N TYR B 203 -21.68 10.46 8.20
CA TYR B 203 -22.11 9.42 9.11
C TYR B 203 -22.52 9.90 10.50
N GLY B 204 -22.35 11.18 10.76
CA GLY B 204 -22.70 11.72 12.07
C GLY B 204 -21.66 11.39 13.13
N LEU B 205 -20.47 10.99 12.68
CA LEU B 205 -19.40 10.67 13.61
C LEU B 205 -18.98 11.93 14.36
N PHE B 206 -18.81 11.82 15.68
CA PHE B 206 -18.39 12.97 16.47
C PHE B 206 -16.88 13.10 16.22
N ALA B 207 -16.54 13.79 15.14
CA ALA B 207 -15.15 13.98 14.75
C ALA B 207 -14.81 15.46 14.68
N CYS B 208 -13.72 15.83 15.34
CA CYS B 208 -13.28 17.22 15.35
C CYS B 208 -11.91 17.34 14.72
N ASN B 209 -11.67 18.49 14.11
CA ASN B 209 -10.37 18.77 13.50
C ASN B 209 -9.74 19.86 14.33
N GLY B 210 -8.60 19.55 14.93
CA GLY B 210 -7.90 20.54 15.72
C GLY B 210 -6.90 21.16 14.77
N ILE B 211 -7.11 22.42 14.38
CA ILE B 211 -6.19 23.09 13.48
C ILE B 211 -5.16 23.81 14.33
N LEU B 212 -4.19 23.06 14.82
CA LEU B 212 -3.17 23.62 15.68
C LEU B 212 -1.99 24.22 14.95
N PHE B 213 -1.51 25.35 15.48
CA PHE B 213 -0.35 26.02 14.92
C PHE B 213 0.84 25.47 15.66
N ASN B 214 2.03 25.78 15.17
CA ASN B 214 3.26 25.28 15.80
C ASN B 214 3.24 25.35 17.32
N HIS B 215 3.51 24.21 17.96
CA HIS B 215 3.59 24.19 19.40
C HIS B 215 4.86 23.41 19.76
N GLU B 216 5.66 24.00 20.65
CA GLU B 216 6.92 23.42 21.07
C GLU B 216 6.95 23.04 22.54
N SER B 217 8.06 22.46 22.96
CA SER B 217 8.25 22.02 24.33
C SER B 217 9.66 21.43 24.47
N PRO B 218 10.05 21.06 25.69
CA PRO B 218 11.39 20.49 25.87
C PRO B 218 11.46 19.09 25.27
N ARG B 219 10.33 18.58 24.80
CA ARG B 219 10.24 17.25 24.20
C ARG B 219 10.08 17.31 22.69
N ARG B 220 10.16 18.52 22.14
CA ARG B 220 10.03 18.71 20.70
C ARG B 220 11.11 17.95 19.94
N GLY B 221 10.76 17.41 18.78
CA GLY B 221 11.74 16.70 17.98
C GLY B 221 12.93 17.59 17.69
N GLU B 222 14.13 17.05 17.84
CA GLU B 222 15.34 17.81 17.63
C GLU B 222 15.58 18.31 16.21
N ASN B 223 14.82 17.80 15.25
CA ASN B 223 14.99 18.21 13.85
C ASN B 223 14.12 19.41 13.48
N PHE B 224 13.29 19.86 14.43
CA PHE B 224 12.46 21.03 14.20
C PHE B 224 13.28 22.23 14.68
N VAL B 225 13.16 23.35 13.99
CA VAL B 225 13.94 24.56 14.29
C VAL B 225 14.05 25.01 15.74
N THR B 226 12.95 25.07 16.48
CA THR B 226 13.01 25.52 17.86
C THR B 226 13.86 24.63 18.74
N ARG B 227 13.64 23.31 18.66
CA ARG B 227 14.40 22.37 19.46
C ARG B 227 15.84 22.31 18.97
N LYS B 228 16.01 22.32 17.66
CA LYS B 228 17.34 22.27 17.08
C LYS B 228 18.18 23.44 17.61
N ILE B 229 17.55 24.59 17.80
CA ILE B 229 18.25 25.76 18.30
C ILE B 229 18.61 25.67 19.78
N THR B 230 17.61 25.43 20.63
CA THR B 230 17.86 25.35 22.07
C THR B 230 18.80 24.19 22.43
N ARG B 231 18.74 23.12 21.65
CA ARG B 231 19.61 21.97 21.91
C ARG B 231 21.04 22.38 21.60
N ALA B 232 21.24 23.01 20.44
CA ALA B 232 22.56 23.47 20.01
C ALA B 232 23.06 24.55 20.96
N LEU B 233 22.17 25.46 21.34
CA LEU B 233 22.54 26.55 22.25
C LEU B 233 23.10 25.99 23.55
N GLY B 234 22.35 25.07 24.16
CA GLY B 234 22.77 24.45 25.39
C GLY B 234 24.16 23.83 25.30
N ARG B 235 24.44 23.17 24.19
CA ARG B 235 25.75 22.56 23.99
C ARG B 235 26.84 23.61 23.87
N ILE B 236 26.51 24.70 23.17
CA ILE B 236 27.46 25.79 22.98
C ILE B 236 27.80 26.44 24.32
N LYS B 237 26.78 26.62 25.16
CA LYS B 237 26.98 27.25 26.46
C LYS B 237 27.94 26.45 27.33
N VAL B 238 27.99 25.13 27.12
CA VAL B 238 28.88 24.28 27.91
C VAL B 238 30.13 23.86 27.15
N GLY B 239 30.32 24.42 25.96
CA GLY B 239 31.50 24.11 25.17
C GLY B 239 31.55 22.78 24.46
N LEU B 240 30.39 22.19 24.18
CA LEU B 240 30.36 20.90 23.48
C LEU B 240 30.12 21.07 21.98
N GLN B 241 29.70 22.28 21.58
CA GLN B 241 29.43 22.58 20.19
C GLN B 241 29.85 24.03 19.95
N THR B 242 30.16 24.38 18.71
CA THR B 242 30.58 25.76 18.42
C THR B 242 29.84 26.39 17.25
N LYS B 243 29.34 25.57 16.34
CA LYS B 243 28.63 26.08 15.17
C LYS B 243 27.23 25.48 15.02
N LEU B 244 26.29 26.33 14.63
CA LEU B 244 24.90 25.92 14.44
C LEU B 244 24.47 26.27 13.02
N PHE B 245 23.99 25.28 12.28
CA PHE B 245 23.57 25.51 10.91
C PHE B 245 22.04 25.56 10.78
N LEU B 246 21.56 26.63 10.15
CA LEU B 246 20.13 26.82 9.95
C LEU B 246 19.84 27.24 8.52
N GLY B 247 18.56 27.35 8.19
CA GLY B 247 18.18 27.74 6.85
C GLY B 247 17.58 29.15 6.81
N ASN B 248 16.28 29.21 6.57
CA ASN B 248 15.55 30.46 6.50
C ASN B 248 15.17 31.04 7.86
N LEU B 249 15.84 32.12 8.25
CA LEU B 249 15.61 32.77 9.54
C LEU B 249 14.47 33.78 9.53
N GLN B 250 14.04 34.18 8.34
CA GLN B 250 12.97 35.16 8.20
C GLN B 250 11.56 34.59 8.29
N ALA B 251 11.43 33.26 8.27
CA ALA B 251 10.11 32.65 8.36
C ALA B 251 9.51 33.00 9.72
N SER B 252 8.22 33.30 9.74
CA SER B 252 7.54 33.65 10.98
C SER B 252 6.50 32.59 11.36
N ARG B 253 6.44 32.28 12.65
CA ARG B 253 5.51 31.27 13.14
C ARG B 253 4.84 31.67 14.44
N ASP B 254 3.68 31.06 14.68
CA ASP B 254 2.91 31.28 15.89
C ASP B 254 3.27 30.06 16.75
N TRP B 255 4.11 30.29 17.76
CA TRP B 255 4.59 29.21 18.64
C TRP B 255 3.94 29.14 20.02
N GLY B 256 3.24 28.05 20.28
CA GLY B 256 2.61 27.85 21.56
C GLY B 256 3.29 26.71 22.29
N PHE B 257 2.78 26.37 23.47
CA PHE B 257 3.34 25.28 24.27
C PHE B 257 2.46 24.05 24.16
N ALA B 258 3.07 22.94 23.71
CA ALA B 258 2.35 21.68 23.53
C ALA B 258 1.53 21.27 24.76
N GLY B 259 2.05 21.57 25.95
CA GLY B 259 1.34 21.22 27.15
C GLY B 259 -0.01 21.92 27.21
N ASP B 260 -0.05 23.15 26.72
CA ASP B 260 -1.28 23.93 26.70
C ASP B 260 -2.25 23.40 25.64
N TYR B 261 -1.72 23.11 24.46
CA TYR B 261 -2.51 22.64 23.33
C TYR B 261 -3.22 21.29 23.48
N VAL B 262 -2.57 20.33 24.13
CA VAL B 262 -3.21 19.03 24.31
C VAL B 262 -4.51 19.17 25.09
N GLU B 263 -4.59 20.20 25.93
CA GLU B 263 -5.79 20.44 26.72
C GLU B 263 -6.93 20.83 25.79
N ALA B 264 -6.61 21.58 24.74
CA ALA B 264 -7.58 22.02 23.75
C ALA B 264 -8.14 20.85 22.95
N MET B 265 -7.30 19.85 22.70
CA MET B 265 -7.73 18.68 21.95
C MET B 265 -8.83 18.00 22.76
N TRP B 266 -8.59 17.92 24.07
CA TRP B 266 -9.53 17.30 25.01
C TRP B 266 -10.82 18.09 25.08
N LEU B 267 -10.72 19.41 25.21
CA LEU B 267 -11.89 20.26 25.29
C LEU B 267 -12.82 20.05 24.10
N MET B 268 -12.25 20.07 22.90
CA MET B 268 -13.00 19.88 21.68
C MET B 268 -13.95 18.68 21.76
N LEU B 269 -13.46 17.57 22.30
CA LEU B 269 -14.26 16.36 22.41
C LEU B 269 -15.28 16.37 23.55
N GLN B 270 -15.26 17.41 24.39
CA GLN B 270 -16.21 17.48 25.50
C GLN B 270 -17.43 18.30 25.13
N GLN B 271 -17.35 19.06 24.04
CA GLN B 271 -18.47 19.88 23.60
C GLN B 271 -19.67 19.03 23.22
N GLU B 272 -20.83 19.68 23.09
CA GLU B 272 -22.06 19.00 22.74
C GLU B 272 -22.05 18.49 21.31
N LYS B 273 -21.50 19.28 20.40
CA LYS B 273 -21.42 18.90 19.00
C LYS B 273 -20.00 19.02 18.44
N PRO B 274 -19.64 18.15 17.49
CA PRO B 274 -18.30 18.18 16.88
C PRO B 274 -18.08 19.44 16.05
N ASP B 275 -16.83 19.85 15.90
CA ASP B 275 -16.53 21.05 15.12
C ASP B 275 -15.01 21.18 14.94
N ASP B 276 -14.59 22.17 14.18
CA ASP B 276 -13.17 22.40 13.93
C ASP B 276 -12.73 23.70 14.60
N TYR B 277 -11.56 23.67 15.24
CA TYR B 277 -11.07 24.85 15.93
C TYR B 277 -9.61 25.12 15.69
N VAL B 278 -9.26 26.40 15.58
CA VAL B 278 -7.88 26.81 15.43
C VAL B 278 -7.35 27.02 16.84
N VAL B 279 -6.16 26.49 17.12
CA VAL B 279 -5.55 26.64 18.44
C VAL B 279 -4.21 27.31 18.22
N ALA B 280 -4.07 28.53 18.73
CA ALA B 280 -2.83 29.28 18.57
C ALA B 280 -2.72 30.35 19.66
N THR B 281 -1.59 31.07 19.66
CA THR B 281 -1.35 32.13 20.63
C THR B 281 -1.68 33.46 19.99
N GLU B 282 -1.86 33.44 18.67
CA GLU B 282 -2.19 34.63 17.90
C GLU B 282 -1.03 35.61 17.90
N GLU B 283 0.13 35.14 18.35
CA GLU B 283 1.33 35.95 18.40
C GLU B 283 2.33 35.31 17.45
N GLY B 284 2.92 36.10 16.57
CA GLY B 284 3.88 35.55 15.62
C GLY B 284 5.29 36.05 15.83
N HIS B 285 6.26 35.21 15.51
CA HIS B 285 7.67 35.56 15.66
C HIS B 285 8.49 34.86 14.59
N THR B 286 9.59 35.49 14.19
CA THR B 286 10.47 34.92 13.19
C THR B 286 11.45 33.99 13.87
N VAL B 287 12.16 33.20 13.08
CA VAL B 287 13.14 32.28 13.63
C VAL B 287 14.28 33.10 14.21
N GLU B 288 14.56 34.25 13.59
CA GLU B 288 15.62 35.14 14.06
C GLU B 288 15.34 35.65 15.47
N GLU B 289 14.08 36.00 15.73
CA GLU B 289 13.70 36.49 17.05
C GLU B 289 13.84 35.37 18.08
N PHE B 290 13.65 34.13 17.62
CA PHE B 290 13.77 32.98 18.50
C PHE B 290 15.23 32.89 18.91
N LEU B 291 16.12 33.17 17.96
CA LEU B 291 17.55 33.15 18.20
C LEU B 291 17.93 34.26 19.16
N ASP B 292 17.40 35.46 18.95
CA ASP B 292 17.71 36.58 19.81
C ASP B 292 17.35 36.26 21.25
N VAL B 293 16.11 35.85 21.46
CA VAL B 293 15.62 35.52 22.79
C VAL B 293 16.38 34.38 23.45
N SER B 294 16.49 33.24 22.76
CA SER B 294 17.18 32.08 23.33
C SER B 294 18.65 32.38 23.67
N PHE B 295 19.45 32.71 22.67
CA PHE B 295 20.86 33.00 22.93
C PHE B 295 21.03 34.18 23.90
N GLY B 296 20.30 35.26 23.67
CA GLY B 296 20.40 36.42 24.55
C GLY B 296 20.11 36.05 26.00
N TYR B 297 19.21 35.10 26.20
CA TYR B 297 18.85 34.66 27.55
C TYR B 297 20.05 34.08 28.31
N LEU B 298 21.05 33.60 27.56
CA LEU B 298 22.24 33.02 28.16
C LEU B 298 23.46 33.92 27.98
N GLY B 299 23.22 35.14 27.52
CA GLY B 299 24.31 36.09 27.33
C GLY B 299 25.24 35.82 26.16
N LEU B 300 24.69 35.36 25.04
CA LEU B 300 25.51 35.09 23.86
C LEU B 300 24.91 35.75 22.63
N ASN B 301 25.74 35.96 21.62
CA ASN B 301 25.31 36.56 20.36
C ASN B 301 25.22 35.41 19.36
N TRP B 302 24.01 35.00 19.01
CA TRP B 302 23.85 33.89 18.08
C TRP B 302 24.60 34.10 16.78
N LYS B 303 24.80 35.37 16.40
CA LYS B 303 25.51 35.68 15.17
C LYS B 303 26.94 35.13 15.19
N ASP B 304 27.43 34.77 16.39
CA ASP B 304 28.77 34.23 16.52
C ASP B 304 28.84 32.74 16.24
N TYR B 305 27.69 32.07 16.27
CA TYR B 305 27.67 30.63 16.05
C TYR B 305 26.85 30.15 14.86
N VAL B 306 25.78 30.87 14.57
CA VAL B 306 24.91 30.48 13.46
C VAL B 306 25.51 30.68 12.07
N GLU B 307 25.24 29.72 11.19
CA GLU B 307 25.70 29.76 9.80
C GLU B 307 24.54 29.24 8.95
N ILE B 308 24.43 29.73 7.72
CA ILE B 308 23.34 29.32 6.85
C ILE B 308 23.74 28.30 5.78
N ASP B 309 22.91 27.26 5.64
CA ASP B 309 23.15 26.21 4.64
C ASP B 309 21.88 26.01 3.83
N GLN B 310 22.00 26.16 2.50
CA GLN B 310 20.88 26.02 1.58
C GLN B 310 20.14 24.69 1.72
N ARG B 311 20.83 23.68 2.26
CA ARG B 311 20.25 22.35 2.45
C ARG B 311 19.05 22.36 3.40
N TYR B 312 18.90 23.42 4.18
CA TYR B 312 17.79 23.51 5.11
C TYR B 312 16.63 24.31 4.57
N PHE B 313 16.81 24.83 3.36
CA PHE B 313 15.76 25.58 2.70
C PHE B 313 14.86 24.56 2.03
N ARG B 314 13.57 24.82 2.01
CA ARG B 314 12.63 23.89 1.40
C ARG B 314 12.19 24.31 0.00
N PRO B 315 11.83 23.34 -0.86
CA PRO B 315 11.40 23.60 -2.23
C PRO B 315 10.32 24.68 -2.31
N ALA B 316 9.35 24.60 -1.41
CA ALA B 316 8.26 25.57 -1.33
C ALA B 316 8.14 25.89 0.15
N GLU B 317 8.28 27.16 0.49
CA GLU B 317 8.25 27.59 1.88
C GLU B 317 6.93 28.19 2.34
N VAL B 318 6.75 28.19 3.66
CA VAL B 318 5.57 28.75 4.31
C VAL B 318 6.11 29.97 5.05
N ASP B 319 5.85 31.15 4.50
CA ASP B 319 6.34 32.40 5.07
C ASP B 319 5.78 32.90 6.40
N ASN B 320 4.48 33.07 6.51
CA ASN B 320 3.92 33.64 7.73
C ASN B 320 2.67 32.97 8.29
N LEU B 321 2.81 32.33 9.43
CA LEU B 321 1.66 31.68 10.05
C LEU B 321 1.34 32.34 11.40
N GLN B 322 0.10 32.83 11.50
CA GLN B 322 -0.37 33.45 12.73
C GLN B 322 -1.86 33.17 12.79
N GLY B 323 -2.28 32.43 13.80
CA GLY B 323 -3.68 32.08 13.91
C GLY B 323 -4.59 33.01 14.68
N ASP B 324 -5.88 32.83 14.44
CA ASP B 324 -6.94 33.57 15.09
C ASP B 324 -7.70 32.50 15.85
N ALA B 325 -7.50 32.46 17.17
CA ALA B 325 -8.14 31.45 18.00
C ALA B 325 -9.39 31.94 18.71
N SER B 326 -10.05 32.93 18.13
CA SER B 326 -11.28 33.49 18.71
C SER B 326 -12.32 32.42 19.02
N LYS B 327 -12.54 31.51 18.08
CA LYS B 327 -13.52 30.46 18.25
C LYS B 327 -13.20 29.50 19.40
N ALA B 328 -11.92 29.19 19.59
CA ALA B 328 -11.51 28.30 20.66
C ALA B 328 -11.74 28.99 22.00
N LYS B 329 -11.33 30.26 22.07
CA LYS B 329 -11.48 31.04 23.28
C LYS B 329 -12.96 31.15 23.65
N GLU B 330 -13.79 31.56 22.69
CA GLU B 330 -15.20 31.73 22.94
C GLU B 330 -15.99 30.45 23.16
N VAL B 331 -15.68 29.40 22.39
CA VAL B 331 -16.42 28.14 22.53
C VAL B 331 -15.82 27.16 23.54
N LEU B 332 -14.51 27.00 23.53
CA LEU B 332 -13.86 26.06 24.44
C LEU B 332 -13.37 26.79 25.69
N GLY B 333 -13.35 28.10 25.64
CA GLY B 333 -12.86 28.87 26.77
C GLY B 333 -11.35 28.69 26.86
N TRP B 334 -10.78 28.04 25.85
CA TRP B 334 -9.35 27.78 25.85
C TRP B 334 -8.51 29.03 25.59
N LYS B 335 -7.40 29.11 26.31
CA LYS B 335 -6.47 30.21 26.18
C LYS B 335 -5.10 29.67 26.55
N PRO B 336 -4.06 30.04 25.78
CA PRO B 336 -2.71 29.55 26.08
C PRO B 336 -2.21 30.19 27.37
N GLN B 337 -1.58 29.41 28.23
CA GLN B 337 -1.06 29.91 29.49
C GLN B 337 0.40 30.31 29.36
N VAL B 338 1.14 29.61 28.51
CA VAL B 338 2.55 29.90 28.31
C VAL B 338 2.76 30.81 27.11
N GLY B 339 3.42 31.93 27.33
CA GLY B 339 3.69 32.87 26.25
C GLY B 339 5.00 32.56 25.57
N PHE B 340 5.28 33.27 24.48
CA PHE B 340 6.50 33.07 23.72
C PHE B 340 7.80 33.09 24.52
N GLU B 341 8.06 34.19 25.22
CA GLU B 341 9.28 34.33 26.01
C GLU B 341 9.44 33.21 27.03
N LYS B 342 8.36 32.89 27.75
CA LYS B 342 8.41 31.84 28.75
C LYS B 342 8.67 30.47 28.10
N LEU B 343 8.11 30.26 26.91
CA LEU B 343 8.30 29.00 26.19
C LEU B 343 9.77 28.86 25.77
N VAL B 344 10.32 29.92 25.18
CA VAL B 344 11.70 29.90 24.75
C VAL B 344 12.64 29.64 25.93
N LYS B 345 12.40 30.35 27.03
CA LYS B 345 13.24 30.20 28.22
C LYS B 345 13.07 28.80 28.83
N MET B 346 11.87 28.25 28.71
CA MET B 346 11.59 26.92 29.24
C MET B 346 12.41 25.88 28.49
N MET B 347 12.45 26.02 27.18
CA MET B 347 13.19 25.09 26.34
C MET B 347 14.70 25.25 26.54
N VAL B 348 15.15 26.48 26.71
CA VAL B 348 16.57 26.73 26.93
C VAL B 348 17.03 26.14 28.26
N ASP B 349 16.24 26.34 29.30
CA ASP B 349 16.58 25.82 30.62
C ASP B 349 16.71 24.29 30.60
N GLU B 350 15.73 23.62 29.97
CA GLU B 350 15.73 22.17 29.87
C GLU B 350 16.89 21.63 29.06
N ASP B 351 17.13 22.22 27.89
CA ASP B 351 18.23 21.77 27.04
C ASP B 351 19.58 22.14 27.61
N LEU B 352 19.62 23.14 28.50
CA LEU B 352 20.88 23.53 29.12
C LEU B 352 21.22 22.44 30.13
N GLU B 353 20.21 22.02 30.88
CA GLU B 353 20.37 20.96 31.86
C GLU B 353 20.84 19.70 31.14
N LEU B 354 20.27 19.47 29.95
CA LEU B 354 20.61 18.31 29.15
C LEU B 354 22.08 18.38 28.74
N ALA B 355 22.48 19.54 28.25
CA ALA B 355 23.87 19.75 27.82
C ALA B 355 24.81 19.54 28.99
N LYS B 356 24.44 20.05 30.17
CA LYS B 356 25.27 19.89 31.35
C LYS B 356 25.39 18.42 31.72
N ARG B 357 24.30 17.68 31.54
CA ARG B 357 24.30 16.25 31.86
C ARG B 357 25.31 15.55 30.95
N GLU B 358 25.36 15.97 29.70
CA GLU B 358 26.28 15.39 28.73
C GLU B 358 27.69 15.83 29.05
N LYS B 359 27.81 17.05 29.56
CA LYS B 359 29.10 17.60 29.94
C LYS B 359 29.70 16.76 31.06
N VAL B 360 28.87 16.36 32.01
CA VAL B 360 29.33 15.54 33.12
C VAL B 360 29.86 14.20 32.61
N LEU B 361 29.17 13.61 31.64
CA LEU B 361 29.61 12.34 31.08
C LEU B 361 30.93 12.48 30.35
N VAL B 362 31.13 13.59 29.65
CA VAL B 362 32.39 13.81 28.94
C VAL B 362 33.50 14.00 29.97
N ASP B 363 33.23 14.84 30.97
CA ASP B 363 34.19 15.11 32.03
C ASP B 363 34.61 13.85 32.76
N ALA B 364 33.64 12.98 33.05
CA ALA B 364 33.91 11.74 33.76
C ALA B 364 34.52 10.68 32.84
N GLY B 365 34.74 11.07 31.58
CA GLY B 365 35.33 10.16 30.61
C GLY B 365 34.41 9.08 30.12
N TYR B 366 33.11 9.17 30.40
CA TYR B 366 32.16 8.16 29.95
C TYR B 366 31.64 8.41 28.54
N MET B 367 31.59 9.67 28.15
CA MET B 367 31.12 10.04 26.82
C MET B 367 32.31 10.50 25.99
N ASP B 368 32.33 10.12 24.71
CA ASP B 368 33.41 10.52 23.83
C ASP B 368 33.14 11.91 23.25
N ARG C 28 -29.08 -22.21 6.80
CA ARG C 28 -28.49 -22.12 5.43
C ARG C 28 -27.06 -21.57 5.48
N LYS C 29 -26.10 -22.38 5.03
CA LYS C 29 -24.69 -21.97 5.03
C LYS C 29 -24.43 -20.72 4.19
N ILE C 30 -23.46 -19.93 4.63
CA ILE C 30 -23.08 -18.71 3.92
C ILE C 30 -21.62 -18.78 3.52
N ALA C 31 -21.38 -18.67 2.22
CA ALA C 31 -20.03 -18.71 1.69
C ALA C 31 -19.63 -17.36 1.11
N LEU C 32 -18.43 -16.90 1.43
CA LEU C 32 -17.92 -15.64 0.89
C LEU C 32 -16.80 -16.04 -0.07
N ILE C 33 -16.96 -15.66 -1.33
CA ILE C 33 -15.96 -15.98 -2.34
C ILE C 33 -15.25 -14.74 -2.88
N THR C 34 -13.92 -14.70 -2.73
CA THR C 34 -13.15 -13.59 -3.28
C THR C 34 -12.77 -14.09 -4.66
N GLY C 35 -12.70 -13.20 -5.65
CA GLY C 35 -12.36 -13.60 -7.00
C GLY C 35 -13.50 -14.39 -7.63
N ILE C 36 -14.72 -14.01 -7.27
CA ILE C 36 -15.91 -14.68 -7.75
C ILE C 36 -16.16 -14.46 -9.25
N THR C 37 -15.64 -13.36 -9.81
CA THR C 37 -15.83 -13.07 -11.23
C THR C 37 -14.92 -13.92 -12.12
N GLY C 38 -13.89 -14.52 -11.52
CA GLY C 38 -12.98 -15.35 -12.28
C GLY C 38 -13.56 -16.69 -12.69
N GLN C 39 -12.78 -17.47 -13.43
CA GLN C 39 -13.21 -18.80 -13.89
C GLN C 39 -13.76 -19.64 -12.74
N ASP C 40 -12.87 -20.02 -11.83
CA ASP C 40 -13.23 -20.85 -10.68
C ASP C 40 -14.38 -20.26 -9.87
N GLY C 41 -14.35 -18.95 -9.68
CA GLY C 41 -15.40 -18.29 -8.91
C GLY C 41 -16.79 -18.55 -9.47
N SER C 42 -16.93 -18.50 -10.80
CA SER C 42 -18.23 -18.72 -11.44
C SER C 42 -18.71 -20.16 -11.24
N TYR C 43 -17.83 -21.13 -11.45
CA TYR C 43 -18.21 -22.52 -11.26
C TYR C 43 -18.52 -22.79 -9.79
N LEU C 44 -17.61 -22.41 -8.90
CA LEU C 44 -17.81 -22.64 -7.47
C LEU C 44 -19.14 -22.05 -6.99
N THR C 45 -19.52 -20.90 -7.52
CA THR C 45 -20.77 -20.26 -7.14
C THR C 45 -21.96 -21.13 -7.51
N GLU C 46 -21.95 -21.67 -8.72
CA GLU C 46 -23.02 -22.53 -9.19
C GLU C 46 -23.09 -23.77 -8.30
N PHE C 47 -21.93 -24.40 -8.09
CA PHE C 47 -21.84 -25.59 -7.26
C PHE C 47 -22.40 -25.39 -5.87
N LEU C 48 -22.01 -24.28 -5.22
CA LEU C 48 -22.48 -24.00 -3.88
C LEU C 48 -23.97 -23.67 -3.83
N LEU C 49 -24.47 -22.98 -4.85
CA LEU C 49 -25.89 -22.66 -4.89
C LEU C 49 -26.66 -23.97 -4.99
N GLY C 50 -26.13 -24.89 -5.79
CA GLY C 50 -26.76 -26.18 -5.96
C GLY C 50 -26.82 -26.95 -4.64
N LYS C 51 -26.03 -26.52 -3.67
CA LYS C 51 -25.99 -27.16 -2.36
C LYS C 51 -26.82 -26.35 -1.37
N GLY C 52 -27.55 -25.36 -1.87
CA GLY C 52 -28.39 -24.53 -1.02
C GLY C 52 -27.67 -23.44 -0.24
N TYR C 53 -26.46 -23.10 -0.67
CA TYR C 53 -25.69 -22.06 0.00
C TYR C 53 -26.16 -20.64 -0.36
N GLU C 54 -25.86 -19.71 0.53
CA GLU C 54 -26.15 -18.31 0.30
C GLU C 54 -24.73 -17.86 -0.10
N VAL C 55 -24.56 -17.44 -1.34
CA VAL C 55 -23.24 -17.05 -1.81
C VAL C 55 -23.02 -15.55 -1.95
N HIS C 56 -21.95 -15.08 -1.32
CA HIS C 56 -21.56 -13.68 -1.37
C HIS C 56 -20.20 -13.62 -2.06
N GLY C 57 -20.05 -12.67 -2.97
CA GLY C 57 -18.79 -12.54 -3.67
C GLY C 57 -18.24 -11.13 -3.57
N LEU C 58 -16.92 -10.99 -3.57
CA LEU C 58 -16.32 -9.68 -3.50
C LEU C 58 -15.84 -9.36 -4.90
N ILE C 59 -16.24 -8.20 -5.43
CA ILE C 59 -15.83 -7.81 -6.77
C ILE C 59 -15.12 -6.45 -6.80
N ARG C 60 -14.26 -6.28 -7.79
CA ARG C 60 -13.54 -5.04 -7.96
C ARG C 60 -14.37 -4.06 -8.77
N ARG C 61 -14.25 -2.78 -8.46
CA ARG C 61 -14.96 -1.78 -9.23
C ARG C 61 -14.15 -1.66 -10.53
N SER C 62 -14.82 -1.53 -11.66
CA SER C 62 -14.13 -1.39 -12.94
C SER C 62 -14.93 -0.47 -13.84
N SER C 63 -14.25 0.21 -14.76
CA SER C 63 -14.94 1.12 -15.67
C SER C 63 -15.78 0.35 -16.69
N ASN C 64 -15.57 -0.95 -16.78
CA ASN C 64 -16.32 -1.80 -17.69
C ASN C 64 -17.01 -2.96 -16.99
N PHE C 65 -17.91 -3.60 -17.73
CA PHE C 65 -18.65 -4.76 -17.27
C PHE C 65 -17.57 -5.80 -16.88
N ASN C 66 -17.72 -6.43 -15.72
CA ASN C 66 -16.71 -7.42 -15.31
C ASN C 66 -17.32 -8.69 -14.71
N THR C 67 -18.63 -8.85 -14.88
CA THR C 67 -19.33 -10.02 -14.36
C THR C 67 -19.83 -10.93 -15.47
N GLN C 68 -19.11 -10.99 -16.57
CA GLN C 68 -19.48 -11.82 -17.70
C GLN C 68 -19.73 -13.28 -17.36
N ARG C 69 -18.88 -13.85 -16.50
CA ARG C 69 -19.01 -15.26 -16.13
C ARG C 69 -20.12 -15.60 -15.16
N ILE C 70 -20.62 -14.61 -14.42
CA ILE C 70 -21.65 -14.90 -13.43
C ILE C 70 -22.99 -14.21 -13.63
N ASN C 71 -23.07 -13.34 -14.64
CA ASN C 71 -24.31 -12.63 -14.90
C ASN C 71 -25.50 -13.55 -15.12
N HIS C 72 -25.26 -14.71 -15.73
CA HIS C 72 -26.32 -15.68 -16.01
C HIS C 72 -26.84 -16.36 -14.73
N ILE C 73 -25.99 -16.42 -13.71
CA ILE C 73 -26.37 -17.06 -12.45
C ILE C 73 -27.62 -16.42 -11.86
N TYR C 74 -28.03 -15.28 -12.41
CA TYR C 74 -29.23 -14.61 -11.93
C TYR C 74 -30.47 -15.31 -12.51
N ILE C 75 -30.49 -15.53 -13.82
CA ILE C 75 -31.62 -16.18 -14.47
C ILE C 75 -31.63 -17.69 -14.16
N LYS C 82 -33.76 -15.50 -6.41
CA LYS C 82 -33.94 -14.06 -6.26
C LYS C 82 -32.62 -13.38 -5.90
N ALA C 83 -31.97 -13.88 -4.87
CA ALA C 83 -30.70 -13.32 -4.43
C ALA C 83 -29.93 -14.21 -3.44
N LEU C 84 -29.47 -15.36 -3.93
CA LEU C 84 -28.68 -16.27 -3.13
C LEU C 84 -27.23 -16.02 -3.49
N MET C 85 -27.03 -15.03 -4.37
CA MET C 85 -25.71 -14.62 -4.80
C MET C 85 -25.67 -13.11 -4.69
N LYS C 86 -24.94 -12.62 -3.70
CA LYS C 86 -24.81 -11.18 -3.48
C LYS C 86 -23.37 -10.75 -3.77
N LEU C 87 -23.22 -9.65 -4.51
CA LEU C 87 -21.90 -9.14 -4.86
C LEU C 87 -21.61 -7.86 -4.09
N HIS C 88 -20.38 -7.72 -3.61
CA HIS C 88 -19.98 -6.55 -2.85
C HIS C 88 -18.63 -6.00 -3.32
N TYR C 89 -18.49 -4.68 -3.28
CA TYR C 89 -17.26 -4.01 -3.68
C TYR C 89 -16.20 -4.12 -2.60
N ALA C 90 -15.02 -4.61 -3.00
CA ALA C 90 -13.89 -4.76 -2.10
C ALA C 90 -12.63 -4.98 -2.94
N ASP C 91 -11.49 -5.14 -2.29
CA ASP C 91 -10.22 -5.37 -2.99
C ASP C 91 -9.23 -6.00 -2.04
N LEU C 92 -8.47 -6.98 -2.51
CA LEU C 92 -7.49 -7.66 -1.67
C LEU C 92 -6.35 -6.77 -1.18
N THR C 93 -6.25 -5.56 -1.73
CA THR C 93 -5.20 -4.64 -1.29
C THR C 93 -5.80 -3.65 -0.28
N ASP C 94 -7.07 -3.87 0.06
CA ASP C 94 -7.78 -3.01 0.99
C ASP C 94 -8.31 -3.85 2.17
N ALA C 95 -7.53 -3.91 3.24
CA ALA C 95 -7.88 -4.68 4.43
C ALA C 95 -9.24 -4.29 5.04
N SER C 96 -9.54 -3.00 5.10
CA SER C 96 -10.81 -2.54 5.65
C SER C 96 -11.99 -3.09 4.85
N SER C 97 -11.88 -3.05 3.53
CA SER C 97 -12.96 -3.55 2.68
C SER C 97 -13.23 -5.04 2.92
N LEU C 98 -12.19 -5.79 3.26
CA LEU C 98 -12.35 -7.22 3.51
C LEU C 98 -13.09 -7.48 4.84
N ARG C 99 -12.59 -6.88 5.92
CA ARG C 99 -13.20 -7.05 7.23
C ARG C 99 -14.64 -6.55 7.23
N ARG C 100 -14.88 -5.45 6.51
CA ARG C 100 -16.20 -4.84 6.41
C ARG C 100 -17.28 -5.82 5.99
N TRP C 101 -17.06 -6.53 4.89
CA TRP C 101 -18.05 -7.46 4.40
C TRP C 101 -18.07 -8.76 5.20
N ILE C 102 -16.97 -9.08 5.84
CA ILE C 102 -16.93 -10.29 6.65
C ILE C 102 -17.83 -10.08 7.87
N ASP C 103 -17.81 -8.88 8.43
CA ASP C 103 -18.65 -8.57 9.60
C ASP C 103 -20.12 -8.55 9.24
N VAL C 104 -20.44 -7.91 8.12
CA VAL C 104 -21.81 -7.81 7.66
C VAL C 104 -22.37 -9.16 7.19
N ILE C 105 -21.53 -9.93 6.51
CA ILE C 105 -21.95 -11.22 5.98
C ILE C 105 -21.90 -12.36 6.98
N LYS C 106 -20.94 -12.34 7.90
CA LYS C 106 -20.81 -13.39 8.89
C LYS C 106 -20.88 -14.75 8.17
N PRO C 107 -19.91 -15.02 7.29
CA PRO C 107 -19.86 -16.27 6.52
C PRO C 107 -19.41 -17.48 7.33
N ASP C 108 -19.78 -18.66 6.84
CA ASP C 108 -19.41 -19.93 7.46
C ASP C 108 -18.20 -20.49 6.74
N GLU C 109 -18.09 -20.17 5.46
CA GLU C 109 -16.98 -20.62 4.64
C GLU C 109 -16.41 -19.48 3.80
N VAL C 110 -15.09 -19.42 3.71
CA VAL C 110 -14.42 -18.39 2.93
C VAL C 110 -13.45 -19.03 1.93
N TYR C 111 -13.62 -18.68 0.67
CA TYR C 111 -12.80 -19.19 -0.42
C TYR C 111 -12.03 -18.04 -1.04
N ASN C 112 -10.72 -18.01 -0.83
CA ASN C 112 -9.89 -16.96 -1.39
C ASN C 112 -9.38 -17.38 -2.77
N LEU C 113 -10.11 -17.00 -3.79
CA LEU C 113 -9.76 -17.33 -5.15
C LEU C 113 -9.21 -16.11 -5.88
N ALA C 114 -9.35 -14.94 -5.26
CA ALA C 114 -8.89 -13.69 -5.85
C ALA C 114 -7.39 -13.64 -6.09
N ALA C 115 -7.00 -13.10 -7.24
CA ALA C 115 -5.57 -12.99 -7.56
C ALA C 115 -5.30 -12.45 -8.96
N GLN C 116 -4.08 -11.94 -9.13
CA GLN C 116 -3.60 -11.48 -10.43
C GLN C 116 -3.02 -12.86 -10.80
N SER C 117 -3.83 -13.67 -11.46
CA SER C 117 -3.44 -15.04 -11.79
C SER C 117 -2.58 -15.36 -13.01
N HIS C 118 -2.27 -14.37 -13.84
CA HIS C 118 -1.46 -14.65 -15.00
C HIS C 118 0.03 -14.58 -14.70
N VAL C 119 0.72 -15.69 -14.95
CA VAL C 119 2.15 -15.80 -14.70
C VAL C 119 2.99 -14.82 -15.51
N ALA C 120 2.77 -14.75 -16.81
CA ALA C 120 3.54 -13.85 -17.68
C ALA C 120 3.39 -12.41 -17.19
N VAL C 121 2.16 -12.02 -16.88
CA VAL C 121 1.91 -10.66 -16.41
C VAL C 121 2.58 -10.38 -15.07
N SER C 122 2.76 -11.41 -14.24
CA SER C 122 3.38 -11.21 -12.94
C SER C 122 4.82 -10.71 -13.05
N PHE C 123 5.51 -11.03 -14.15
CA PHE C 123 6.88 -10.56 -14.31
C PHE C 123 6.87 -9.07 -14.62
N GLU C 124 5.75 -8.58 -15.16
CA GLU C 124 5.62 -7.16 -15.51
C GLU C 124 5.21 -6.26 -14.35
N ILE C 125 4.30 -6.77 -13.51
CA ILE C 125 3.81 -6.06 -12.34
C ILE C 125 4.00 -6.93 -11.10
N PRO C 126 5.26 -7.22 -10.74
CA PRO C 126 5.55 -8.05 -9.56
C PRO C 126 5.06 -7.48 -8.23
N ASP C 127 5.30 -6.20 -8.00
CA ASP C 127 4.88 -5.54 -6.77
C ASP C 127 3.38 -5.69 -6.54
N TYR C 128 2.57 -5.30 -7.52
CA TYR C 128 1.12 -5.41 -7.41
C TYR C 128 0.69 -6.87 -7.22
N THR C 129 1.28 -7.77 -8.01
CA THR C 129 0.95 -9.18 -7.93
C THR C 129 1.20 -9.72 -6.53
N ALA C 130 2.37 -9.43 -5.97
CA ALA C 130 2.71 -9.89 -4.65
C ALA C 130 1.73 -9.34 -3.61
N ASP C 131 1.32 -8.08 -3.79
CA ASP C 131 0.42 -7.45 -2.84
C ASP C 131 -0.98 -8.06 -2.84
N VAL C 132 -1.41 -8.58 -3.99
CA VAL C 132 -2.71 -9.21 -4.09
C VAL C 132 -2.65 -10.70 -3.74
N VAL C 133 -1.70 -11.40 -4.34
CA VAL C 133 -1.54 -12.84 -4.15
C VAL C 133 -0.95 -13.26 -2.81
N ALA C 134 0.05 -12.54 -2.33
CA ALA C 134 0.70 -12.88 -1.07
C ALA C 134 0.12 -12.13 0.14
N THR C 135 0.35 -10.82 0.21
CA THR C 135 -0.16 -10.04 1.33
C THR C 135 -1.68 -9.99 1.34
N GLY C 136 -2.28 -10.01 0.15
CA GLY C 136 -3.73 -9.98 0.05
C GLY C 136 -4.33 -11.18 0.75
N ALA C 137 -3.71 -12.35 0.56
CA ALA C 137 -4.19 -13.57 1.19
C ALA C 137 -4.06 -13.44 2.70
N LEU C 138 -2.95 -12.83 3.14
CA LEU C 138 -2.71 -12.65 4.57
C LEU C 138 -3.74 -11.68 5.15
N ARG C 139 -4.08 -10.64 4.40
CA ARG C 139 -5.07 -9.67 4.87
C ARG C 139 -6.41 -10.37 5.14
N LEU C 140 -6.81 -11.25 4.21
CA LEU C 140 -8.06 -11.97 4.36
C LEU C 140 -8.01 -12.86 5.60
N LEU C 141 -6.92 -13.62 5.71
CA LEU C 141 -6.70 -14.52 6.84
C LEU C 141 -6.84 -13.76 8.16
N GLU C 142 -6.11 -12.64 8.27
CA GLU C 142 -6.11 -11.82 9.47
C GLU C 142 -7.48 -11.19 9.74
N ALA C 143 -8.22 -10.88 8.68
CA ALA C 143 -9.56 -10.28 8.83
C ALA C 143 -10.52 -11.34 9.34
N VAL C 144 -10.35 -12.57 8.86
CA VAL C 144 -11.20 -13.67 9.30
C VAL C 144 -10.91 -13.96 10.78
N ARG C 145 -9.63 -14.09 11.12
CA ARG C 145 -9.23 -14.37 12.49
C ARG C 145 -9.69 -13.26 13.44
N SER C 146 -9.57 -12.01 13.01
CA SER C 146 -9.99 -10.89 13.85
C SER C 146 -11.49 -10.93 14.06
N HIS C 147 -12.21 -11.37 13.02
CA HIS C 147 -13.66 -11.48 13.05
C HIS C 147 -14.10 -12.56 14.03
N THR C 148 -13.50 -13.73 13.94
CA THR C 148 -13.86 -14.83 14.83
C THR C 148 -13.58 -14.52 16.30
N ILE C 149 -12.49 -13.80 16.55
CA ILE C 149 -12.14 -13.45 17.92
C ILE C 149 -13.05 -12.36 18.46
N ASP C 150 -13.54 -11.50 17.56
CA ASP C 150 -14.42 -10.42 17.97
C ASP C 150 -15.87 -10.84 18.13
N SER C 151 -16.31 -11.81 17.32
CA SER C 151 -17.69 -12.26 17.37
C SER C 151 -17.86 -13.67 17.93
N GLY C 152 -16.76 -14.33 18.27
CA GLY C 152 -16.84 -15.68 18.79
C GLY C 152 -17.32 -16.67 17.76
N ARG C 153 -17.55 -16.19 16.54
CA ARG C 153 -18.01 -17.06 15.46
C ARG C 153 -16.89 -17.99 14.98
N THR C 154 -17.26 -18.95 14.14
CA THR C 154 -16.32 -19.91 13.60
C THR C 154 -16.41 -19.88 12.08
N VAL C 155 -15.25 -19.84 11.42
CA VAL C 155 -15.22 -19.79 9.96
C VAL C 155 -14.23 -20.79 9.40
N LYS C 156 -14.60 -21.42 8.28
CA LYS C 156 -13.72 -22.36 7.62
C LYS C 156 -13.13 -21.58 6.45
N TYR C 157 -11.85 -21.81 6.16
CA TYR C 157 -11.15 -21.06 5.12
C TYR C 157 -10.40 -21.89 4.08
N TYR C 158 -10.57 -21.51 2.81
CA TYR C 158 -9.92 -22.18 1.69
C TYR C 158 -8.96 -21.22 0.98
N GLN C 159 -7.75 -21.68 0.69
CA GLN C 159 -6.77 -20.88 -0.03
C GLN C 159 -6.48 -21.53 -1.37
N ALA C 160 -6.61 -20.76 -2.44
CA ALA C 160 -6.35 -21.28 -3.78
C ALA C 160 -4.86 -21.38 -4.08
N GLY C 161 -4.28 -22.53 -3.75
CA GLY C 161 -2.86 -22.76 -4.01
C GLY C 161 -2.71 -23.22 -5.44
N SER C 162 -1.48 -23.22 -5.95
CA SER C 162 -1.22 -23.60 -7.33
C SER C 162 0.00 -24.49 -7.54
N SER C 163 -0.09 -25.36 -8.54
CA SER C 163 1.01 -26.25 -8.88
C SER C 163 2.22 -25.44 -9.33
N GLU C 164 1.98 -24.17 -9.62
CA GLU C 164 3.04 -23.28 -10.06
C GLU C 164 4.05 -23.11 -8.93
N MET C 165 3.63 -23.41 -7.70
CA MET C 165 4.53 -23.29 -6.55
C MET C 165 5.68 -24.28 -6.64
N PHE C 166 5.45 -25.44 -7.23
CA PHE C 166 6.50 -26.44 -7.38
C PHE C 166 7.53 -25.96 -8.38
N GLY C 167 7.09 -25.10 -9.29
CA GLY C 167 7.99 -24.56 -10.29
C GLY C 167 8.81 -25.61 -11.02
N SER C 168 10.14 -25.47 -10.95
CA SER C 168 11.06 -26.38 -11.62
C SER C 168 11.26 -27.74 -10.97
N THR C 169 10.63 -27.98 -9.83
CA THR C 169 10.77 -29.27 -9.16
C THR C 169 10.15 -30.33 -10.08
N PRO C 170 10.86 -31.45 -10.29
CA PRO C 170 10.40 -32.54 -11.15
C PRO C 170 9.12 -33.24 -10.70
N PRO C 171 8.32 -33.74 -11.66
CA PRO C 171 7.07 -34.44 -11.38
C PRO C 171 7.30 -35.93 -11.13
N PRO C 172 6.30 -36.63 -10.58
CA PRO C 172 5.00 -36.08 -10.21
C PRO C 172 5.10 -35.28 -8.91
N GLN C 173 4.38 -34.17 -8.83
CA GLN C 173 4.40 -33.34 -7.64
C GLN C 173 3.22 -33.65 -6.72
N SER C 174 3.51 -33.85 -5.44
CA SER C 174 2.48 -34.15 -4.44
C SER C 174 2.57 -33.11 -3.31
N GLU C 175 1.76 -33.30 -2.27
CA GLU C 175 1.76 -32.36 -1.15
C GLU C 175 3.11 -32.25 -0.44
N THR C 176 3.94 -33.25 -0.57
CA THR C 176 5.25 -33.23 0.10
C THR C 176 6.36 -32.75 -0.83
N THR C 177 6.03 -32.54 -2.10
CA THR C 177 7.01 -32.08 -3.06
C THR C 177 7.47 -30.65 -2.73
N PRO C 178 8.79 -30.41 -2.75
CA PRO C 178 9.34 -29.08 -2.44
C PRO C 178 9.06 -28.03 -3.51
N PHE C 179 8.92 -26.78 -3.06
CA PHE C 179 8.64 -25.67 -3.97
C PHE C 179 9.93 -25.05 -4.51
N HIS C 180 9.82 -24.50 -5.71
CA HIS C 180 10.93 -23.79 -6.35
C HIS C 180 10.27 -22.89 -7.40
N PRO C 181 9.55 -21.86 -6.93
CA PRO C 181 8.84 -20.90 -7.79
C PRO C 181 9.72 -20.29 -8.88
N ARG C 182 9.14 -20.14 -10.06
CA ARG C 182 9.87 -19.60 -11.20
C ARG C 182 9.33 -18.24 -11.66
N SER C 183 8.40 -17.67 -10.89
CA SER C 183 7.82 -16.37 -11.23
C SER C 183 7.35 -15.65 -9.96
N PRO C 184 7.24 -14.31 -10.02
CA PRO C 184 6.78 -13.55 -8.85
C PRO C 184 5.45 -14.10 -8.39
N TYR C 185 4.59 -14.45 -9.34
CA TYR C 185 3.28 -15.01 -9.04
C TYR C 185 3.45 -16.28 -8.20
N ALA C 186 4.31 -17.18 -8.67
CA ALA C 186 4.57 -18.45 -8.01
C ALA C 186 5.09 -18.25 -6.59
N ALA C 187 6.09 -17.37 -6.47
CA ALA C 187 6.68 -17.06 -5.18
C ALA C 187 5.60 -16.51 -4.24
N SER C 188 4.72 -15.68 -4.79
CA SER C 188 3.64 -15.10 -3.99
C SER C 188 2.63 -16.15 -3.54
N LYS C 189 2.36 -17.14 -4.40
CA LYS C 189 1.44 -18.21 -4.01
C LYS C 189 2.10 -19.03 -2.91
N CYS C 190 3.41 -19.17 -2.96
CA CYS C 190 4.12 -19.93 -1.92
C CYS C 190 3.98 -19.20 -0.58
N ALA C 191 4.02 -17.86 -0.64
CA ALA C 191 3.87 -17.05 0.56
C ALA C 191 2.48 -17.24 1.14
N ALA C 192 1.46 -17.12 0.30
CA ALA C 192 0.08 -17.28 0.74
C ALA C 192 -0.14 -18.67 1.33
N HIS C 193 0.50 -19.67 0.74
CA HIS C 193 0.40 -21.04 1.21
C HIS C 193 0.87 -21.11 2.65
N TRP C 194 2.05 -20.56 2.90
CA TRP C 194 2.64 -20.57 4.24
C TRP C 194 1.90 -19.70 5.24
N TYR C 195 1.36 -18.57 4.80
CA TYR C 195 0.63 -17.71 5.71
C TYR C 195 -0.58 -18.53 6.17
N THR C 196 -1.22 -19.21 5.23
CA THR C 196 -2.39 -20.03 5.49
C THR C 196 -2.07 -21.17 6.44
N VAL C 197 -0.98 -21.87 6.17
CA VAL C 197 -0.56 -22.97 7.02
C VAL C 197 -0.23 -22.45 8.40
N ASN C 198 0.39 -21.27 8.45
CA ASN C 198 0.78 -20.68 9.72
C ASN C 198 -0.44 -20.33 10.58
N TYR C 199 -1.50 -19.84 9.96
CA TYR C 199 -2.71 -19.49 10.71
C TYR C 199 -3.42 -20.73 11.24
N ARG C 200 -3.36 -21.81 10.48
CA ARG C 200 -3.99 -23.06 10.89
C ARG C 200 -3.25 -23.59 12.11
N GLU C 201 -1.93 -23.66 12.00
CA GLU C 201 -1.09 -24.16 13.08
C GLU C 201 -0.97 -23.24 14.29
N ALA C 202 -0.94 -21.93 14.04
CA ALA C 202 -0.80 -20.96 15.14
C ALA C 202 -2.09 -20.65 15.89
N TYR C 203 -3.18 -20.45 15.15
CA TYR C 203 -4.46 -20.13 15.78
C TYR C 203 -5.49 -21.24 15.71
N GLY C 204 -5.12 -22.38 15.13
CA GLY C 204 -6.07 -23.46 15.00
C GLY C 204 -7.20 -23.15 14.03
N LEU C 205 -7.01 -22.17 13.16
CA LEU C 205 -8.03 -21.81 12.18
C LEU C 205 -8.21 -22.96 11.18
N PHE C 206 -9.45 -23.24 10.80
CA PHE C 206 -9.71 -24.31 9.85
C PHE C 206 -9.41 -23.74 8.47
N ALA C 207 -8.15 -23.85 8.07
CA ALA C 207 -7.70 -23.33 6.78
C ALA C 207 -7.04 -24.41 5.94
N CYS C 208 -7.55 -24.62 4.74
CA CYS C 208 -7.00 -25.63 3.85
C CYS C 208 -6.35 -25.01 2.62
N ASN C 209 -5.30 -25.66 2.14
CA ASN C 209 -4.62 -25.21 0.95
C ASN C 209 -4.95 -26.17 -0.18
N GLY C 210 -5.64 -25.66 -1.19
CA GLY C 210 -5.95 -26.48 -2.33
C GLY C 210 -4.78 -26.27 -3.28
N ILE C 211 -3.98 -27.31 -3.50
CA ILE C 211 -2.86 -27.20 -4.41
C ILE C 211 -3.37 -27.70 -5.74
N LEU C 212 -4.14 -26.87 -6.43
CA LEU C 212 -4.71 -27.25 -7.71
C LEU C 212 -3.79 -27.06 -8.90
N PHE C 213 -3.81 -28.06 -9.78
CA PHE C 213 -2.99 -28.00 -10.98
C PHE C 213 -3.83 -27.31 -12.06
N ASN C 214 -3.20 -26.93 -13.17
CA ASN C 214 -3.91 -26.26 -14.25
C ASN C 214 -5.30 -26.83 -14.53
N HIS C 215 -6.32 -25.97 -14.48
CA HIS C 215 -7.66 -26.43 -14.80
C HIS C 215 -8.35 -25.43 -15.70
N GLU C 216 -8.76 -25.91 -16.88
CA GLU C 216 -9.40 -25.09 -17.89
C GLU C 216 -10.91 -25.31 -18.00
N SER C 217 -11.53 -24.52 -18.88
CA SER C 217 -12.96 -24.60 -19.12
C SER C 217 -13.30 -23.61 -20.21
N PRO C 218 -14.57 -23.57 -20.64
CA PRO C 218 -14.96 -22.62 -21.69
C PRO C 218 -14.98 -21.17 -21.16
N ARG C 219 -14.82 -21.01 -19.85
CA ARG C 219 -14.83 -19.70 -19.23
C ARG C 219 -13.42 -19.22 -18.90
N ARG C 220 -12.43 -20.05 -19.22
CA ARG C 220 -11.03 -19.75 -18.97
C ARG C 220 -10.63 -18.42 -19.62
N GLY C 221 -9.75 -17.68 -18.96
CA GLY C 221 -9.29 -16.41 -19.51
C GLY C 221 -8.64 -16.64 -20.86
N GLU C 222 -9.00 -15.81 -21.84
CA GLU C 222 -8.46 -15.95 -23.19
C GLU C 222 -6.97 -15.70 -23.35
N ASN C 223 -6.31 -15.23 -22.29
CA ASN C 223 -4.88 -14.97 -22.36
C ASN C 223 -4.04 -16.15 -21.88
N PHE C 224 -4.70 -17.20 -21.42
CA PHE C 224 -4.00 -18.40 -21.00
C PHE C 224 -3.93 -19.25 -22.28
N VAL C 225 -2.92 -20.11 -22.37
CA VAL C 225 -2.70 -20.92 -23.56
C VAL C 225 -3.83 -21.79 -24.09
N THR C 226 -4.53 -22.50 -23.20
CA THR C 226 -5.61 -23.37 -23.66
C THR C 226 -6.75 -22.62 -24.31
N ARG C 227 -7.25 -21.58 -23.63
CA ARG C 227 -8.35 -20.80 -24.17
C ARG C 227 -7.91 -20.02 -25.39
N LYS C 228 -6.68 -19.53 -25.35
CA LYS C 228 -6.15 -18.77 -26.46
C LYS C 228 -6.22 -19.62 -27.72
N ILE C 229 -5.85 -20.88 -27.58
CA ILE C 229 -5.85 -21.84 -28.68
C ILE C 229 -7.25 -22.13 -29.22
N THR C 230 -8.13 -22.63 -28.35
CA THR C 230 -9.48 -22.97 -28.78
C THR C 230 -10.24 -21.77 -29.35
N ARG C 231 -10.04 -20.58 -28.78
CA ARG C 231 -10.71 -19.38 -29.24
C ARG C 231 -10.26 -19.05 -30.65
N ALA C 232 -8.95 -19.08 -30.86
CA ALA C 232 -8.36 -18.81 -32.17
C ALA C 232 -8.75 -19.90 -33.15
N LEU C 233 -8.79 -21.14 -32.68
CA LEU C 233 -9.16 -22.27 -33.53
C LEU C 233 -10.56 -22.06 -34.09
N GLY C 234 -11.53 -21.92 -33.20
CA GLY C 234 -12.90 -21.72 -33.63
C GLY C 234 -13.04 -20.59 -34.64
N ARG C 235 -12.28 -19.53 -34.45
CA ARG C 235 -12.35 -18.39 -35.36
C ARG C 235 -11.65 -18.70 -36.69
N ILE C 236 -10.52 -19.38 -36.62
CA ILE C 236 -9.79 -19.76 -37.82
C ILE C 236 -10.69 -20.65 -38.68
N LYS C 237 -11.43 -21.53 -38.01
CA LYS C 237 -12.34 -22.47 -38.66
C LYS C 237 -13.49 -21.79 -39.40
N VAL C 238 -13.87 -20.59 -38.97
CA VAL C 238 -14.95 -19.87 -39.63
C VAL C 238 -14.46 -18.76 -40.55
N GLY C 239 -13.14 -18.62 -40.65
CA GLY C 239 -12.58 -17.60 -41.52
C GLY C 239 -12.37 -16.24 -40.87
N LEU C 240 -12.58 -16.16 -39.56
CA LEU C 240 -12.41 -14.91 -38.83
C LEU C 240 -10.95 -14.61 -38.52
N GLN C 241 -10.14 -15.65 -38.42
CA GLN C 241 -8.71 -15.49 -38.10
C GLN C 241 -7.87 -16.37 -39.02
N THR C 242 -6.61 -16.00 -39.23
CA THR C 242 -5.73 -16.78 -40.09
C THR C 242 -4.42 -17.22 -39.42
N LYS C 243 -3.90 -16.40 -38.51
CA LYS C 243 -2.66 -16.73 -37.82
C LYS C 243 -2.76 -16.69 -36.29
N LEU C 244 -2.20 -17.73 -35.66
CA LEU C 244 -2.19 -17.85 -34.20
C LEU C 244 -0.75 -17.82 -33.73
N PHE C 245 -0.42 -16.86 -32.87
CA PHE C 245 0.94 -16.73 -32.34
C PHE C 245 1.08 -17.30 -30.93
N LEU C 246 1.99 -18.24 -30.77
CA LEU C 246 2.23 -18.87 -29.48
C LEU C 246 3.68 -18.76 -29.04
N GLY C 247 3.97 -19.26 -27.84
CA GLY C 247 5.32 -19.23 -27.34
C GLY C 247 5.93 -20.62 -27.27
N ASN C 248 6.10 -21.12 -26.05
CA ASN C 248 6.69 -22.43 -25.80
C ASN C 248 5.67 -23.56 -25.95
N LEU C 249 5.86 -24.39 -26.97
CA LEU C 249 4.95 -25.50 -27.20
C LEU C 249 5.41 -26.75 -26.45
N GLN C 250 6.65 -26.72 -25.97
CA GLN C 250 7.23 -27.84 -25.24
C GLN C 250 6.62 -27.98 -23.84
N ALA C 251 6.19 -26.86 -23.28
CA ALA C 251 5.61 -26.85 -21.94
C ALA C 251 4.61 -27.98 -21.76
N SER C 252 4.79 -28.77 -20.69
CA SER C 252 3.89 -29.87 -20.39
C SER C 252 3.11 -29.52 -19.14
N ARG C 253 1.83 -29.83 -19.13
CA ARG C 253 0.98 -29.53 -18.00
C ARG C 253 -0.08 -30.59 -17.72
N ASP C 254 -0.61 -30.57 -16.51
CA ASP C 254 -1.65 -31.49 -16.06
C ASP C 254 -2.93 -30.66 -16.09
N TRP C 255 -3.68 -30.80 -17.18
CA TRP C 255 -4.93 -30.04 -17.39
C TRP C 255 -6.22 -30.76 -16.99
N GLY C 256 -6.99 -30.11 -16.14
CA GLY C 256 -8.26 -30.68 -15.69
C GLY C 256 -9.38 -29.70 -15.99
N PHE C 257 -10.61 -30.06 -15.60
CA PHE C 257 -11.77 -29.21 -15.84
C PHE C 257 -12.19 -28.47 -14.57
N ALA C 258 -12.14 -27.15 -14.64
CA ALA C 258 -12.49 -26.28 -13.52
C ALA C 258 -13.78 -26.72 -12.81
N GLY C 259 -14.76 -27.16 -13.58
CA GLY C 259 -16.02 -27.59 -13.00
C GLY C 259 -15.86 -28.72 -12.00
N ASP C 260 -14.90 -29.60 -12.27
CA ASP C 260 -14.61 -30.74 -11.39
C ASP C 260 -13.85 -30.29 -10.14
N TYR C 261 -12.86 -29.42 -10.36
CA TYR C 261 -12.00 -28.92 -9.30
C TYR C 261 -12.67 -28.10 -8.21
N VAL C 262 -13.68 -27.31 -8.55
CA VAL C 262 -14.36 -26.52 -7.52
C VAL C 262 -15.01 -27.41 -6.47
N GLU C 263 -15.36 -28.63 -6.86
CA GLU C 263 -15.99 -29.57 -5.94
C GLU C 263 -15.00 -29.99 -4.86
N ALA C 264 -13.74 -30.17 -5.26
CA ALA C 264 -12.69 -30.56 -4.32
C ALA C 264 -12.47 -29.49 -3.25
N MET C 265 -12.60 -28.23 -3.64
CA MET C 265 -12.42 -27.11 -2.71
C MET C 265 -13.44 -27.23 -1.58
N TRP C 266 -14.69 -27.47 -1.94
CA TRP C 266 -15.79 -27.61 -1.00
C TRP C 266 -15.59 -28.84 -0.11
N LEU C 267 -15.22 -29.96 -0.72
CA LEU C 267 -15.01 -31.19 0.04
C LEU C 267 -13.96 -30.95 1.12
N MET C 268 -12.84 -30.34 0.73
CA MET C 268 -11.76 -30.05 1.67
C MET C 268 -12.27 -29.42 2.96
N LEU C 269 -13.20 -28.48 2.84
CA LEU C 269 -13.75 -27.79 4.00
C LEU C 269 -14.85 -28.55 4.74
N GLN C 270 -15.28 -29.67 4.19
CA GLN C 270 -16.32 -30.46 4.82
C GLN C 270 -15.71 -31.55 5.71
N GLN C 271 -14.39 -31.71 5.64
CA GLN C 271 -13.69 -32.71 6.43
C GLN C 271 -13.68 -32.32 7.91
N GLU C 272 -13.23 -33.25 8.75
CA GLU C 272 -13.17 -33.03 10.19
C GLU C 272 -12.00 -32.12 10.52
N LYS C 273 -10.85 -32.37 9.90
CA LYS C 273 -9.65 -31.58 10.14
C LYS C 273 -9.17 -30.89 8.87
N PRO C 274 -8.59 -29.69 9.02
CA PRO C 274 -8.07 -28.93 7.87
C PRO C 274 -6.75 -29.52 7.41
N ASP C 275 -6.50 -29.47 6.11
CA ASP C 275 -5.27 -30.01 5.56
C ASP C 275 -5.03 -29.44 4.18
N ASP C 276 -3.95 -29.86 3.52
CA ASP C 276 -3.62 -29.38 2.19
C ASP C 276 -3.69 -30.56 1.22
N TYR C 277 -4.29 -30.34 0.05
CA TYR C 277 -4.42 -31.40 -0.93
C TYR C 277 -4.11 -30.98 -2.37
N VAL C 278 -3.46 -31.88 -3.09
CA VAL C 278 -3.14 -31.66 -4.49
C VAL C 278 -4.37 -32.17 -5.26
N VAL C 279 -4.89 -31.33 -6.16
CA VAL C 279 -6.03 -31.70 -6.98
C VAL C 279 -5.55 -31.64 -8.42
N ALA C 280 -5.52 -32.80 -9.08
CA ALA C 280 -5.06 -32.89 -10.45
C ALA C 280 -5.60 -34.15 -11.12
N THR C 281 -5.19 -34.39 -12.37
CA THR C 281 -5.65 -35.57 -13.11
C THR C 281 -4.53 -36.60 -13.22
N GLU C 282 -3.34 -36.25 -12.75
CA GLU C 282 -2.19 -37.15 -12.78
C GLU C 282 -1.80 -37.52 -14.20
N GLU C 283 -2.12 -36.63 -15.15
CA GLU C 283 -1.78 -36.86 -16.55
C GLU C 283 -1.27 -35.57 -17.19
N GLY C 284 -0.08 -35.64 -17.77
CA GLY C 284 0.49 -34.45 -18.38
C GLY C 284 0.54 -34.51 -19.90
N HIS C 285 0.26 -33.36 -20.52
CA HIS C 285 0.28 -33.24 -21.98
C HIS C 285 0.93 -31.92 -22.31
N THR C 286 1.62 -31.86 -23.44
CA THR C 286 2.27 -30.63 -23.84
C THR C 286 1.30 -29.73 -24.61
N VAL C 287 1.68 -28.48 -24.83
CA VAL C 287 0.84 -27.56 -25.57
C VAL C 287 0.67 -28.05 -27.01
N GLU C 288 1.70 -28.67 -27.55
CA GLU C 288 1.62 -29.19 -28.90
C GLU C 288 0.55 -30.25 -28.97
N GLU C 289 0.57 -31.16 -28.00
CA GLU C 289 -0.43 -32.21 -27.94
C GLU C 289 -1.80 -31.54 -27.92
N PHE C 290 -1.89 -30.42 -27.19
CA PHE C 290 -3.14 -29.68 -27.10
C PHE C 290 -3.48 -29.19 -28.51
N LEU C 291 -2.48 -28.67 -29.21
CA LEU C 291 -2.64 -28.17 -30.56
C LEU C 291 -3.01 -29.27 -31.56
N ASP C 292 -2.50 -30.48 -31.33
CA ASP C 292 -2.81 -31.60 -32.22
C ASP C 292 -4.27 -31.98 -32.04
N VAL C 293 -4.65 -32.27 -30.80
CA VAL C 293 -6.02 -32.67 -30.49
C VAL C 293 -7.07 -31.66 -30.93
N SER C 294 -6.93 -30.41 -30.48
CA SER C 294 -7.90 -29.38 -30.82
C SER C 294 -8.11 -29.18 -32.33
N PHE C 295 -7.08 -28.74 -33.04
CA PHE C 295 -7.20 -28.54 -34.48
C PHE C 295 -7.63 -29.80 -35.23
N GLY C 296 -6.97 -30.92 -34.95
CA GLY C 296 -7.29 -32.17 -35.61
C GLY C 296 -8.77 -32.49 -35.46
N TYR C 297 -9.33 -32.17 -34.30
CA TYR C 297 -10.74 -32.42 -34.03
C TYR C 297 -11.61 -31.72 -35.07
N LEU C 298 -11.06 -30.67 -35.68
CA LEU C 298 -11.78 -29.93 -36.71
C LEU C 298 -11.10 -30.17 -38.05
N GLY C 299 -10.40 -31.29 -38.15
CA GLY C 299 -9.72 -31.66 -39.37
C GLY C 299 -8.73 -30.62 -39.89
N LEU C 300 -8.09 -29.88 -38.99
CA LEU C 300 -7.12 -28.88 -39.41
C LEU C 300 -5.71 -29.22 -38.95
N ASN C 301 -4.72 -28.60 -39.57
CA ASN C 301 -3.33 -28.83 -39.22
C ASN C 301 -2.73 -27.56 -38.62
N TRP C 302 -2.70 -27.50 -37.29
CA TRP C 302 -2.20 -26.32 -36.59
C TRP C 302 -0.91 -25.75 -37.17
N LYS C 303 -0.06 -26.62 -37.70
CA LYS C 303 1.21 -26.16 -38.28
C LYS C 303 0.97 -25.21 -39.45
N ASP C 304 -0.27 -25.17 -39.94
CA ASP C 304 -0.62 -24.29 -41.05
C ASP C 304 -0.99 -22.88 -40.59
N TYR C 305 -1.30 -22.72 -39.31
CA TYR C 305 -1.70 -21.41 -38.80
C TYR C 305 -0.88 -20.88 -37.63
N VAL C 306 -0.11 -21.75 -36.98
CA VAL C 306 0.68 -21.32 -35.82
C VAL C 306 2.06 -20.75 -36.16
N GLU C 307 2.48 -19.79 -35.35
CA GLU C 307 3.78 -19.16 -35.49
C GLU C 307 4.32 -18.87 -34.09
N ILE C 308 5.63 -18.81 -33.95
CA ILE C 308 6.24 -18.58 -32.64
C ILE C 308 6.81 -17.17 -32.46
N ASP C 309 6.36 -16.51 -31.40
CA ASP C 309 6.81 -15.16 -31.08
C ASP C 309 7.51 -15.17 -29.72
N GLN C 310 8.74 -14.70 -29.69
CA GLN C 310 9.53 -14.65 -28.46
C GLN C 310 8.81 -13.94 -27.31
N ARG C 311 8.01 -12.94 -27.64
CA ARG C 311 7.28 -12.17 -26.64
C ARG C 311 6.44 -13.05 -25.71
N TYR C 312 6.07 -14.24 -26.15
CA TYR C 312 5.24 -15.13 -25.34
C TYR C 312 6.02 -16.10 -24.47
N PHE C 313 7.34 -15.92 -24.41
CA PHE C 313 8.18 -16.76 -23.58
C PHE C 313 8.33 -16.04 -22.25
N ARG C 314 8.39 -16.81 -21.17
CA ARG C 314 8.54 -16.24 -19.84
C ARG C 314 10.03 -16.16 -19.51
N PRO C 315 10.44 -15.15 -18.74
CA PRO C 315 11.85 -14.96 -18.35
C PRO C 315 12.43 -16.21 -17.71
N ALA C 316 11.58 -16.95 -17.01
CA ALA C 316 11.95 -18.19 -16.36
C ALA C 316 10.73 -19.09 -16.55
N GLU C 317 10.95 -20.26 -17.15
CA GLU C 317 9.85 -21.18 -17.45
C GLU C 317 9.69 -22.33 -16.49
N VAL C 318 8.48 -22.89 -16.50
CA VAL C 318 8.10 -24.04 -15.70
C VAL C 318 7.92 -25.17 -16.73
N ASP C 319 8.89 -26.08 -16.77
CA ASP C 319 8.89 -27.18 -17.74
C ASP C 319 7.83 -28.27 -17.68
N ASN C 320 7.82 -29.05 -16.60
CA ASN C 320 6.88 -30.15 -16.51
C ASN C 320 6.10 -30.24 -15.21
N LEU C 321 4.78 -30.20 -15.31
CA LEU C 321 3.91 -30.30 -14.14
C LEU C 321 2.91 -31.42 -14.28
N GLN C 322 2.94 -32.35 -13.33
CA GLN C 322 2.02 -33.48 -13.31
C GLN C 322 1.80 -33.83 -11.85
N GLY C 323 0.54 -33.80 -11.42
CA GLY C 323 0.25 -34.08 -10.03
C GLY C 323 0.04 -35.51 -9.58
N ASP C 324 0.07 -35.66 -8.26
CA ASP C 324 -0.13 -36.93 -7.58
C ASP C 324 -1.27 -36.61 -6.61
N ALA C 325 -2.50 -36.92 -7.02
CA ALA C 325 -3.69 -36.64 -6.22
C ALA C 325 -4.19 -37.81 -5.40
N SER C 326 -3.27 -38.68 -5.02
CA SER C 326 -3.64 -39.85 -4.23
C SER C 326 -4.32 -39.45 -2.94
N LYS C 327 -3.82 -38.40 -2.30
CA LYS C 327 -4.39 -37.93 -1.04
C LYS C 327 -5.82 -37.43 -1.19
N ALA C 328 -6.11 -36.75 -2.29
CA ALA C 328 -7.47 -36.24 -2.52
C ALA C 328 -8.45 -37.39 -2.71
N LYS C 329 -8.06 -38.38 -3.51
CA LYS C 329 -8.90 -39.54 -3.76
C LYS C 329 -9.18 -40.32 -2.48
N GLU C 330 -8.11 -40.69 -1.78
CA GLU C 330 -8.23 -41.46 -0.55
C GLU C 330 -8.97 -40.76 0.60
N VAL C 331 -8.69 -39.47 0.80
CA VAL C 331 -9.31 -38.73 1.89
C VAL C 331 -10.63 -38.03 1.53
N LEU C 332 -10.62 -37.26 0.44
CA LEU C 332 -11.81 -36.53 0.02
C LEU C 332 -12.72 -37.36 -0.86
N GLY C 333 -12.18 -38.42 -1.45
CA GLY C 333 -12.97 -39.25 -2.32
C GLY C 333 -13.21 -38.50 -3.61
N TRP C 334 -12.25 -37.65 -3.97
CA TRP C 334 -12.37 -36.85 -5.19
C TRP C 334 -11.65 -37.50 -6.37
N LYS C 335 -12.30 -37.45 -7.53
CA LYS C 335 -11.75 -38.01 -8.75
C LYS C 335 -12.21 -37.14 -9.91
N PRO C 336 -11.30 -36.82 -10.84
CA PRO C 336 -11.68 -35.98 -11.98
C PRO C 336 -12.58 -36.75 -12.95
N GLN C 337 -13.75 -36.19 -13.26
CA GLN C 337 -14.67 -36.84 -14.18
C GLN C 337 -14.35 -36.58 -15.65
N VAL C 338 -13.87 -35.38 -15.97
CA VAL C 338 -13.54 -35.04 -17.35
C VAL C 338 -12.07 -35.29 -17.68
N GLY C 339 -11.84 -36.07 -18.73
CA GLY C 339 -10.48 -36.36 -19.15
C GLY C 339 -9.93 -35.33 -20.10
N PHE C 340 -8.64 -35.43 -20.41
CA PHE C 340 -7.99 -34.49 -21.32
C PHE C 340 -8.73 -34.30 -22.63
N GLU C 341 -8.81 -35.37 -23.42
CA GLU C 341 -9.49 -35.33 -24.71
C GLU C 341 -10.84 -34.64 -24.60
N LYS C 342 -11.67 -35.12 -23.67
CA LYS C 342 -13.00 -34.56 -23.46
C LYS C 342 -12.94 -33.06 -23.15
N LEU C 343 -11.95 -32.65 -22.36
CA LEU C 343 -11.80 -31.25 -21.98
C LEU C 343 -11.51 -30.42 -23.22
N VAL C 344 -10.48 -30.82 -23.98
CA VAL C 344 -10.09 -30.12 -25.18
C VAL C 344 -11.24 -30.00 -26.17
N LYS C 345 -11.96 -31.10 -26.35
CA LYS C 345 -13.09 -31.11 -27.28
C LYS C 345 -14.26 -30.31 -26.73
N MET C 346 -14.37 -30.23 -25.41
CA MET C 346 -15.44 -29.47 -24.78
C MET C 346 -15.16 -27.98 -25.00
N MET C 347 -13.90 -27.60 -24.87
CA MET C 347 -13.51 -26.22 -25.07
C MET C 347 -13.59 -25.81 -26.53
N VAL C 348 -13.13 -26.68 -27.43
CA VAL C 348 -13.18 -26.37 -28.86
C VAL C 348 -14.63 -26.21 -29.33
N ASP C 349 -15.50 -27.09 -28.88
CA ASP C 349 -16.91 -27.01 -29.27
C ASP C 349 -17.51 -25.65 -28.91
N GLU C 350 -17.26 -25.21 -27.68
CA GLU C 350 -17.79 -23.94 -27.20
C GLU C 350 -17.28 -22.74 -28.00
N ASP C 351 -15.96 -22.65 -28.12
CA ASP C 351 -15.36 -21.56 -28.84
C ASP C 351 -15.69 -21.59 -30.33
N LEU C 352 -15.99 -22.78 -30.85
CA LEU C 352 -16.35 -22.90 -32.27
C LEU C 352 -17.72 -22.28 -32.44
N GLU C 353 -18.64 -22.69 -31.56
CA GLU C 353 -19.99 -22.18 -31.58
C GLU C 353 -19.95 -20.67 -31.32
N LEU C 354 -18.99 -20.25 -30.50
CA LEU C 354 -18.84 -18.84 -30.17
C LEU C 354 -18.37 -18.09 -31.40
N ALA C 355 -17.40 -18.67 -32.10
CA ALA C 355 -16.86 -18.05 -33.30
C ALA C 355 -17.92 -17.96 -34.40
N LYS C 356 -18.76 -18.99 -34.50
CA LYS C 356 -19.82 -19.02 -35.51
C LYS C 356 -20.84 -17.91 -35.26
N ARG C 357 -21.25 -17.75 -34.01
CA ARG C 357 -22.21 -16.70 -33.66
C ARG C 357 -21.62 -15.34 -33.99
N GLU C 358 -20.32 -15.20 -33.73
CA GLU C 358 -19.64 -13.95 -34.02
C GLU C 358 -19.72 -13.69 -35.51
N LYS C 359 -19.33 -14.69 -36.30
CA LYS C 359 -19.35 -14.57 -37.75
C LYS C 359 -20.72 -14.10 -38.20
N VAL C 360 -21.78 -14.69 -37.63
CA VAL C 360 -23.13 -14.31 -37.98
C VAL C 360 -23.38 -12.82 -37.65
N LEU C 361 -22.96 -12.39 -36.46
CA LEU C 361 -23.16 -11.00 -36.07
C LEU C 361 -22.32 -10.05 -36.92
N VAL C 362 -21.13 -10.49 -37.31
CA VAL C 362 -20.27 -9.65 -38.14
C VAL C 362 -20.88 -9.57 -39.55
N ASP C 363 -21.29 -10.72 -40.07
CA ASP C 363 -21.89 -10.79 -41.39
C ASP C 363 -23.16 -9.97 -41.48
N ALA C 364 -23.93 -9.95 -40.40
CA ALA C 364 -25.18 -9.20 -40.35
C ALA C 364 -25.00 -7.73 -39.99
N GLY C 365 -23.75 -7.31 -39.81
CA GLY C 365 -23.49 -5.92 -39.47
C GLY C 365 -23.80 -5.56 -38.03
N TYR C 366 -23.65 -6.53 -37.12
CA TYR C 366 -23.90 -6.28 -35.71
C TYR C 366 -22.62 -6.11 -34.92
N MET C 367 -21.50 -6.55 -35.48
CA MET C 367 -20.20 -6.42 -34.82
C MET C 367 -19.20 -5.85 -35.82
N ARG D 28 36.15 4.23 -6.42
CA ARG D 28 35.63 3.92 -5.05
C ARG D 28 34.27 3.22 -5.10
N LYS D 29 34.22 1.99 -4.61
CA LYS D 29 32.99 1.21 -4.61
C LYS D 29 31.91 1.84 -3.73
N ILE D 30 30.69 1.86 -4.24
CA ILE D 30 29.58 2.44 -3.52
C ILE D 30 28.59 1.37 -3.06
N ALA D 31 28.26 1.41 -1.77
CA ALA D 31 27.33 0.45 -1.20
C ALA D 31 26.11 1.15 -0.63
N LEU D 32 24.94 0.55 -0.82
CA LEU D 32 23.68 1.08 -0.32
C LEU D 32 23.13 0.05 0.66
N ILE D 33 22.86 0.49 1.87
CA ILE D 33 22.37 -0.40 2.91
C ILE D 33 21.00 -0.01 3.43
N THR D 34 20.02 -0.92 3.33
CA THR D 34 18.71 -0.64 3.90
C THR D 34 18.82 -1.24 5.30
N GLY D 35 18.15 -0.60 6.27
CA GLY D 35 18.20 -1.08 7.64
C GLY D 35 19.57 -0.84 8.25
N ILE D 36 20.19 0.27 7.86
CA ILE D 36 21.52 0.61 8.36
C ILE D 36 21.55 0.97 9.84
N THR D 37 20.41 1.40 10.39
CA THR D 37 20.36 1.77 11.80
C THR D 37 20.24 0.58 12.74
N GLY D 38 20.05 -0.60 12.16
CA GLY D 38 19.91 -1.81 12.97
C GLY D 38 21.26 -2.40 13.36
N GLN D 39 21.23 -3.53 14.05
CA GLN D 39 22.45 -4.20 14.48
C GLN D 39 23.41 -4.51 13.33
N ASP D 40 22.96 -5.30 12.37
CA ASP D 40 23.80 -5.66 11.23
C ASP D 40 24.24 -4.46 10.43
N GLY D 41 23.31 -3.54 10.18
CA GLY D 41 23.62 -2.35 9.42
C GLY D 41 24.78 -1.58 10.04
N SER D 42 24.77 -1.43 11.36
CA SER D 42 25.83 -0.70 12.06
C SER D 42 27.20 -1.34 11.84
N TYR D 43 27.28 -2.66 11.95
CA TYR D 43 28.56 -3.36 11.75
C TYR D 43 28.97 -3.41 10.28
N LEU D 44 28.02 -3.68 9.39
CA LEU D 44 28.33 -3.75 7.96
C LEU D 44 28.86 -2.41 7.48
N THR D 45 28.35 -1.34 8.06
CA THR D 45 28.77 0.01 7.71
C THR D 45 30.25 0.17 8.04
N GLU D 46 30.62 -0.17 9.28
CA GLU D 46 32.01 -0.06 9.70
C GLU D 46 32.89 -0.96 8.83
N PHE D 47 32.44 -2.18 8.59
CA PHE D 47 33.21 -3.12 7.79
C PHE D 47 33.53 -2.56 6.39
N LEU D 48 32.48 -2.13 5.68
CA LEU D 48 32.65 -1.59 4.34
C LEU D 48 33.53 -0.34 4.31
N LEU D 49 33.41 0.51 5.33
CA LEU D 49 34.23 1.72 5.41
C LEU D 49 35.70 1.31 5.48
N GLY D 50 35.99 0.34 6.34
CA GLY D 50 37.37 -0.13 6.48
C GLY D 50 37.88 -0.68 5.16
N LYS D 51 36.94 -1.02 4.27
CA LYS D 51 37.27 -1.56 2.96
C LYS D 51 37.38 -0.45 1.92
N GLY D 52 37.28 0.80 2.37
CA GLY D 52 37.39 1.93 1.47
C GLY D 52 36.11 2.26 0.72
N TYR D 53 35.03 1.56 1.06
CA TYR D 53 33.74 1.77 0.41
C TYR D 53 33.11 3.11 0.74
N GLU D 54 32.22 3.54 -0.15
CA GLU D 54 31.46 4.77 0.06
C GLU D 54 30.12 4.16 0.49
N VAL D 55 29.68 4.48 1.69
CA VAL D 55 28.45 3.89 2.20
C VAL D 55 27.24 4.81 2.33
N HIS D 56 26.14 4.37 1.71
CA HIS D 56 24.89 5.10 1.76
C HIS D 56 23.87 4.21 2.44
N GLY D 57 23.16 4.75 3.42
CA GLY D 57 22.15 3.98 4.12
C GLY D 57 20.78 4.64 4.10
N LEU D 58 19.74 3.82 4.02
CA LEU D 58 18.38 4.36 4.03
C LEU D 58 17.85 4.28 5.44
N ILE D 59 17.26 5.37 5.92
CA ILE D 59 16.72 5.40 7.28
C ILE D 59 15.28 5.86 7.32
N ARG D 60 14.56 5.41 8.34
CA ARG D 60 13.17 5.80 8.52
C ARG D 60 13.10 7.05 9.37
N ARG D 61 12.16 7.94 9.06
CA ARG D 61 12.00 9.12 9.87
C ARG D 61 11.29 8.65 11.15
N SER D 62 11.62 9.24 12.29
CA SER D 62 10.97 8.86 13.54
C SER D 62 10.91 10.08 14.45
N SER D 63 9.98 10.08 15.40
CA SER D 63 9.83 11.23 16.28
C SER D 63 10.98 11.37 17.28
N ASN D 64 11.76 10.30 17.44
CA ASN D 64 12.91 10.31 18.35
C ASN D 64 14.21 9.95 17.64
N PHE D 65 15.31 10.18 18.34
CA PHE D 65 16.63 9.86 17.84
C PHE D 65 16.54 8.39 17.45
N ASN D 66 17.14 8.00 16.33
CA ASN D 66 17.06 6.60 15.91
C ASN D 66 18.35 6.09 15.27
N THR D 67 19.40 6.90 15.37
CA THR D 67 20.70 6.53 14.80
C THR D 67 21.71 6.22 15.90
N GLN D 68 21.22 5.67 17.01
CA GLN D 68 22.07 5.33 18.14
C GLN D 68 23.24 4.39 17.83
N ARG D 69 23.05 3.45 16.92
CA ARG D 69 24.12 2.50 16.59
C ARG D 69 25.20 3.01 15.64
N ILE D 70 24.91 4.10 14.92
CA ILE D 70 25.86 4.64 13.96
C ILE D 70 26.21 6.11 14.19
N ASN D 71 25.75 6.66 15.31
CA ASN D 71 26.04 8.05 15.65
C ASN D 71 27.54 8.30 15.64
N HIS D 72 28.28 7.43 16.33
CA HIS D 72 29.74 7.55 16.42
C HIS D 72 30.44 7.52 15.07
N ILE D 73 29.76 6.99 14.06
CA ILE D 73 30.33 6.90 12.72
C ILE D 73 30.05 8.19 11.95
N TYR D 74 28.81 8.67 12.04
CA TYR D 74 28.39 9.89 11.35
C TYR D 74 29.27 11.07 11.73
N ILE D 75 29.75 11.06 12.96
CA ILE D 75 30.60 12.12 13.46
C ILE D 75 32.07 11.68 13.48
N LEU D 84 32.14 9.77 4.41
CA LEU D 84 31.99 8.59 3.55
C LEU D 84 30.72 7.79 3.87
N MET D 85 29.91 8.31 4.77
CA MET D 85 28.66 7.66 5.14
C MET D 85 27.53 8.67 5.01
N LYS D 86 26.64 8.45 4.05
CA LYS D 86 25.51 9.35 3.83
C LYS D 86 24.22 8.66 4.23
N LEU D 87 23.33 9.40 4.89
CA LEU D 87 22.05 8.87 5.32
C LEU D 87 20.93 9.53 4.53
N HIS D 88 19.97 8.73 4.06
CA HIS D 88 18.85 9.24 3.27
C HIS D 88 17.52 8.67 3.75
N TYR D 89 16.49 9.52 3.80
CA TYR D 89 15.16 9.08 4.24
C TYR D 89 14.49 8.21 3.18
N ALA D 90 13.96 7.08 3.62
CA ALA D 90 13.28 6.16 2.72
C ALA D 90 12.50 5.14 3.53
N ASP D 91 11.72 4.32 2.85
CA ASP D 91 10.93 3.30 3.52
C ASP D 91 10.67 2.14 2.56
N LEU D 92 10.78 0.92 3.07
CA LEU D 92 10.57 -0.25 2.22
C LEU D 92 9.14 -0.40 1.74
N THR D 93 8.23 0.39 2.29
CA THR D 93 6.84 0.32 1.85
C THR D 93 6.58 1.39 0.80
N ASP D 94 7.63 2.15 0.48
CA ASP D 94 7.54 3.24 -0.48
C ASP D 94 8.52 2.95 -1.64
N ALA D 95 7.99 2.33 -2.69
CA ALA D 95 8.80 1.97 -3.85
C ALA D 95 9.50 3.18 -4.47
N SER D 96 8.80 4.30 -4.54
CA SER D 96 9.38 5.51 -5.11
C SER D 96 10.65 5.92 -4.36
N SER D 97 10.57 5.94 -3.03
CA SER D 97 11.71 6.32 -2.21
C SER D 97 12.92 5.43 -2.49
N LEU D 98 12.66 4.15 -2.77
CA LEU D 98 13.74 3.22 -3.03
C LEU D 98 14.44 3.48 -4.37
N ARG D 99 13.66 3.67 -5.42
CA ARG D 99 14.23 3.92 -6.75
C ARG D 99 14.93 5.28 -6.80
N ARG D 100 14.36 6.26 -6.10
CA ARG D 100 14.92 7.60 -6.06
C ARG D 100 16.38 7.59 -5.62
N TRP D 101 16.64 7.00 -4.46
CA TRP D 101 17.98 6.95 -3.93
C TRP D 101 18.95 6.06 -4.71
N ILE D 102 18.43 4.98 -5.30
CA ILE D 102 19.28 4.12 -6.09
C ILE D 102 19.75 4.88 -7.33
N ASP D 103 18.88 5.73 -7.87
CA ASP D 103 19.22 6.53 -9.06
C ASP D 103 20.29 7.58 -8.75
N VAL D 104 20.13 8.27 -7.63
CA VAL D 104 21.06 9.32 -7.23
C VAL D 104 22.39 8.74 -6.73
N ILE D 105 22.33 7.63 -6.02
CA ILE D 105 23.52 7.00 -5.47
C ILE D 105 24.28 6.14 -6.48
N LYS D 106 23.55 5.46 -7.35
CA LYS D 106 24.18 4.58 -8.34
C LYS D 106 25.14 3.64 -7.62
N PRO D 107 24.59 2.81 -6.72
CA PRO D 107 25.37 1.84 -5.93
C PRO D 107 25.92 0.67 -6.73
N ASP D 108 27.00 0.09 -6.23
CA ASP D 108 27.63 -1.07 -6.86
C ASP D 108 27.10 -2.30 -6.14
N GLU D 109 26.87 -2.16 -4.84
CA GLU D 109 26.34 -3.24 -4.02
C GLU D 109 25.17 -2.76 -3.16
N VAL D 110 24.10 -3.55 -3.15
CA VAL D 110 22.91 -3.23 -2.36
C VAL D 110 22.67 -4.33 -1.33
N TYR D 111 22.62 -3.95 -0.06
CA TYR D 111 22.39 -4.88 1.05
C TYR D 111 21.02 -4.59 1.66
N ASN D 112 20.07 -5.49 1.46
CA ASN D 112 18.71 -5.31 2.00
C ASN D 112 18.64 -5.94 3.39
N LEU D 113 18.94 -5.17 4.41
CA LEU D 113 18.91 -5.67 5.79
C LEU D 113 17.67 -5.18 6.52
N ALA D 114 16.92 -4.27 5.89
CA ALA D 114 15.73 -3.70 6.50
C ALA D 114 14.61 -4.69 6.69
N ALA D 115 13.96 -4.62 7.85
CA ALA D 115 12.85 -5.49 8.15
C ALA D 115 12.28 -5.25 9.54
N GLN D 116 11.07 -5.74 9.73
CA GLN D 116 10.40 -5.69 11.01
C GLN D 116 10.90 -7.06 11.45
N SER D 117 12.00 -7.07 12.20
CA SER D 117 12.64 -8.32 12.59
C SER D 117 12.20 -9.06 13.84
N HIS D 118 11.14 -8.61 14.50
CA HIS D 118 10.72 -9.33 15.70
C HIS D 118 9.62 -10.33 15.41
N VAL D 119 9.95 -11.61 15.60
CA VAL D 119 9.03 -12.71 15.38
C VAL D 119 7.72 -12.56 16.16
N ALA D 120 7.81 -12.33 17.46
CA ALA D 120 6.63 -12.17 18.31
C ALA D 120 5.76 -11.04 17.81
N VAL D 121 6.38 -9.93 17.48
CA VAL D 121 5.65 -8.77 17.00
C VAL D 121 4.96 -9.05 15.66
N SER D 122 5.53 -9.93 14.85
CA SER D 122 4.95 -10.23 13.54
C SER D 122 3.54 -10.80 13.64
N PHE D 123 3.23 -11.47 14.75
CA PHE D 123 1.88 -12.01 14.95
C PHE D 123 0.92 -10.86 15.23
N GLU D 124 1.46 -9.78 15.80
CA GLU D 124 0.68 -8.59 16.15
C GLU D 124 0.39 -7.70 14.93
N ILE D 125 1.38 -7.52 14.07
CA ILE D 125 1.23 -6.72 12.86
C ILE D 125 1.68 -7.52 11.65
N PRO D 126 0.92 -8.57 11.31
CA PRO D 126 1.23 -9.45 10.18
C PRO D 126 1.26 -8.73 8.83
N ASP D 127 0.22 -7.95 8.54
CA ASP D 127 0.15 -7.24 7.28
C ASP D 127 1.36 -6.33 7.07
N TYR D 128 1.61 -5.45 8.05
CA TYR D 128 2.75 -4.54 7.96
C TYR D 128 4.06 -5.29 7.75
N THR D 129 4.26 -6.36 8.52
CA THR D 129 5.48 -7.14 8.44
C THR D 129 5.67 -7.77 7.07
N ALA D 130 4.59 -8.31 6.50
CA ALA D 130 4.66 -8.92 5.18
C ALA D 130 5.01 -7.86 4.15
N ASP D 131 4.37 -6.70 4.27
CA ASP D 131 4.60 -5.61 3.34
C ASP D 131 6.05 -5.14 3.35
N VAL D 132 6.68 -5.19 4.51
CA VAL D 132 8.07 -4.78 4.67
C VAL D 132 9.07 -5.87 4.32
N VAL D 133 8.90 -7.03 4.96
CA VAL D 133 9.80 -8.16 4.78
C VAL D 133 9.66 -8.91 3.45
N ALA D 134 8.43 -9.13 3.00
CA ALA D 134 8.21 -9.83 1.75
C ALA D 134 8.16 -8.88 0.55
N THR D 135 7.07 -8.13 0.45
CA THR D 135 6.90 -7.22 -0.66
C THR D 135 7.97 -6.13 -0.70
N GLY D 136 8.43 -5.70 0.46
CA GLY D 136 9.45 -4.68 0.52
C GLY D 136 10.68 -5.15 -0.21
N ALA D 137 11.07 -6.40 0.03
CA ALA D 137 12.25 -6.98 -0.61
C ALA D 137 12.06 -6.97 -2.13
N LEU D 138 10.86 -7.36 -2.57
CA LEU D 138 10.56 -7.39 -4.00
C LEU D 138 10.65 -5.97 -4.59
N ARG D 139 10.21 -4.96 -3.83
CA ARG D 139 10.27 -3.58 -4.31
C ARG D 139 11.72 -3.17 -4.56
N LEU D 140 12.60 -3.51 -3.63
CA LEU D 140 14.00 -3.17 -3.77
C LEU D 140 14.59 -3.90 -4.97
N LEU D 141 14.29 -5.19 -5.10
CA LEU D 141 14.77 -5.98 -6.23
C LEU D 141 14.31 -5.39 -7.55
N GLU D 142 13.04 -5.04 -7.63
CA GLU D 142 12.48 -4.48 -8.84
C GLU D 142 13.04 -3.09 -9.12
N ALA D 143 13.32 -2.34 -8.06
CA ALA D 143 13.87 -1.00 -8.20
C ALA D 143 15.29 -1.12 -8.77
N VAL D 144 16.04 -2.11 -8.30
CA VAL D 144 17.41 -2.35 -8.76
C VAL D 144 17.42 -2.85 -10.21
N ARG D 145 16.58 -3.84 -10.52
CA ARG D 145 16.53 -4.37 -11.88
C ARG D 145 16.13 -3.27 -12.85
N SER D 146 15.11 -2.48 -12.50
CA SER D 146 14.68 -1.38 -13.35
C SER D 146 15.82 -0.41 -13.59
N HIS D 147 16.55 -0.10 -12.53
CA HIS D 147 17.68 0.83 -12.59
C HIS D 147 18.77 0.37 -13.54
N THR D 148 19.20 -0.88 -13.40
CA THR D 148 20.26 -1.42 -14.23
C THR D 148 19.87 -1.49 -15.71
N ILE D 149 18.59 -1.62 -15.98
CA ILE D 149 18.13 -1.70 -17.36
C ILE D 149 18.02 -0.30 -17.96
N ASP D 150 17.70 0.68 -17.13
CA ASP D 150 17.54 2.06 -17.59
C ASP D 150 18.89 2.77 -17.71
N SER D 151 19.84 2.41 -16.87
CA SER D 151 21.15 3.04 -16.88
C SER D 151 22.25 2.15 -17.44
N GLY D 152 21.89 0.91 -17.76
CA GLY D 152 22.88 -0.02 -18.30
C GLY D 152 23.93 -0.42 -17.30
N ARG D 153 23.72 -0.08 -16.02
CA ARG D 153 24.67 -0.40 -14.96
C ARG D 153 24.53 -1.82 -14.40
N THR D 154 25.48 -2.19 -13.55
CA THR D 154 25.51 -3.50 -12.90
C THR D 154 25.45 -3.32 -11.38
N VAL D 155 24.69 -4.19 -10.72
CA VAL D 155 24.54 -4.11 -9.26
C VAL D 155 24.52 -5.48 -8.59
N LYS D 156 25.28 -5.63 -7.53
CA LYS D 156 25.30 -6.87 -6.77
C LYS D 156 24.31 -6.69 -5.63
N TYR D 157 23.50 -7.71 -5.40
CA TYR D 157 22.44 -7.63 -4.40
C TYR D 157 22.52 -8.69 -3.30
N TYR D 158 22.21 -8.26 -2.08
CA TYR D 158 22.21 -9.15 -0.93
C TYR D 158 20.86 -9.12 -0.19
N GLN D 159 20.31 -10.29 0.08
CA GLN D 159 19.05 -10.38 0.81
C GLN D 159 19.31 -11.04 2.16
N ALA D 160 18.89 -10.37 3.22
CA ALA D 160 19.09 -10.89 4.56
C ALA D 160 18.09 -11.99 4.89
N GLY D 161 18.49 -13.23 4.64
CA GLY D 161 17.64 -14.37 4.94
C GLY D 161 17.78 -14.75 6.40
N SER D 162 16.88 -15.59 6.89
CA SER D 162 16.90 -16.00 8.29
C SER D 162 16.63 -17.48 8.49
N SER D 163 17.32 -18.06 9.47
CA SER D 163 17.13 -19.48 9.78
C SER D 163 15.68 -19.74 10.18
N GLU D 164 14.95 -18.67 10.47
CA GLU D 164 13.56 -18.78 10.86
C GLU D 164 12.73 -19.37 9.72
N MET D 165 13.29 -19.24 8.48
CA MET D 165 12.56 -19.76 7.33
C MET D 165 12.41 -21.28 7.39
N PHE D 166 13.39 -21.96 8.00
CA PHE D 166 13.32 -23.41 8.10
C PHE D 166 12.19 -23.85 9.01
N GLY D 167 11.90 -23.04 10.03
CA GLY D 167 10.84 -23.39 10.94
C GLY D 167 11.02 -24.72 11.64
N SER D 168 10.01 -25.58 11.51
CA SER D 168 10.03 -26.89 12.15
C SER D 168 10.70 -28.02 11.35
N THR D 169 11.28 -27.70 10.20
CA THR D 169 11.94 -28.74 9.41
C THR D 169 13.07 -29.29 10.26
N PRO D 170 13.20 -30.63 10.31
CA PRO D 170 14.26 -31.27 11.10
C PRO D 170 15.66 -31.12 10.52
N PRO D 171 16.67 -30.99 11.40
CA PRO D 171 18.08 -30.82 11.01
C PRO D 171 18.65 -31.99 10.19
N PRO D 172 19.80 -31.76 9.55
CA PRO D 172 20.52 -30.48 9.58
C PRO D 172 19.98 -29.56 8.49
N GLN D 173 19.86 -28.27 8.79
CA GLN D 173 19.35 -27.33 7.79
C GLN D 173 20.47 -26.69 6.98
N SER D 174 20.44 -26.93 5.67
CA SER D 174 21.44 -26.37 4.76
C SER D 174 20.73 -25.44 3.77
N GLU D 175 21.45 -24.99 2.75
CA GLU D 175 20.88 -24.09 1.76
C GLU D 175 19.64 -24.67 1.07
N THR D 176 19.63 -25.97 0.83
CA THR D 176 18.52 -26.62 0.13
C THR D 176 17.39 -27.15 1.00
N THR D 177 17.54 -27.12 2.32
CA THR D 177 16.50 -27.62 3.20
C THR D 177 15.17 -26.90 2.97
N PRO D 178 14.06 -27.65 2.89
CA PRO D 178 12.75 -27.03 2.67
C PRO D 178 12.28 -26.19 3.85
N PHE D 179 11.54 -25.13 3.55
CA PHE D 179 11.04 -24.23 4.59
C PHE D 179 9.68 -24.67 5.14
N HIS D 180 9.47 -24.40 6.41
CA HIS D 180 8.20 -24.67 7.07
C HIS D 180 8.09 -23.57 8.12
N PRO D 181 7.99 -22.31 7.67
CA PRO D 181 7.90 -21.14 8.54
C PRO D 181 6.82 -21.30 9.61
N ARG D 182 7.09 -20.77 10.80
CA ARG D 182 6.17 -20.87 11.92
C ARG D 182 5.58 -19.53 12.35
N SER D 183 5.89 -18.47 11.62
CA SER D 183 5.36 -17.15 11.94
C SER D 183 5.19 -16.32 10.68
N PRO D 184 4.45 -15.21 10.77
CA PRO D 184 4.26 -14.35 9.60
C PRO D 184 5.61 -13.82 9.14
N TYR D 185 6.46 -13.46 10.11
CA TYR D 185 7.79 -12.96 9.81
C TYR D 185 8.59 -13.98 9.00
N ALA D 186 8.60 -15.22 9.46
CA ALA D 186 9.34 -16.29 8.79
C ALA D 186 8.79 -16.56 7.39
N ALA D 187 7.47 -16.60 7.27
CA ALA D 187 6.83 -16.85 5.99
C ALA D 187 7.19 -15.73 5.02
N SER D 188 7.22 -14.50 5.54
CA SER D 188 7.56 -13.35 4.73
C SER D 188 9.02 -13.42 4.26
N LYS D 189 9.91 -13.91 5.12
CA LYS D 189 11.31 -14.03 4.73
C LYS D 189 11.43 -15.09 3.64
N CYS D 190 10.62 -16.14 3.73
CA CYS D 190 10.62 -17.21 2.74
C CYS D 190 10.25 -16.63 1.38
N ALA D 191 9.25 -15.75 1.38
CA ALA D 191 8.79 -15.11 0.16
C ALA D 191 9.92 -14.25 -0.42
N ALA D 192 10.54 -13.44 0.44
CA ALA D 192 11.64 -12.58 0.02
C ALA D 192 12.78 -13.41 -0.54
N HIS D 193 13.04 -14.54 0.10
CA HIS D 193 14.09 -15.45 -0.35
C HIS D 193 13.79 -15.90 -1.78
N TRP D 194 12.55 -16.31 -2.01
CA TRP D 194 12.16 -16.76 -3.34
C TRP D 194 12.08 -15.68 -4.39
N TYR D 195 11.68 -14.47 -4.02
CA TYR D 195 11.63 -13.37 -4.99
C TYR D 195 13.06 -13.13 -5.47
N THR D 196 14.00 -13.17 -4.53
CA THR D 196 15.41 -12.94 -4.80
C THR D 196 15.96 -14.03 -5.73
N VAL D 197 15.70 -15.29 -5.39
CA VAL D 197 16.16 -16.39 -6.21
C VAL D 197 15.58 -16.23 -7.61
N ASN D 198 14.30 -15.89 -7.67
CA ASN D 198 13.63 -15.71 -8.95
C ASN D 198 14.28 -14.65 -9.83
N TYR D 199 14.65 -13.52 -9.24
CA TYR D 199 15.28 -12.45 -10.00
C TYR D 199 16.65 -12.89 -10.50
N ARG D 200 17.27 -13.81 -9.79
CA ARG D 200 18.58 -14.31 -10.17
C ARG D 200 18.41 -15.22 -11.39
N GLU D 201 17.52 -16.19 -11.28
CA GLU D 201 17.28 -17.15 -12.35
C GLU D 201 16.56 -16.57 -13.58
N ALA D 202 15.73 -15.56 -13.35
CA ALA D 202 14.98 -14.95 -14.45
C ALA D 202 15.73 -13.86 -15.19
N TYR D 203 16.43 -13.00 -14.47
CA TYR D 203 17.13 -11.90 -15.11
C TYR D 203 18.64 -11.98 -14.99
N GLY D 204 19.13 -12.98 -14.27
CA GLY D 204 20.57 -13.11 -14.11
C GLY D 204 21.12 -12.02 -13.21
N LEU D 205 20.28 -11.48 -12.34
CA LEU D 205 20.73 -10.45 -11.41
C LEU D 205 21.67 -11.12 -10.42
N PHE D 206 22.73 -10.41 -10.02
CA PHE D 206 23.66 -10.98 -9.07
C PHE D 206 23.04 -10.83 -7.67
N ALA D 207 22.08 -11.70 -7.36
CA ALA D 207 21.39 -11.65 -6.07
C ALA D 207 21.71 -12.86 -5.18
N CYS D 208 22.25 -12.58 -3.99
CA CYS D 208 22.60 -13.64 -3.06
C CYS D 208 21.70 -13.63 -1.84
N ASN D 209 21.33 -14.82 -1.37
CA ASN D 209 20.51 -14.95 -0.17
C ASN D 209 21.38 -15.45 0.97
N GLY D 210 21.58 -14.60 1.97
CA GLY D 210 22.36 -15.02 3.12
C GLY D 210 21.38 -15.62 4.12
N ILE D 211 21.45 -16.92 4.33
CA ILE D 211 20.56 -17.58 5.28
C ILE D 211 21.28 -17.59 6.62
N LEU D 212 21.15 -16.48 7.35
CA LEU D 212 21.84 -16.34 8.62
C LEU D 212 21.07 -16.79 9.86
N PHE D 213 21.79 -17.48 10.74
CA PHE D 213 21.22 -17.94 11.98
C PHE D 213 21.40 -16.80 12.97
N ASN D 214 20.85 -16.94 14.16
CA ASN D 214 20.93 -15.89 15.17
C ASN D 214 22.33 -15.33 15.42
N HIS D 215 22.46 -14.02 15.36
CA HIS D 215 23.73 -13.37 15.65
C HIS D 215 23.46 -12.21 16.61
N GLU D 216 24.30 -12.09 17.61
CA GLU D 216 24.16 -11.08 18.65
C GLU D 216 25.36 -10.17 18.73
N SER D 217 25.28 -9.18 19.59
CA SER D 217 26.34 -8.21 19.77
C SER D 217 25.92 -7.22 20.84
N PRO D 218 26.82 -6.30 21.22
CA PRO D 218 26.51 -5.31 22.23
C PRO D 218 25.44 -4.34 21.71
N ARG D 219 25.17 -4.39 20.40
CA ARG D 219 24.18 -3.51 19.78
C ARG D 219 22.87 -4.23 19.46
N ARG D 220 22.77 -5.48 19.88
CA ARG D 220 21.57 -6.27 19.67
C ARG D 220 20.39 -5.58 20.36
N GLY D 221 19.22 -5.59 19.71
CA GLY D 221 18.04 -4.98 20.32
C GLY D 221 17.80 -5.55 21.71
N GLU D 222 17.42 -4.69 22.65
CA GLU D 222 17.18 -5.13 24.01
C GLU D 222 15.98 -6.07 24.14
N ASN D 223 15.19 -6.18 23.07
CA ASN D 223 14.03 -7.06 23.07
C ASN D 223 14.40 -8.49 22.72
N PHE D 224 15.70 -8.77 22.67
CA PHE D 224 16.17 -10.13 22.37
C PHE D 224 16.81 -10.72 23.62
N VAL D 225 16.59 -12.01 23.82
CA VAL D 225 17.11 -12.71 25.00
C VAL D 225 18.54 -12.40 25.40
N THR D 226 19.48 -12.55 24.47
CA THR D 226 20.89 -12.31 24.78
C THR D 226 21.15 -10.91 25.30
N ARG D 227 20.61 -9.90 24.64
CA ARG D 227 20.83 -8.52 25.07
C ARG D 227 20.04 -8.20 26.34
N LYS D 228 18.88 -8.84 26.49
CA LYS D 228 18.03 -8.63 27.65
C LYS D 228 18.81 -9.02 28.92
N ILE D 229 19.52 -10.14 28.84
CA ILE D 229 20.31 -10.64 29.95
C ILE D 229 21.50 -9.74 30.30
N THR D 230 22.36 -9.47 29.32
CA THR D 230 23.53 -8.65 29.56
C THR D 230 23.18 -7.24 30.01
N ARG D 231 22.04 -6.72 29.56
CA ARG D 231 21.63 -5.37 29.94
C ARG D 231 21.34 -5.36 31.45
N ALA D 232 20.62 -6.38 31.91
CA ALA D 232 20.29 -6.50 33.34
C ALA D 232 21.55 -6.63 34.19
N LEU D 233 22.38 -7.62 33.87
CA LEU D 233 23.63 -7.85 34.59
C LEU D 233 24.37 -6.55 34.86
N GLY D 234 24.59 -5.77 33.81
CA GLY D 234 25.28 -4.51 33.96
C GLY D 234 24.58 -3.62 34.97
N ARG D 235 23.25 -3.61 34.89
CA ARG D 235 22.44 -2.81 35.79
C ARG D 235 22.56 -3.34 37.22
N ILE D 236 22.48 -4.67 37.37
CA ILE D 236 22.60 -5.29 38.69
C ILE D 236 23.94 -4.97 39.32
N LYS D 237 25.02 -5.22 38.58
CA LYS D 237 26.37 -4.95 39.08
C LYS D 237 26.46 -3.50 39.58
N VAL D 238 25.97 -2.56 38.78
CA VAL D 238 26.02 -1.15 39.15
C VAL D 238 25.12 -0.89 40.35
N GLY D 239 24.22 -1.84 40.63
CA GLY D 239 23.30 -1.69 41.75
C GLY D 239 22.06 -0.88 41.40
N LEU D 240 21.86 -0.67 40.10
CA LEU D 240 20.70 0.10 39.62
C LEU D 240 19.48 -0.78 39.40
N GLN D 241 19.70 -2.10 39.34
CA GLN D 241 18.58 -3.03 39.14
C GLN D 241 18.60 -4.15 40.17
N THR D 242 17.42 -4.66 40.49
CA THR D 242 17.28 -5.71 41.47
C THR D 242 17.13 -7.11 40.88
N LYS D 243 16.06 -7.32 40.11
CA LYS D 243 15.82 -8.63 39.52
C LYS D 243 15.87 -8.65 37.99
N LEU D 244 16.06 -9.86 37.45
CA LEU D 244 16.12 -10.06 36.01
C LEU D 244 15.07 -11.11 35.61
N PHE D 245 14.12 -10.69 34.77
CA PHE D 245 13.07 -11.61 34.33
C PHE D 245 13.68 -12.74 33.51
N ALA D 251 13.86 -24.29 23.88
CA ALA D 251 14.53 -24.00 22.62
C ALA D 251 15.95 -23.48 22.86
N SER D 252 16.92 -24.02 22.12
CA SER D 252 18.31 -23.59 22.24
C SER D 252 18.67 -22.93 20.93
N ARG D 253 19.79 -22.22 20.89
CA ARG D 253 20.16 -21.55 19.66
C ARG D 253 21.63 -21.49 19.28
N ASP D 254 21.85 -21.23 18.00
CA ASP D 254 23.18 -21.10 17.41
C ASP D 254 23.43 -19.59 17.38
N TRP D 255 24.17 -19.08 18.35
CA TRP D 255 24.47 -17.65 18.42
C TRP D 255 25.86 -17.30 17.91
N GLY D 256 25.93 -16.38 16.97
CA GLY D 256 27.19 -15.95 16.41
C GLY D 256 27.33 -14.46 16.65
N PHE D 257 28.49 -13.89 16.31
CA PHE D 257 28.73 -12.47 16.48
C PHE D 257 28.37 -11.72 15.21
N ALA D 258 27.53 -10.70 15.35
CA ALA D 258 27.10 -9.89 14.20
C ALA D 258 28.28 -9.38 13.38
N GLY D 259 29.39 -9.08 14.05
CA GLY D 259 30.56 -8.58 13.35
C GLY D 259 31.11 -9.56 12.33
N ASP D 260 31.11 -10.84 12.71
CA ASP D 260 31.59 -11.92 11.85
C ASP D 260 30.66 -12.15 10.67
N TYR D 261 29.36 -12.16 10.95
CA TYR D 261 28.36 -12.42 9.91
C TYR D 261 28.26 -11.40 8.79
N VAL D 262 28.46 -10.12 9.07
CA VAL D 262 28.35 -9.12 8.02
C VAL D 262 29.51 -9.27 7.03
N GLU D 263 30.60 -9.86 7.50
CA GLU D 263 31.77 -10.08 6.66
C GLU D 263 31.43 -11.16 5.63
N ALA D 264 30.62 -12.13 6.05
CA ALA D 264 30.18 -13.21 5.18
C ALA D 264 29.23 -12.66 4.12
N MET D 265 28.47 -11.63 4.50
CA MET D 265 27.54 -10.98 3.58
C MET D 265 28.35 -10.39 2.44
N TRP D 266 29.39 -9.68 2.80
CA TRP D 266 30.29 -9.04 1.84
C TRP D 266 31.01 -10.08 0.98
N LEU D 267 31.46 -11.16 1.60
CA LEU D 267 32.17 -12.21 0.87
C LEU D 267 31.28 -12.81 -0.22
N MET D 268 29.99 -12.95 0.10
CA MET D 268 29.04 -13.51 -0.86
C MET D 268 28.99 -12.72 -2.15
N LEU D 269 29.06 -11.40 -2.03
CA LEU D 269 29.00 -10.52 -3.18
C LEU D 269 30.33 -10.36 -3.93
N GLN D 270 31.38 -11.02 -3.44
CA GLN D 270 32.69 -10.91 -4.09
C GLN D 270 33.02 -12.13 -4.94
N GLN D 271 32.17 -13.15 -4.86
CA GLN D 271 32.38 -14.37 -5.63
C GLN D 271 32.12 -14.11 -7.12
N GLU D 272 32.46 -15.08 -7.96
CA GLU D 272 32.26 -14.96 -9.40
C GLU D 272 30.79 -15.07 -9.76
N LYS D 273 30.08 -15.98 -9.10
CA LYS D 273 28.66 -16.18 -9.37
C LYS D 273 27.81 -15.96 -8.12
N PRO D 274 26.54 -15.55 -8.31
CA PRO D 274 25.64 -15.33 -7.17
C PRO D 274 25.15 -16.66 -6.63
N ASP D 275 24.95 -16.74 -5.32
CA ASP D 275 24.48 -17.99 -4.72
C ASP D 275 23.85 -17.73 -3.34
N ASP D 276 23.30 -18.78 -2.75
CA ASP D 276 22.69 -18.70 -1.44
C ASP D 276 23.60 -19.42 -0.45
N TYR D 277 23.76 -18.87 0.74
CA TYR D 277 24.63 -19.48 1.73
C TYR D 277 24.11 -19.43 3.16
N VAL D 278 24.26 -20.55 3.87
CA VAL D 278 23.87 -20.62 5.26
C VAL D 278 25.08 -20.14 6.07
N VAL D 279 24.83 -19.24 7.01
CA VAL D 279 25.89 -18.72 7.87
C VAL D 279 25.50 -19.00 9.31
N ALA D 280 26.31 -19.80 9.99
CA ALA D 280 26.07 -20.19 11.37
C ALA D 280 27.37 -20.68 12.00
N THR D 281 27.36 -20.85 13.33
CA THR D 281 28.54 -21.33 14.03
C THR D 281 28.51 -22.86 14.09
N GLU D 282 27.31 -23.40 13.89
CA GLU D 282 27.07 -24.85 13.91
C GLU D 282 27.15 -25.43 15.32
N GLU D 283 27.22 -24.55 16.31
CA GLU D 283 27.29 -24.98 17.70
C GLU D 283 26.09 -24.46 18.47
N GLY D 284 25.77 -25.10 19.59
CA GLY D 284 24.64 -24.68 20.38
C GLY D 284 25.02 -24.32 21.81
N HIS D 285 24.16 -23.55 22.46
CA HIS D 285 24.37 -23.13 23.84
C HIS D 285 23.02 -22.76 24.42
N THR D 286 22.91 -22.81 25.75
CA THR D 286 21.65 -22.50 26.43
C THR D 286 21.68 -21.16 27.14
N VAL D 287 20.49 -20.63 27.40
CA VAL D 287 20.37 -19.35 28.09
C VAL D 287 21.09 -19.44 29.44
N GLU D 288 21.00 -20.59 30.09
CA GLU D 288 21.66 -20.78 31.37
C GLU D 288 23.17 -20.74 31.19
N GLU D 289 23.66 -21.42 30.15
CA GLU D 289 25.08 -21.44 29.88
C GLU D 289 25.52 -19.99 29.67
N PHE D 290 24.62 -19.23 29.06
CA PHE D 290 24.84 -17.81 28.79
C PHE D 290 24.87 -17.06 30.13
N LEU D 291 23.90 -17.35 30.99
CA LEU D 291 23.82 -16.72 32.31
C LEU D 291 25.08 -16.98 33.13
N ASP D 292 25.53 -18.24 33.14
CA ASP D 292 26.72 -18.64 33.89
C ASP D 292 27.95 -17.86 33.43
N VAL D 293 28.17 -17.83 32.11
CA VAL D 293 29.31 -17.14 31.52
C VAL D 293 29.22 -15.64 31.79
N SER D 294 28.07 -15.07 31.48
CA SER D 294 27.80 -13.65 31.65
C SER D 294 27.99 -13.19 33.09
N PHE D 295 27.16 -13.71 33.99
CA PHE D 295 27.25 -13.34 35.39
C PHE D 295 28.54 -13.81 36.05
N GLY D 296 29.05 -14.95 35.60
CA GLY D 296 30.28 -15.47 36.15
C GLY D 296 31.46 -14.59 35.80
N TYR D 297 31.38 -13.92 34.66
CA TYR D 297 32.43 -13.04 34.19
C TYR D 297 32.62 -11.84 35.13
N LEU D 298 31.52 -11.38 35.73
CA LEU D 298 31.57 -10.24 36.64
C LEU D 298 31.64 -10.67 38.11
N GLY D 299 31.90 -11.96 38.34
CA GLY D 299 31.99 -12.47 39.69
C GLY D 299 30.69 -12.52 40.45
N LEU D 300 29.58 -12.69 39.74
CA LEU D 300 28.27 -12.76 40.37
C LEU D 300 27.63 -14.13 40.07
N ASN D 301 26.78 -14.59 40.98
CA ASN D 301 26.09 -15.86 40.80
C ASN D 301 24.74 -15.54 40.18
N TRP D 302 24.39 -16.24 39.11
CA TRP D 302 23.12 -15.99 38.44
C TRP D 302 21.91 -16.41 39.28
N LYS D 303 22.11 -17.34 40.21
CA LYS D 303 21.03 -17.81 41.07
C LYS D 303 20.56 -16.75 42.07
N ASP D 304 21.33 -15.68 42.22
CA ASP D 304 20.97 -14.61 43.15
C ASP D 304 20.15 -13.48 42.51
N TYR D 305 19.92 -13.56 41.21
CA TYR D 305 19.15 -12.51 40.53
C TYR D 305 18.16 -13.06 39.52
N VAL D 306 18.40 -14.28 39.03
CA VAL D 306 17.52 -14.89 38.05
C VAL D 306 16.09 -14.98 38.59
N GLU D 307 15.11 -14.66 37.73
CA GLU D 307 13.71 -14.71 38.13
C GLU D 307 12.88 -15.39 37.04
N ILE D 308 12.78 -16.72 37.14
CA ILE D 308 12.03 -17.51 36.17
C ILE D 308 10.61 -16.96 35.93
N ASP D 309 10.17 -17.03 34.68
CA ASP D 309 8.83 -16.53 34.31
C ASP D 309 7.98 -17.65 33.74
N ASP D 319 13.53 -22.52 18.45
CA ASP D 319 13.04 -23.90 18.45
C ASP D 319 14.21 -24.90 18.43
N ASN D 320 14.48 -25.49 17.27
CA ASN D 320 15.56 -26.46 17.13
C ASN D 320 16.27 -26.29 15.78
N LEU D 321 17.10 -25.26 15.69
CA LEU D 321 17.84 -24.95 14.47
C LEU D 321 19.31 -25.31 14.53
N GLN D 322 19.71 -26.33 13.77
CA GLN D 322 21.10 -26.77 13.70
C GLN D 322 21.55 -26.63 12.24
N GLY D 323 22.20 -25.52 11.94
CA GLY D 323 22.64 -25.25 10.58
C GLY D 323 23.98 -25.81 10.12
N ASP D 324 24.03 -26.11 8.82
CA ASP D 324 25.23 -26.64 8.17
C ASP D 324 25.80 -25.50 7.31
N ALA D 325 26.85 -24.86 7.80
CA ALA D 325 27.48 -23.76 7.08
C ALA D 325 28.71 -24.21 6.32
N SER D 326 28.72 -25.46 5.87
CA SER D 326 29.84 -26.01 5.12
C SER D 326 30.14 -25.20 3.87
N LYS D 327 29.10 -24.96 3.07
CA LYS D 327 29.25 -24.21 1.83
C LYS D 327 29.89 -22.86 2.06
N ALA D 328 29.48 -22.19 3.13
CA ALA D 328 30.03 -20.88 3.46
C ALA D 328 31.52 -20.99 3.76
N LYS D 329 31.89 -22.03 4.51
CA LYS D 329 33.29 -22.26 4.85
C LYS D 329 34.10 -22.62 3.62
N GLU D 330 33.57 -23.49 2.78
CA GLU D 330 34.26 -23.93 1.58
C GLU D 330 34.38 -22.87 0.49
N VAL D 331 33.25 -22.37 0.02
CA VAL D 331 33.23 -21.38 -1.04
C VAL D 331 33.66 -19.97 -0.64
N LEU D 332 33.16 -19.47 0.48
CA LEU D 332 33.52 -18.13 0.92
C LEU D 332 34.76 -18.09 1.81
N GLY D 333 35.19 -19.24 2.31
CA GLY D 333 36.34 -19.27 3.18
C GLY D 333 36.02 -18.52 4.47
N TRP D 334 34.73 -18.42 4.78
CA TRP D 334 34.28 -17.71 5.98
C TRP D 334 34.36 -18.60 7.22
N LYS D 335 34.80 -18.00 8.31
CA LYS D 335 34.92 -18.70 9.58
C LYS D 335 34.72 -17.70 10.71
N PRO D 336 33.83 -18.02 11.67
CA PRO D 336 33.61 -17.08 12.77
C PRO D 336 34.91 -16.92 13.56
N GLN D 337 35.34 -15.67 13.72
CA GLN D 337 36.56 -15.36 14.45
C GLN D 337 36.26 -14.90 15.86
N VAL D 338 35.03 -15.13 16.30
CA VAL D 338 34.58 -14.76 17.64
C VAL D 338 33.70 -15.89 18.15
N GLY D 339 34.16 -16.56 19.20
CA GLY D 339 33.40 -17.65 19.76
C GLY D 339 32.33 -17.20 20.75
N PHE D 340 31.54 -18.16 21.20
CA PHE D 340 30.46 -17.89 22.13
C PHE D 340 30.92 -17.14 23.39
N GLU D 341 31.97 -17.64 24.04
CA GLU D 341 32.51 -17.04 25.24
C GLU D 341 32.92 -15.59 25.05
N LYS D 342 33.70 -15.33 24.01
CA LYS D 342 34.16 -13.98 23.74
C LYS D 342 32.98 -13.06 23.39
N LEU D 343 31.97 -13.62 22.74
CA LEU D 343 30.78 -12.86 22.36
C LEU D 343 30.04 -12.41 23.61
N VAL D 344 29.85 -13.35 24.54
CA VAL D 344 29.16 -13.05 25.78
C VAL D 344 29.88 -11.99 26.60
N LYS D 345 31.16 -12.23 26.91
CA LYS D 345 31.95 -11.28 27.69
C LYS D 345 32.00 -9.92 26.99
N MET D 346 31.92 -9.95 25.67
CA MET D 346 31.95 -8.71 24.90
C MET D 346 30.67 -7.92 25.20
N MET D 347 29.54 -8.61 25.17
CA MET D 347 28.25 -7.98 25.44
C MET D 347 28.20 -7.48 26.90
N VAL D 348 28.75 -8.28 27.81
CA VAL D 348 28.77 -7.92 29.23
C VAL D 348 29.60 -6.66 29.49
N ASP D 349 30.81 -6.62 28.94
CA ASP D 349 31.67 -5.45 29.14
C ASP D 349 31.00 -4.16 28.70
N GLU D 350 30.41 -4.17 27.50
CA GLU D 350 29.75 -2.98 26.98
C GLU D 350 28.52 -2.55 27.77
N ASP D 351 27.77 -3.53 28.27
CA ASP D 351 26.57 -3.23 29.04
C ASP D 351 26.90 -2.78 30.45
N LEU D 352 28.12 -3.08 30.89
CA LEU D 352 28.56 -2.66 32.21
C LEU D 352 28.96 -1.18 32.08
N GLU D 353 29.73 -0.90 31.03
CA GLU D 353 30.18 0.45 30.73
C GLU D 353 28.93 1.33 30.64
N LEU D 354 27.86 0.74 30.11
CA LEU D 354 26.58 1.43 29.93
C LEU D 354 25.89 1.66 31.28
N ALA D 355 25.93 0.66 32.15
CA ALA D 355 25.32 0.78 33.46
C ALA D 355 26.05 1.87 34.25
N LYS D 356 27.37 1.85 34.20
CA LYS D 356 28.19 2.83 34.90
C LYS D 356 27.85 4.24 34.44
N ARG D 357 27.64 4.42 33.14
CA ARG D 357 27.28 5.74 32.61
C ARG D 357 25.99 6.18 33.28
N GLU D 358 25.15 5.22 33.63
CA GLU D 358 23.88 5.48 34.28
C GLU D 358 24.09 5.81 35.77
N LYS D 359 24.97 5.06 36.42
CA LYS D 359 25.26 5.28 37.83
C LYS D 359 25.83 6.69 38.02
N VAL D 360 26.76 7.06 37.15
CA VAL D 360 27.38 8.36 37.21
C VAL D 360 26.34 9.47 37.14
N LEU D 361 25.40 9.33 36.21
CA LEU D 361 24.34 10.33 36.04
C LEU D 361 23.50 10.43 37.31
N VAL D 362 23.14 9.27 37.88
CA VAL D 362 22.34 9.23 39.09
C VAL D 362 23.14 9.85 40.24
#